data_2WVS
#
_entry.id   2WVS
#
_cell.length_a   54.840
_cell.length_b   185.160
_cell.length_c   97.870
_cell.angle_alpha   90.00
_cell.angle_beta   94.57
_cell.angle_gamma   90.00
#
_symmetry.space_group_name_H-M   'P 1 21 1'
#
loop_
_entity.id
_entity.type
_entity.pdbx_description
1 polymer ALPHA-L-FUCOSIDASE
2 non-polymer 2-deoxy-2-fluoro-beta-L-fucopyranose
3 non-polymer 'SULFATE ION'
4 water water
#
_entity_poly.entity_id   1
_entity_poly.type   'polypeptide(L)'
_entity_poly.pdbx_seq_one_letter_code
;EAKKEIPLKYGATNEGKRQDPAMQKFRDNRLGAFIHWGLYAIPGGEWNGKVYGGAAEWLKSWAKVPADEWLKLMDQWNPT
KFDAKKWAKMAKEMGTKYVKITTKHHEGFCLWPSKYTKYTVANTPYKRDILGELVKAYNDEGIDVHFYFSVMDWSNPDYR
YDIKSKEDSIAFSRFLEFTDNQLKELATRYPTVKDFWFDGTWDASVKKNGWWTAHAEQMLKELVPGVAINSRLRADDKGK
RHFDSNGRLMGDYESGYQRRLPDPVKDLKVTQWDWEACMTIPENQWGYHKDWSLSYVKTPIEVIDRIVHAVSMGGNMVVN
FGPQADGDFRPEEKAMATAIGKWMNRYGKAVYACDYAGFEKQDWGYYTRGKNDEVYMVVFNQPYSERLIVKTPKGITVEK
ATLLTTGEDITVVETTRNEYNVSVPKKNPGEPYVIQLKVRAAK
;
_entity_poly.pdbx_strand_id   A,B,C,D
#
# COMPACT_ATOMS: atom_id res chain seq x y z
N GLU A 5 -68.49 23.91 -14.84
CA GLU A 5 -67.29 23.48 -14.06
C GLU A 5 -67.65 22.43 -13.01
N ILE A 6 -67.31 21.18 -13.34
CA ILE A 6 -67.51 20.01 -12.47
C ILE A 6 -66.31 19.88 -11.51
N PRO A 7 -66.57 19.75 -10.19
CA PRO A 7 -65.45 19.58 -9.25
C PRO A 7 -64.82 18.17 -9.37
N LEU A 8 -63.50 18.12 -9.48
CA LEU A 8 -62.78 16.86 -9.68
C LEU A 8 -61.61 16.68 -8.71
N LYS A 9 -61.39 15.45 -8.25
CA LYS A 9 -60.21 15.18 -7.44
C LYS A 9 -58.98 14.86 -8.31
N TYR A 10 -59.21 14.30 -9.51
CA TYR A 10 -58.09 13.84 -10.35
C TYR A 10 -58.04 14.47 -11.73
N GLY A 11 -58.55 15.69 -11.81
CA GLY A 11 -58.48 16.48 -13.00
C GLY A 11 -57.15 17.20 -13.08
N ALA A 12 -57.08 18.17 -13.99
CA ALA A 12 -55.86 18.91 -14.29
C ALA A 12 -55.17 19.54 -13.09
N THR A 13 -53.86 19.72 -13.21
CA THR A 13 -53.03 20.27 -12.15
C THR A 13 -52.32 21.55 -12.62
N ASN A 14 -51.88 21.56 -13.87
CA ASN A 14 -51.34 22.76 -14.48
C ASN A 14 -52.49 23.69 -14.85
N GLU A 15 -52.42 24.93 -14.38
CA GLU A 15 -53.35 25.96 -14.87
C GLU A 15 -52.95 26.31 -16.32
N GLY A 16 -51.80 26.90 -16.54
CA GLY A 16 -51.44 27.15 -17.93
C GLY A 16 -50.34 26.24 -18.47
N LYS A 17 -49.43 26.82 -19.23
CA LYS A 17 -48.17 26.18 -19.57
C LYS A 17 -47.24 26.33 -18.37
N ARG A 18 -46.51 25.26 -18.06
CA ARG A 18 -45.47 25.34 -17.04
C ARG A 18 -44.36 26.22 -17.60
N GLN A 19 -43.71 27.00 -16.75
CA GLN A 19 -42.65 27.92 -17.23
C GLN A 19 -41.39 27.84 -16.38
N ASP A 20 -41.27 26.73 -15.67
CA ASP A 20 -40.06 26.35 -14.97
C ASP A 20 -39.00 25.90 -16.00
N PRO A 21 -37.72 26.08 -15.67
CA PRO A 21 -36.66 25.80 -16.63
C PRO A 21 -36.69 24.38 -17.21
N ALA A 22 -37.12 23.38 -16.44
CA ALA A 22 -37.14 22.02 -16.99
C ALA A 22 -38.13 21.91 -18.15
N MET A 23 -39.28 22.55 -18.01
CA MET A 23 -40.31 22.57 -19.07
C MET A 23 -39.92 23.44 -20.25
N GLN A 24 -39.27 24.58 -19.99
CA GLN A 24 -38.73 25.38 -21.06
C GLN A 24 -37.73 24.58 -21.87
N LYS A 25 -36.93 23.75 -21.22
CA LYS A 25 -35.95 22.91 -21.89
C LYS A 25 -36.66 21.81 -22.76
N PHE A 26 -37.64 21.13 -22.16
CA PHE A 26 -38.53 20.20 -22.88
C PHE A 26 -38.99 20.79 -24.19
N ARG A 27 -39.52 22.00 -24.10
CA ARG A 27 -40.12 22.73 -25.21
C ARG A 27 -39.06 23.18 -26.19
N ASP A 28 -38.01 23.86 -25.69
CA ASP A 28 -36.94 24.35 -26.58
C ASP A 28 -36.23 23.28 -27.41
N ASN A 29 -36.10 22.07 -26.85
CA ASN A 29 -35.55 20.95 -27.59
C ASN A 29 -36.23 20.81 -28.97
N ARG A 30 -37.57 20.84 -28.98
CA ARG A 30 -38.41 20.71 -30.17
C ARG A 30 -38.33 19.39 -30.96
N LEU A 31 -37.13 18.95 -31.34
CA LEU A 31 -36.95 17.75 -32.19
C LEU A 31 -36.37 16.60 -31.39
N GLY A 32 -37.11 15.49 -31.29
CA GLY A 32 -36.65 14.30 -30.55
C GLY A 32 -36.56 13.12 -31.49
N ALA A 33 -35.99 12.01 -31.03
CA ALA A 33 -36.04 10.77 -31.81
C ALA A 33 -36.77 9.80 -30.91
N PHE A 34 -37.49 8.85 -31.48
CA PHE A 34 -38.11 7.82 -30.65
C PHE A 34 -37.37 6.48 -30.97
N ILE A 35 -37.05 5.70 -29.94
CA ILE A 35 -36.51 4.35 -30.06
C ILE A 35 -37.54 3.33 -29.55
N HIS A 36 -38.02 2.49 -30.47
CA HIS A 36 -38.83 1.34 -30.11
C HIS A 36 -37.97 0.09 -30.29
N TRP A 37 -37.56 -0.52 -29.19
CA TRP A 37 -36.68 -1.68 -29.23
C TRP A 37 -37.07 -2.62 -28.10
N GLY A 38 -37.39 -3.84 -28.48
CA GLY A 38 -37.86 -4.89 -27.58
C GLY A 38 -37.81 -6.16 -28.40
N LEU A 39 -38.51 -7.19 -27.94
CA LEU A 39 -38.30 -8.54 -28.47
C LEU A 39 -38.86 -8.64 -29.87
N TYR A 40 -39.88 -7.81 -30.15
CA TYR A 40 -40.51 -7.75 -31.45
C TYR A 40 -39.54 -7.51 -32.60
N ALA A 41 -38.39 -6.90 -32.33
CA ALA A 41 -37.38 -6.70 -33.36
C ALA A 41 -36.81 -8.01 -33.96
N ILE A 42 -36.91 -9.12 -33.23
CA ILE A 42 -36.31 -10.38 -33.64
C ILE A 42 -37.09 -11.01 -34.79
N PRO A 43 -38.39 -11.27 -34.60
CA PRO A 43 -39.13 -11.80 -35.74
C PRO A 43 -39.41 -10.73 -36.79
N GLY A 44 -39.35 -9.45 -36.39
CA GLY A 44 -39.46 -8.32 -37.31
C GLY A 44 -40.73 -8.28 -38.14
N GLY A 45 -41.83 -8.73 -37.55
CA GLY A 45 -43.12 -8.74 -38.24
C GLY A 45 -43.60 -10.08 -38.81
N GLU A 46 -42.76 -11.11 -38.69
CA GLU A 46 -43.07 -12.43 -39.23
C GLU A 46 -43.18 -13.53 -38.16
N TRP A 47 -44.35 -14.16 -38.05
CA TRP A 47 -44.57 -15.27 -37.10
C TRP A 47 -44.97 -16.58 -37.76
N ASN A 48 -44.13 -17.61 -37.59
CA ASN A 48 -44.42 -18.94 -38.14
C ASN A 48 -44.67 -18.87 -39.65
N GLY A 49 -43.70 -18.28 -40.37
CA GLY A 49 -43.76 -18.17 -41.82
C GLY A 49 -44.73 -17.15 -42.40
N LYS A 50 -45.53 -16.50 -41.55
CA LYS A 50 -46.49 -15.50 -42.02
C LYS A 50 -46.02 -14.10 -41.65
N VAL A 51 -45.96 -13.22 -42.65
CA VAL A 51 -45.61 -11.82 -42.47
C VAL A 51 -46.92 -11.08 -42.22
N TYR A 52 -47.03 -10.48 -41.04
CA TYR A 52 -48.20 -9.65 -40.69
C TYR A 52 -47.93 -8.19 -41.06
N GLY A 53 -48.96 -7.54 -41.55
CA GLY A 53 -48.86 -6.19 -42.08
C GLY A 53 -49.01 -5.12 -41.00
N GLY A 54 -49.58 -5.53 -39.86
CA GLY A 54 -49.75 -4.64 -38.72
C GLY A 54 -48.39 -4.26 -38.14
N ALA A 55 -48.43 -3.30 -37.23
CA ALA A 55 -47.26 -2.81 -36.54
C ALA A 55 -46.44 -3.96 -35.92
N ALA A 56 -45.16 -4.01 -36.25
CA ALA A 56 -44.35 -5.12 -35.78
C ALA A 56 -44.43 -5.30 -34.27
N GLU A 57 -44.52 -4.20 -33.51
CA GLU A 57 -44.40 -4.31 -32.09
C GLU A 57 -45.66 -4.90 -31.48
N TRP A 58 -46.72 -4.97 -32.27
CA TRP A 58 -47.97 -5.64 -31.86
C TRP A 58 -48.07 -7.08 -32.37
N LEU A 59 -47.04 -7.56 -33.07
CA LEU A 59 -47.06 -8.91 -33.61
C LEU A 59 -47.56 -10.02 -32.67
N LYS A 60 -47.29 -9.93 -31.37
CA LYS A 60 -47.88 -10.88 -30.42
C LYS A 60 -49.43 -10.91 -30.48
N SER A 61 -50.06 -9.73 -30.56
CA SER A 61 -51.51 -9.64 -30.76
C SER A 61 -51.91 -10.21 -32.12
N TRP A 62 -51.24 -9.80 -33.21
CA TRP A 62 -51.65 -10.22 -34.57
C TRP A 62 -51.50 -11.71 -34.81
N ALA A 63 -50.43 -12.31 -34.29
CA ALA A 63 -50.16 -13.73 -34.53
C ALA A 63 -50.79 -14.61 -33.45
N LYS A 64 -51.51 -13.97 -32.54
CA LYS A 64 -52.12 -14.62 -31.38
C LYS A 64 -51.08 -15.44 -30.60
N VAL A 65 -49.91 -14.86 -30.35
CA VAL A 65 -48.86 -15.61 -29.65
C VAL A 65 -49.09 -15.64 -28.14
N PRO A 66 -49.11 -16.84 -27.54
CA PRO A 66 -49.19 -16.91 -26.05
C PRO A 66 -47.95 -16.33 -25.41
N ALA A 67 -48.11 -15.84 -24.19
CA ALA A 67 -47.05 -15.17 -23.46
C ALA A 67 -45.78 -16.02 -23.28
N ASP A 68 -45.93 -17.27 -22.80
CA ASP A 68 -44.76 -18.10 -22.55
C ASP A 68 -43.95 -18.17 -23.83
N GLU A 69 -44.66 -18.42 -24.93
CA GLU A 69 -44.04 -18.53 -26.25
C GLU A 69 -43.47 -17.20 -26.75
N TRP A 70 -44.18 -16.10 -26.59
CA TRP A 70 -43.62 -14.80 -27.01
C TRP A 70 -42.32 -14.45 -26.23
N LEU A 71 -42.36 -14.63 -24.92
CA LEU A 71 -41.21 -14.26 -24.07
C LEU A 71 -39.94 -15.12 -24.29
N LYS A 72 -40.13 -16.37 -24.72
CA LYS A 72 -39.05 -17.23 -25.24
C LYS A 72 -38.07 -16.48 -26.17
N LEU A 73 -38.54 -15.48 -26.91
CA LEU A 73 -37.62 -14.67 -27.73
C LEU A 73 -36.45 -14.08 -26.95
N MET A 74 -36.63 -13.85 -25.64
CA MET A 74 -35.49 -13.50 -24.77
C MET A 74 -34.28 -14.40 -24.99
N ASP A 75 -34.53 -15.67 -25.25
CA ASP A 75 -33.47 -16.64 -25.54
C ASP A 75 -32.64 -16.21 -26.75
N GLN A 76 -33.20 -15.40 -27.64
CA GLN A 76 -32.45 -14.91 -28.81
C GLN A 76 -31.97 -13.45 -28.74
N TRP A 77 -32.36 -12.75 -27.69
CA TRP A 77 -31.92 -11.38 -27.48
C TRP A 77 -30.43 -11.31 -27.17
N ASN A 78 -29.67 -10.88 -28.16
CA ASN A 78 -28.23 -10.79 -28.01
C ASN A 78 -27.74 -9.82 -29.07
N PRO A 79 -28.10 -8.52 -28.94
CA PRO A 79 -27.80 -7.52 -29.97
C PRO A 79 -26.31 -7.24 -30.07
N THR A 80 -25.63 -8.18 -30.72
CA THR A 80 -24.19 -8.16 -30.95
C THR A 80 -23.60 -6.83 -31.46
N LYS A 81 -24.30 -6.14 -32.35
CA LYS A 81 -23.80 -4.86 -32.88
C LYS A 81 -24.15 -3.61 -32.05
N PHE A 82 -24.86 -3.77 -30.94
CA PHE A 82 -25.25 -2.62 -30.11
C PHE A 82 -24.03 -1.82 -29.57
N ASP A 83 -24.03 -0.52 -29.79
CA ASP A 83 -23.03 0.37 -29.24
C ASP A 83 -23.74 1.69 -28.93
N ALA A 84 -24.06 1.86 -27.67
CA ALA A 84 -24.76 3.02 -27.16
C ALA A 84 -24.17 4.35 -27.65
N LYS A 85 -22.83 4.47 -27.65
CA LYS A 85 -22.15 5.70 -28.10
C LYS A 85 -22.37 6.01 -29.58
N LYS A 86 -22.47 4.96 -30.40
CA LYS A 86 -22.79 5.10 -31.83
C LYS A 86 -24.22 5.59 -32.09
N TRP A 87 -25.17 5.01 -31.36
CA TRP A 87 -26.55 5.48 -31.32
C TRP A 87 -26.66 6.94 -30.90
N ALA A 88 -25.88 7.35 -29.90
CA ALA A 88 -25.90 8.75 -29.46
C ALA A 88 -25.31 9.63 -30.55
N LYS A 89 -24.27 9.15 -31.24
CA LYS A 89 -23.65 9.97 -32.28
C LYS A 89 -24.62 10.20 -33.44
N MET A 90 -25.32 9.14 -33.83
CA MET A 90 -26.37 9.24 -34.81
C MET A 90 -27.47 10.27 -34.41
N ALA A 91 -27.89 10.28 -33.16
CA ALA A 91 -28.89 11.29 -32.76
C ALA A 91 -28.29 12.69 -32.79
N LYS A 92 -27.01 12.81 -32.42
CA LYS A 92 -26.36 14.11 -32.38
C LYS A 92 -26.32 14.70 -33.77
N GLU A 93 -25.98 13.84 -34.74
CA GLU A 93 -25.80 14.24 -36.11
C GLU A 93 -27.12 14.50 -36.83
N MET A 94 -28.21 13.94 -36.32
CA MET A 94 -29.52 14.22 -36.86
C MET A 94 -30.00 15.57 -36.29
N GLY A 95 -29.38 15.99 -35.21
CA GLY A 95 -29.75 17.24 -34.55
C GLY A 95 -30.92 17.07 -33.60
N THR A 96 -31.18 15.83 -33.20
CA THR A 96 -32.22 15.55 -32.22
C THR A 96 -31.73 16.07 -30.89
N LYS A 97 -32.60 16.59 -30.07
CA LYS A 97 -32.16 17.20 -28.82
C LYS A 97 -32.53 16.30 -27.67
N TYR A 98 -33.21 15.21 -28.01
CA TYR A 98 -33.70 14.31 -26.99
C TYR A 98 -34.24 13.06 -27.62
N VAL A 99 -34.11 11.96 -26.89
CA VAL A 99 -34.58 10.68 -27.31
C VAL A 99 -35.54 10.08 -26.31
N LYS A 100 -36.63 9.53 -26.81
CA LYS A 100 -37.60 8.77 -26.01
C LYS A 100 -37.36 7.28 -26.26
N ILE A 101 -37.24 6.49 -25.18
CA ILE A 101 -36.86 5.08 -25.29
C ILE A 101 -37.92 4.21 -24.67
N THR A 102 -38.31 3.16 -25.37
CA THR A 102 -39.29 2.26 -24.82
C THR A 102 -38.63 1.49 -23.69
N THR A 103 -38.95 1.83 -22.44
CA THR A 103 -38.36 1.10 -21.32
C THR A 103 -38.95 -0.30 -21.22
N LYS A 104 -40.25 -0.37 -21.54
CA LYS A 104 -40.99 -1.63 -21.62
C LYS A 104 -42.17 -1.35 -22.50
N HIS A 105 -42.31 -2.15 -23.55
CA HIS A 105 -43.49 -2.08 -24.39
C HIS A 105 -44.60 -3.04 -23.85
N HIS A 106 -45.70 -3.13 -24.61
CA HIS A 106 -46.83 -4.01 -24.25
C HIS A 106 -46.36 -5.43 -23.90
N GLU A 107 -45.40 -5.96 -24.65
CA GLU A 107 -44.89 -7.32 -24.42
C GLU A 107 -44.39 -7.50 -22.97
N GLY A 108 -43.93 -6.40 -22.35
CA GLY A 108 -43.58 -6.44 -20.93
C GLY A 108 -42.13 -6.81 -20.69
N PHE A 109 -41.33 -6.82 -21.76
CA PHE A 109 -39.91 -7.12 -21.69
C PHE A 109 -39.17 -5.81 -21.42
N CYS A 110 -38.30 -5.80 -20.40
CA CYS A 110 -37.75 -4.52 -19.96
C CYS A 110 -36.32 -4.37 -20.46
N LEU A 111 -35.96 -3.16 -20.85
CA LEU A 111 -34.61 -2.89 -21.32
C LEU A 111 -33.62 -2.55 -20.19
N TRP A 112 -34.09 -2.54 -18.93
CA TRP A 112 -33.25 -2.34 -17.75
C TRP A 112 -33.53 -3.51 -16.82
N PRO A 113 -32.58 -3.89 -15.95
CA PRO A 113 -32.82 -5.13 -15.15
C PRO A 113 -33.79 -4.94 -13.96
N SER A 114 -35.05 -4.70 -14.27
CA SER A 114 -36.06 -4.51 -13.22
C SER A 114 -35.97 -5.59 -12.14
N LYS A 115 -36.09 -5.21 -10.88
CA LYS A 115 -36.11 -6.21 -9.81
C LYS A 115 -37.45 -6.90 -9.75
N TYR A 116 -38.45 -6.37 -10.45
CA TYR A 116 -39.83 -6.79 -10.27
C TYR A 116 -40.37 -7.82 -11.24
N THR A 117 -39.53 -8.26 -12.18
CA THR A 117 -39.94 -9.30 -13.12
C THR A 117 -38.72 -9.94 -13.70
N LYS A 118 -38.89 -11.16 -14.21
CA LYS A 118 -37.79 -11.93 -14.76
C LYS A 118 -37.62 -11.62 -16.22
N TYR A 119 -38.69 -11.06 -16.80
CA TYR A 119 -38.71 -10.70 -18.22
C TYR A 119 -37.97 -9.39 -18.49
N THR A 120 -36.63 -9.41 -18.36
CA THR A 120 -35.80 -8.23 -18.58
C THR A 120 -34.47 -8.60 -19.26
N VAL A 121 -33.75 -7.60 -19.76
CA VAL A 121 -32.41 -7.79 -20.36
C VAL A 121 -31.43 -8.70 -19.59
N ALA A 122 -31.58 -8.77 -18.26
CA ALA A 122 -30.69 -9.57 -17.41
C ALA A 122 -30.84 -11.07 -17.66
N ASN A 123 -32.04 -11.48 -18.06
CA ASN A 123 -32.28 -12.89 -18.28
C ASN A 123 -32.09 -13.31 -19.75
N THR A 124 -31.49 -12.42 -20.54
CA THR A 124 -31.12 -12.71 -21.94
C THR A 124 -29.64 -12.97 -22.00
N PRO A 125 -29.17 -13.67 -23.07
CA PRO A 125 -27.73 -13.92 -23.21
C PRO A 125 -26.92 -12.65 -23.18
N TYR A 126 -27.54 -11.56 -23.61
CA TYR A 126 -26.88 -10.26 -23.62
C TYR A 126 -26.58 -9.71 -22.23
N LYS A 127 -27.50 -9.90 -21.27
CA LYS A 127 -27.30 -9.51 -19.85
C LYS A 127 -27.26 -8.02 -19.53
N ARG A 128 -26.51 -7.25 -20.33
CA ARG A 128 -26.21 -5.82 -20.04
C ARG A 128 -27.45 -4.90 -19.85
N ASP A 129 -27.31 -3.89 -18.97
CA ASP A 129 -28.33 -2.86 -18.75
C ASP A 129 -28.41 -1.91 -19.96
N ILE A 130 -29.16 -2.33 -20.97
CA ILE A 130 -29.26 -1.59 -22.21
C ILE A 130 -29.79 -0.20 -21.98
N LEU A 131 -30.88 -0.06 -21.23
CA LEU A 131 -31.37 1.27 -20.88
C LEU A 131 -30.32 2.17 -20.25
N GLY A 132 -29.59 1.65 -19.26
CA GLY A 132 -28.57 2.45 -18.59
C GLY A 132 -27.47 2.88 -19.55
N GLU A 133 -27.04 1.99 -20.42
CA GLU A 133 -26.00 2.34 -21.39
C GLU A 133 -26.45 3.49 -22.28
N LEU A 134 -27.71 3.42 -22.74
CA LEU A 134 -28.30 4.47 -23.57
C LEU A 134 -28.38 5.79 -22.85
N VAL A 135 -28.87 5.78 -21.61
CA VAL A 135 -29.02 7.01 -20.79
C VAL A 135 -27.66 7.71 -20.67
N LYS A 136 -26.64 6.91 -20.37
CA LYS A 136 -25.30 7.44 -20.25
C LYS A 136 -24.85 8.02 -21.59
N ALA A 137 -24.90 7.21 -22.65
CA ALA A 137 -24.36 7.59 -23.94
C ALA A 137 -25.07 8.83 -24.46
N TYR A 138 -26.40 8.84 -24.34
CA TYR A 138 -27.16 10.02 -24.75
C TYR A 138 -26.84 11.28 -23.93
N ASN A 139 -26.76 11.16 -22.60
CA ASN A 139 -26.51 12.35 -21.78
C ASN A 139 -25.08 12.86 -22.06
N ASP A 140 -24.18 11.96 -22.48
CA ASP A 140 -22.76 12.34 -22.75
C ASP A 140 -22.69 13.26 -23.97
N GLU A 141 -23.74 13.21 -24.81
CA GLU A 141 -23.83 14.08 -25.99
C GLU A 141 -24.68 15.31 -25.72
N GLY A 142 -25.05 15.52 -24.45
CA GLY A 142 -25.97 16.62 -24.09
C GLY A 142 -27.40 16.40 -24.57
N ILE A 143 -27.73 15.13 -24.83
CA ILE A 143 -29.08 14.75 -25.28
C ILE A 143 -29.96 14.27 -24.09
N ASP A 144 -31.12 14.90 -23.90
CA ASP A 144 -32.04 14.56 -22.81
C ASP A 144 -32.68 13.19 -23.10
N VAL A 145 -32.93 12.42 -22.05
CA VAL A 145 -33.62 11.14 -22.19
C VAL A 145 -34.99 11.20 -21.55
N HIS A 146 -35.94 10.54 -22.24
CA HIS A 146 -37.36 10.48 -21.91
C HIS A 146 -37.70 9.01 -21.95
N PHE A 147 -38.55 8.58 -21.04
CA PHE A 147 -38.84 7.17 -20.94
C PHE A 147 -40.26 6.88 -21.38
N TYR A 148 -40.38 6.12 -22.45
CA TYR A 148 -41.66 5.54 -22.83
C TYR A 148 -41.87 4.42 -21.84
N PHE A 149 -43.11 4.28 -21.35
CA PHE A 149 -43.49 3.16 -20.47
C PHE A 149 -44.91 2.67 -20.78
N SER A 150 -45.09 1.37 -21.03
CA SER A 150 -46.43 0.85 -21.33
C SER A 150 -47.06 0.39 -20.02
N VAL A 151 -48.25 0.89 -19.70
CA VAL A 151 -48.98 0.38 -18.51
C VAL A 151 -49.55 -1.02 -18.76
N MET A 152 -50.32 -1.16 -19.83
CA MET A 152 -50.70 -2.48 -20.30
C MET A 152 -49.45 -3.36 -20.47
N ASP A 153 -49.45 -4.52 -19.84
CA ASP A 153 -48.32 -5.41 -19.87
C ASP A 153 -48.80 -6.84 -20.16
N TRP A 154 -48.48 -7.32 -21.34
CA TRP A 154 -48.96 -8.64 -21.74
C TRP A 154 -48.27 -9.80 -21.02
N SER A 155 -47.25 -9.51 -20.19
CA SER A 155 -46.47 -10.55 -19.47
C SER A 155 -46.89 -10.78 -18.02
N ASN A 156 -47.75 -9.91 -17.49
CA ASN A 156 -48.19 -9.98 -16.12
C ASN A 156 -49.65 -10.46 -16.09
N PRO A 157 -49.89 -11.68 -15.54
CA PRO A 157 -51.25 -12.24 -15.53
C PRO A 157 -52.20 -11.45 -14.63
N ASP A 158 -51.66 -10.56 -13.80
CA ASP A 158 -52.52 -9.69 -12.99
C ASP A 158 -53.15 -8.56 -13.79
N TYR A 159 -52.71 -8.40 -15.04
CA TYR A 159 -53.25 -7.32 -15.86
C TYR A 159 -54.72 -7.56 -16.17
N ARG A 160 -55.51 -6.49 -16.09
CA ARG A 160 -56.92 -6.57 -16.45
C ARG A 160 -57.32 -5.51 -17.47
N TYR A 161 -58.21 -5.90 -18.38
CA TYR A 161 -58.74 -4.97 -19.40
C TYR A 161 -59.95 -4.20 -18.84
N ASP A 162 -60.64 -4.80 -17.89
CA ASP A 162 -61.81 -4.19 -17.24
C ASP A 162 -61.95 -4.82 -15.88
N ILE A 163 -62.68 -4.16 -14.98
CA ILE A 163 -63.05 -4.73 -13.70
C ILE A 163 -64.51 -5.21 -13.75
N LYS A 164 -64.67 -6.51 -13.94
CA LYS A 164 -65.97 -7.15 -13.95
C LYS A 164 -66.20 -7.80 -12.59
N SER A 165 -65.46 -8.87 -12.31
CA SER A 165 -65.58 -9.60 -11.04
C SER A 165 -64.88 -8.90 -9.87
N LYS A 166 -65.08 -9.47 -8.68
CA LYS A 166 -64.34 -9.06 -7.48
C LYS A 166 -62.86 -9.36 -7.63
N GLU A 167 -62.56 -10.55 -8.15
CA GLU A 167 -61.22 -11.05 -8.30
C GLU A 167 -60.37 -10.12 -9.18
N ASP A 168 -61.03 -9.57 -10.21
CA ASP A 168 -60.43 -8.60 -11.12
C ASP A 168 -59.96 -7.36 -10.38
N SER A 169 -60.70 -6.98 -9.35
CA SER A 169 -60.37 -5.78 -8.55
C SER A 169 -59.15 -6.00 -7.67
N ILE A 170 -59.04 -7.19 -7.08
CA ILE A 170 -57.84 -7.63 -6.32
C ILE A 170 -56.60 -7.81 -7.24
N ALA A 171 -56.77 -8.53 -8.35
CA ALA A 171 -55.69 -8.75 -9.33
C ALA A 171 -55.13 -7.43 -9.89
N PHE A 172 -56.01 -6.51 -10.32
CA PHE A 172 -55.57 -5.25 -10.95
C PHE A 172 -54.93 -4.33 -9.92
N SER A 173 -55.45 -4.37 -8.70
CA SER A 173 -54.80 -3.75 -7.57
C SER A 173 -53.33 -4.18 -7.48
N ARG A 174 -53.09 -5.48 -7.59
CA ARG A 174 -51.73 -6.02 -7.49
C ARG A 174 -50.90 -5.48 -8.64
N PHE A 175 -51.54 -5.42 -9.79
CA PHE A 175 -50.91 -4.93 -11.00
C PHE A 175 -50.50 -3.45 -10.89
N LEU A 176 -51.35 -2.61 -10.31
CA LEU A 176 -50.96 -1.19 -10.13
C LEU A 176 -49.78 -1.06 -9.18
N GLU A 177 -49.73 -1.89 -8.15
CA GLU A 177 -48.59 -1.93 -7.25
C GLU A 177 -47.36 -2.29 -8.04
N PHE A 178 -47.48 -3.36 -8.83
CA PHE A 178 -46.38 -3.83 -9.68
C PHE A 178 -45.88 -2.74 -10.63
N THR A 179 -46.82 -1.97 -11.19
CA THR A 179 -46.49 -0.84 -12.07
C THR A 179 -45.76 0.28 -11.31
N ASP A 180 -46.28 0.63 -10.14
CA ASP A 180 -45.73 1.70 -9.33
C ASP A 180 -44.29 1.33 -9.01
N ASN A 181 -44.10 0.05 -8.62
CA ASN A 181 -42.77 -0.43 -8.27
C ASN A 181 -41.73 -0.20 -9.38
N GLN A 182 -42.14 -0.46 -10.63
CA GLN A 182 -41.24 -0.28 -11.78
C GLN A 182 -41.00 1.17 -12.07
N LEU A 183 -42.06 1.98 -11.97
CA LEU A 183 -41.89 3.42 -12.18
C LEU A 183 -40.96 4.03 -11.12
N LYS A 184 -41.13 3.69 -9.85
CA LYS A 184 -40.22 4.21 -8.80
C LYS A 184 -38.79 3.75 -9.06
N GLU A 185 -38.67 2.48 -9.44
CA GLU A 185 -37.39 1.91 -9.76
C GLU A 185 -36.75 2.70 -10.91
N LEU A 186 -37.51 3.04 -11.97
CA LEU A 186 -36.92 3.76 -13.12
C LEU A 186 -36.47 5.14 -12.73
N ALA A 187 -37.33 5.83 -12.01
CA ALA A 187 -37.06 7.20 -11.59
C ALA A 187 -35.84 7.31 -10.69
N THR A 188 -35.59 6.31 -9.85
CA THR A 188 -34.54 6.48 -8.83
C THR A 188 -33.24 5.88 -9.30
N ARG A 189 -33.37 4.91 -10.23
CA ARG A 189 -32.22 4.32 -10.91
C ARG A 189 -31.59 5.22 -11.98
N TYR A 190 -32.42 5.92 -12.76
CA TYR A 190 -31.95 6.86 -13.76
C TYR A 190 -32.47 8.31 -13.47
N PRO A 191 -31.91 9.00 -12.44
CA PRO A 191 -32.39 10.32 -12.00
C PRO A 191 -32.23 11.48 -12.99
N THR A 192 -31.56 11.26 -14.13
CA THR A 192 -31.48 12.26 -15.20
C THR A 192 -32.68 12.23 -16.17
N VAL A 193 -33.59 11.26 -15.98
CA VAL A 193 -34.74 11.14 -16.86
C VAL A 193 -35.57 12.45 -16.84
N LYS A 194 -36.06 12.88 -18.00
CA LYS A 194 -36.69 14.20 -18.08
C LYS A 194 -38.18 14.11 -18.31
N ASP A 195 -38.64 12.92 -18.69
CA ASP A 195 -40.00 12.72 -19.15
C ASP A 195 -40.40 11.27 -19.03
N PHE A 196 -41.65 11.03 -18.61
CA PHE A 196 -42.29 9.73 -18.77
C PHE A 196 -43.47 9.88 -19.69
N TRP A 197 -43.47 9.05 -20.73
CA TRP A 197 -44.44 9.11 -21.78
C TRP A 197 -45.20 7.79 -21.70
N PHE A 198 -46.38 7.80 -21.14
CA PHE A 198 -47.17 6.56 -21.03
C PHE A 198 -47.97 6.13 -22.27
N ASP A 199 -48.11 4.82 -22.44
CA ASP A 199 -48.88 4.24 -23.52
C ASP A 199 -49.61 3.06 -22.93
N GLY A 200 -50.57 2.51 -23.64
CA GLY A 200 -51.34 1.37 -23.10
C GLY A 200 -52.08 1.74 -21.83
N THR A 201 -52.71 2.91 -21.84
CA THR A 201 -53.50 3.38 -20.71
C THR A 201 -54.99 3.55 -21.11
N TRP A 202 -55.34 3.03 -22.29
CA TRP A 202 -56.68 3.16 -22.89
C TRP A 202 -57.73 2.15 -22.41
N ASP A 203 -57.35 1.14 -21.63
CA ASP A 203 -58.36 0.17 -21.19
C ASP A 203 -59.28 0.66 -20.10
N ALA A 204 -60.46 0.03 -20.05
CA ALA A 204 -61.51 0.38 -19.10
C ALA A 204 -61.03 0.31 -17.65
N SER A 205 -60.20 -0.66 -17.32
CA SER A 205 -59.64 -0.79 -15.96
C SER A 205 -58.88 0.45 -15.49
N VAL A 206 -58.15 1.08 -16.40
CA VAL A 206 -57.41 2.30 -16.09
C VAL A 206 -58.37 3.48 -16.03
N LYS A 207 -59.31 3.54 -16.98
CA LYS A 207 -60.35 4.59 -17.00
C LYS A 207 -61.14 4.62 -15.69
N LYS A 208 -61.44 3.43 -15.16
CA LYS A 208 -62.18 3.31 -13.91
C LYS A 208 -61.30 3.70 -12.74
N ASN A 209 -59.98 3.71 -12.95
CA ASN A 209 -59.04 4.06 -11.88
C ASN A 209 -58.21 5.34 -12.14
N GLY A 210 -58.91 6.38 -12.57
CA GLY A 210 -58.34 7.70 -12.80
C GLY A 210 -57.43 8.19 -11.68
N TRP A 211 -57.85 7.91 -10.45
CA TRP A 211 -57.04 8.16 -9.24
C TRP A 211 -55.60 7.68 -9.43
N TRP A 212 -55.44 6.54 -10.08
CA TRP A 212 -54.10 5.94 -10.20
C TRP A 212 -53.16 6.75 -11.13
N THR A 213 -53.70 7.22 -12.26
CA THR A 213 -52.95 7.95 -13.27
C THR A 213 -52.44 9.24 -12.65
N ALA A 214 -53.32 9.91 -11.91
CA ALA A 214 -53.03 11.11 -11.11
C ALA A 214 -51.96 10.83 -10.07
N HIS A 215 -52.12 9.70 -9.38
CA HIS A 215 -51.13 9.20 -8.42
C HIS A 215 -49.75 9.00 -9.08
N ALA A 216 -49.70 8.28 -10.20
CA ALA A 216 -48.42 7.99 -10.86
C ALA A 216 -47.71 9.26 -11.26
N GLU A 217 -48.47 10.24 -11.76
CA GLU A 217 -47.90 11.50 -12.16
C GLU A 217 -47.33 12.22 -10.92
N GLN A 218 -48.09 12.33 -9.85
CA GLN A 218 -47.61 12.97 -8.60
C GLN A 218 -46.37 12.27 -7.99
N MET A 219 -46.44 10.94 -7.91
CA MET A 219 -45.34 10.11 -7.39
C MET A 219 -44.04 10.38 -8.15
N LEU A 220 -44.15 10.45 -9.47
CA LEU A 220 -42.96 10.61 -10.32
C LEU A 220 -42.41 12.02 -10.21
N LYS A 221 -43.31 13.02 -10.19
CA LYS A 221 -42.90 14.41 -9.95
C LYS A 221 -42.22 14.63 -8.61
N GLU A 222 -42.58 13.86 -7.59
CA GLU A 222 -41.87 13.93 -6.32
C GLU A 222 -40.49 13.27 -6.38
N LEU A 223 -40.33 12.28 -7.25
CA LEU A 223 -39.10 11.55 -7.35
C LEU A 223 -38.08 12.20 -8.28
N VAL A 224 -38.56 12.95 -9.27
CA VAL A 224 -37.70 13.55 -10.30
C VAL A 224 -38.04 15.02 -10.51
N PRO A 225 -37.30 15.93 -9.85
CA PRO A 225 -37.80 17.30 -9.93
C PRO A 225 -37.81 17.86 -11.36
N GLY A 226 -38.92 18.49 -11.73
CA GLY A 226 -39.11 19.01 -13.08
C GLY A 226 -39.54 18.02 -14.17
N VAL A 227 -39.61 16.73 -13.86
CA VAL A 227 -39.98 15.72 -14.86
C VAL A 227 -41.23 16.13 -15.66
N ALA A 228 -41.31 15.71 -16.92
CA ALA A 228 -42.52 15.96 -17.75
C ALA A 228 -43.30 14.67 -17.79
N ILE A 229 -44.62 14.80 -17.77
CA ILE A 229 -45.55 13.68 -17.83
C ILE A 229 -46.59 13.94 -18.94
N ASN A 230 -46.72 13.02 -19.90
CA ASN A 230 -47.68 13.20 -21.01
C ASN A 230 -49.13 13.00 -20.58
N SER A 231 -50.03 13.57 -21.38
CA SER A 231 -51.43 13.58 -21.12
C SER A 231 -52.03 12.20 -21.35
N ARG A 232 -51.38 11.36 -22.15
CA ARG A 232 -51.92 10.07 -22.46
C ARG A 232 -52.08 9.20 -21.20
N LEU A 233 -51.18 9.39 -20.23
CA LEU A 233 -51.28 8.67 -18.98
C LEU A 233 -52.66 8.77 -18.33
N ARG A 234 -53.23 9.97 -18.43
CA ARG A 234 -54.12 10.52 -17.42
C ARG A 234 -55.61 10.38 -17.69
N ALA A 235 -56.32 9.95 -16.66
CA ALA A 235 -57.77 9.91 -16.66
C ALA A 235 -58.31 10.59 -15.39
N ASP A 236 -59.41 11.33 -15.53
CA ASP A 236 -59.97 12.03 -14.35
C ASP A 236 -60.95 11.14 -13.59
N ASP A 237 -61.68 11.72 -12.63
CA ASP A 237 -62.66 10.99 -11.80
C ASP A 237 -63.71 10.21 -12.62
N LYS A 238 -64.10 10.80 -13.75
CA LYS A 238 -65.19 10.31 -14.59
C LYS A 238 -64.71 9.35 -15.71
N GLY A 239 -63.41 9.08 -15.73
CA GLY A 239 -62.81 8.25 -16.76
C GLY A 239 -62.42 9.05 -18.00
N LYS A 240 -62.54 10.37 -17.97
CA LYS A 240 -62.18 11.19 -19.15
C LYS A 240 -60.65 11.23 -19.38
N ARG A 241 -60.21 10.93 -20.60
CA ARG A 241 -58.76 10.88 -20.89
C ARG A 241 -58.18 12.13 -21.58
N HIS A 242 -56.90 12.43 -21.27
CA HIS A 242 -56.12 13.55 -21.84
C HIS A 242 -56.53 14.90 -21.27
N PHE A 243 -57.75 15.33 -21.61
CA PHE A 243 -58.36 16.52 -21.01
C PHE A 243 -59.44 16.06 -20.02
N ASP A 244 -59.49 16.70 -18.84
CA ASP A 244 -60.50 16.37 -17.83
C ASP A 244 -61.91 16.77 -18.24
N SER A 245 -62.89 16.49 -17.38
CA SER A 245 -64.31 16.77 -17.66
C SER A 245 -64.58 18.23 -17.83
N ASN A 246 -63.66 19.04 -17.33
CA ASN A 246 -63.69 20.49 -17.47
C ASN A 246 -62.95 20.98 -18.70
N GLY A 247 -62.50 20.05 -19.55
CA GLY A 247 -61.75 20.40 -20.76
C GLY A 247 -60.38 21.02 -20.51
N ARG A 248 -59.71 20.61 -19.46
CA ARG A 248 -58.40 21.15 -19.12
C ARG A 248 -57.34 20.05 -19.24
N LEU A 249 -56.19 20.39 -19.83
CA LEU A 249 -55.14 19.41 -20.09
C LEU A 249 -54.62 18.83 -18.78
N MET A 250 -54.65 17.51 -18.68
CA MET A 250 -54.01 16.76 -17.61
C MET A 250 -52.60 16.37 -18.03
N GLY A 251 -51.71 16.23 -17.04
CA GLY A 251 -50.28 16.11 -17.30
C GLY A 251 -49.70 17.41 -17.80
N ASP A 252 -48.49 17.38 -18.36
CA ASP A 252 -47.78 18.61 -18.72
C ASP A 252 -47.85 19.00 -20.18
N TYR A 253 -48.16 18.04 -21.04
CA TYR A 253 -48.24 18.32 -22.46
C TYR A 253 -49.15 17.32 -23.12
N GLU A 254 -49.80 17.77 -24.18
CA GLU A 254 -50.76 16.98 -24.93
C GLU A 254 -49.98 16.03 -25.87
N SER A 255 -50.41 14.78 -25.93
CA SER A 255 -49.64 13.76 -26.62
C SER A 255 -50.51 12.84 -27.46
N GLY A 256 -51.60 13.38 -28.00
CA GLY A 256 -52.44 12.66 -28.96
C GLY A 256 -51.93 12.53 -30.40
N TYR A 257 -51.14 13.52 -30.85
CA TYR A 257 -50.80 13.58 -32.25
C TYR A 257 -49.78 12.51 -32.63
N GLN A 258 -50.29 11.53 -33.35
CA GLN A 258 -49.56 10.33 -33.64
C GLN A 258 -49.96 10.03 -35.07
N ARG A 259 -49.03 10.27 -35.99
CA ARG A 259 -49.25 9.98 -37.41
C ARG A 259 -50.26 10.96 -38.08
N ARG A 260 -50.54 12.06 -37.39
CA ARG A 260 -51.50 13.08 -37.79
C ARG A 260 -51.02 14.37 -37.13
N LEU A 261 -51.26 15.51 -37.77
CA LEU A 261 -50.92 16.79 -37.16
C LEU A 261 -52.14 17.68 -37.07
N PRO A 262 -52.13 18.66 -36.16
CA PRO A 262 -53.25 19.57 -36.10
C PRO A 262 -53.33 20.54 -37.30
N ASP A 263 -54.56 20.87 -37.71
CA ASP A 263 -54.77 21.76 -38.84
C ASP A 263 -54.28 23.18 -38.55
N PRO A 264 -53.41 23.70 -39.42
CA PRO A 264 -52.82 25.04 -39.23
C PRO A 264 -53.83 26.18 -39.27
N VAL A 265 -54.99 25.92 -39.85
CA VAL A 265 -56.00 26.94 -39.95
C VAL A 265 -57.02 26.77 -38.86
N LYS A 266 -57.40 25.52 -38.56
CA LYS A 266 -58.55 25.25 -37.68
C LYS A 266 -58.22 24.84 -36.24
N ASP A 267 -57.00 24.38 -36.01
CA ASP A 267 -56.66 23.80 -34.71
C ASP A 267 -55.72 24.69 -33.92
N LEU A 268 -55.84 26.00 -34.15
CA LEU A 268 -54.99 26.97 -33.50
C LEU A 268 -55.04 26.89 -32.00
N LYS A 269 -56.08 26.22 -31.46
CA LYS A 269 -56.25 26.01 -30.04
C LYS A 269 -55.04 25.30 -29.38
N VAL A 270 -54.41 24.36 -30.09
CA VAL A 270 -53.24 23.65 -29.53
C VAL A 270 -52.13 24.60 -29.09
N THR A 271 -52.19 25.85 -29.57
CA THR A 271 -51.10 26.77 -29.22
C THR A 271 -51.22 27.27 -27.78
N GLN A 272 -52.25 26.84 -27.08
CA GLN A 272 -52.41 27.28 -25.69
C GLN A 272 -51.67 26.34 -24.72
N TRP A 273 -51.26 25.18 -25.20
CA TRP A 273 -50.61 24.22 -24.35
C TRP A 273 -49.41 23.63 -25.06
N ASP A 274 -48.46 23.14 -24.26
CA ASP A 274 -47.35 22.40 -24.79
C ASP A 274 -47.91 21.10 -25.34
N TRP A 275 -47.30 20.58 -26.39
CA TRP A 275 -47.70 19.29 -26.91
C TRP A 275 -46.59 18.69 -27.74
N GLU A 276 -46.70 17.40 -27.99
CA GLU A 276 -45.66 16.69 -28.70
C GLU A 276 -46.33 15.74 -29.66
N ALA A 277 -45.90 15.78 -30.91
CA ALA A 277 -46.32 14.78 -31.90
C ALA A 277 -45.25 13.71 -32.06
N CYS A 278 -45.67 12.49 -32.36
CA CYS A 278 -44.73 11.39 -32.56
C CYS A 278 -45.03 10.75 -33.92
N MET A 279 -44.02 10.54 -34.76
CA MET A 279 -44.34 10.01 -36.10
C MET A 279 -43.48 8.82 -36.52
N THR A 280 -44.05 7.97 -37.37
CA THR A 280 -43.34 6.84 -37.93
C THR A 280 -42.78 7.18 -39.29
N ILE A 281 -41.74 6.47 -39.73
CA ILE A 281 -41.20 6.71 -41.06
C ILE A 281 -42.09 6.05 -42.14
N PRO A 282 -42.31 4.74 -42.05
CA PRO A 282 -43.39 4.24 -42.86
C PRO A 282 -44.72 4.65 -42.24
N GLU A 283 -45.83 4.09 -42.70
CA GLU A 283 -47.13 4.53 -42.28
C GLU A 283 -47.46 4.20 -40.82
N ASN A 284 -47.25 2.95 -40.43
CA ASN A 284 -47.58 2.51 -39.08
C ASN A 284 -46.68 1.38 -38.63
N GLN A 285 -45.41 1.67 -38.52
CA GLN A 285 -44.48 0.72 -37.97
C GLN A 285 -43.61 1.45 -36.93
N TRP A 286 -43.65 0.96 -35.68
CA TRP A 286 -42.80 1.56 -34.61
C TRP A 286 -41.59 0.71 -34.30
N GLY A 287 -41.82 -0.53 -33.90
CA GLY A 287 -40.71 -1.48 -33.83
C GLY A 287 -40.26 -1.90 -35.23
N TYR A 288 -39.06 -2.48 -35.31
CA TYR A 288 -38.50 -3.02 -36.57
C TYR A 288 -39.44 -3.95 -37.33
N HIS A 289 -39.70 -3.62 -38.60
CA HIS A 289 -40.40 -4.51 -39.51
C HIS A 289 -39.46 -4.84 -40.66
N LYS A 290 -39.33 -6.13 -40.97
CA LYS A 290 -38.36 -6.55 -41.98
C LYS A 290 -38.71 -6.04 -43.39
N ASP A 291 -39.99 -5.79 -43.67
CA ASP A 291 -40.45 -5.43 -45.01
C ASP A 291 -41.16 -4.08 -45.04
N TRP A 292 -40.39 -3.03 -45.31
CA TRP A 292 -40.94 -1.69 -45.47
C TRP A 292 -41.63 -1.42 -46.83
N SER A 293 -41.70 -2.42 -47.70
CA SER A 293 -42.40 -2.24 -48.97
C SER A 293 -43.93 -2.30 -48.77
N LEU A 294 -44.38 -2.86 -47.66
CA LEU A 294 -45.83 -3.07 -47.45
C LEU A 294 -46.64 -1.78 -47.23
N SER A 295 -45.94 -0.64 -47.07
CA SER A 295 -46.65 0.63 -46.90
C SER A 295 -45.80 1.77 -47.41
N TYR A 296 -46.44 2.92 -47.60
CA TYR A 296 -45.72 4.11 -47.96
C TYR A 296 -44.64 4.47 -46.92
N VAL A 297 -43.47 4.87 -47.43
CA VAL A 297 -42.36 5.24 -46.61
C VAL A 297 -42.02 6.70 -46.88
N LYS A 298 -42.03 7.52 -45.84
CA LYS A 298 -41.91 8.96 -45.97
C LYS A 298 -40.50 9.36 -46.41
N THR A 299 -40.41 10.36 -47.28
CA THR A 299 -39.13 10.91 -47.67
C THR A 299 -38.64 11.90 -46.61
N PRO A 300 -37.32 12.24 -46.62
CA PRO A 300 -36.83 13.26 -45.70
C PRO A 300 -37.60 14.57 -45.73
N ILE A 301 -37.89 15.09 -46.94
CA ILE A 301 -38.63 16.35 -47.06
C ILE A 301 -40.02 16.20 -46.40
N GLU A 302 -40.70 15.08 -46.62
CA GLU A 302 -41.97 14.83 -45.92
C GLU A 302 -41.84 14.82 -44.40
N VAL A 303 -40.70 14.34 -43.89
CA VAL A 303 -40.48 14.33 -42.47
C VAL A 303 -40.17 15.74 -41.98
N ILE A 304 -39.41 16.49 -42.77
CA ILE A 304 -39.01 17.83 -42.38
C ILE A 304 -40.21 18.78 -42.33
N ASP A 305 -41.14 18.62 -43.26
CA ASP A 305 -42.41 19.34 -43.24
C ASP A 305 -43.16 19.10 -41.93
N ARG A 306 -43.27 17.85 -41.54
CA ARG A 306 -43.98 17.51 -40.30
CA ARG A 306 -43.98 17.50 -40.30
C ARG A 306 -43.30 18.13 -39.08
N ILE A 307 -41.97 18.05 -39.01
CA ILE A 307 -41.26 18.69 -37.91
C ILE A 307 -41.54 20.19 -37.84
N VAL A 308 -41.45 20.88 -38.97
CA VAL A 308 -41.62 22.35 -39.02
C VAL A 308 -43.08 22.69 -38.72
N HIS A 309 -43.99 21.93 -39.32
CA HIS A 309 -45.42 22.01 -39.01
C HIS A 309 -45.68 22.02 -37.49
N ALA A 310 -45.15 21.04 -36.74
CA ALA A 310 -45.39 20.97 -35.29
C ALA A 310 -44.94 22.24 -34.57
N VAL A 311 -43.71 22.67 -34.90
CA VAL A 311 -43.08 23.75 -34.24
C VAL A 311 -43.87 25.05 -34.52
N SER A 312 -44.32 25.20 -35.75
CA SER A 312 -45.05 26.38 -36.15
C SER A 312 -46.37 26.55 -35.39
N MET A 313 -46.87 25.46 -34.79
CA MET A 313 -48.05 25.50 -33.95
C MET A 313 -47.72 25.25 -32.47
N GLY A 314 -46.45 25.45 -32.11
CA GLY A 314 -46.04 25.44 -30.71
C GLY A 314 -45.85 24.07 -30.11
N GLY A 315 -45.53 23.09 -30.96
CA GLY A 315 -45.44 21.68 -30.59
C GLY A 315 -44.10 21.05 -30.91
N ASN A 316 -43.73 20.00 -30.18
CA ASN A 316 -42.56 19.17 -30.52
C ASN A 316 -42.92 18.08 -31.56
N MET A 317 -41.90 17.55 -32.22
CA MET A 317 -42.05 16.40 -33.10
C MET A 317 -40.95 15.42 -32.79
N VAL A 318 -41.35 14.17 -32.71
CA VAL A 318 -40.44 13.06 -32.43
C VAL A 318 -40.54 12.08 -33.60
N VAL A 319 -39.38 11.77 -34.20
CA VAL A 319 -39.33 10.84 -35.35
C VAL A 319 -38.89 9.48 -34.83
N ASN A 320 -39.67 8.43 -35.11
CA ASN A 320 -39.36 7.10 -34.59
C ASN A 320 -38.37 6.29 -35.40
N PHE A 321 -37.61 5.45 -34.68
CA PHE A 321 -36.68 4.45 -35.22
C PHE A 321 -37.00 3.11 -34.56
N GLY A 322 -36.89 2.02 -35.31
CA GLY A 322 -37.08 0.70 -34.76
C GLY A 322 -35.86 -0.13 -35.08
N PRO A 323 -34.83 -0.06 -34.22
CA PRO A 323 -33.51 -0.72 -34.40
C PRO A 323 -33.63 -2.20 -34.72
N GLN A 324 -32.69 -2.73 -35.50
CA GLN A 324 -32.69 -4.17 -35.79
C GLN A 324 -32.41 -4.98 -34.50
N ALA A 325 -32.75 -6.26 -34.53
CA ALA A 325 -32.40 -7.18 -33.46
C ALA A 325 -30.89 -7.18 -33.18
N ASP A 326 -30.06 -7.03 -34.20
CA ASP A 326 -28.61 -7.06 -33.98
C ASP A 326 -28.04 -5.80 -33.31
N GLY A 327 -28.87 -4.77 -33.13
CA GLY A 327 -28.40 -3.54 -32.44
C GLY A 327 -27.90 -2.42 -33.36
N ASP A 328 -28.12 -2.61 -34.66
CA ASP A 328 -27.74 -1.59 -35.62
C ASP A 328 -29.03 -1.07 -36.26
N PHE A 329 -28.90 0.03 -36.98
CA PHE A 329 -30.02 0.65 -37.71
C PHE A 329 -30.02 0.23 -39.18
N ARG A 330 -31.19 -0.18 -39.67
CA ARG A 330 -31.42 -0.38 -41.07
C ARG A 330 -30.94 0.87 -41.86
N PRO A 331 -30.48 0.68 -43.12
CA PRO A 331 -30.08 1.76 -44.06
C PRO A 331 -31.06 2.92 -44.28
N GLU A 332 -32.35 2.65 -44.40
CA GLU A 332 -33.31 3.72 -44.64
C GLU A 332 -33.35 4.70 -43.45
N GLU A 333 -33.10 4.20 -42.25
CA GLU A 333 -33.14 5.06 -41.08
C GLU A 333 -31.86 5.88 -40.99
N LYS A 334 -30.70 5.26 -41.29
CA LYS A 334 -29.44 6.02 -41.31
C LYS A 334 -29.51 7.18 -42.33
N ALA A 335 -29.96 6.90 -43.56
CA ALA A 335 -30.21 7.94 -44.57
C ALA A 335 -31.17 9.05 -44.10
N MET A 336 -32.32 8.68 -43.50
CA MET A 336 -33.23 9.68 -42.89
C MET A 336 -32.53 10.61 -41.90
N ALA A 337 -31.90 10.00 -40.89
CA ALA A 337 -31.17 10.72 -39.87
C ALA A 337 -30.15 11.64 -40.50
N THR A 338 -29.45 11.13 -41.51
CA THR A 338 -28.40 11.93 -42.13
C THR A 338 -29.00 13.14 -42.85
N ALA A 339 -30.10 12.92 -43.56
CA ALA A 339 -30.74 13.97 -44.36
C ALA A 339 -31.39 15.07 -43.48
N ILE A 340 -32.07 14.66 -42.41
CA ILE A 340 -32.61 15.63 -41.42
C ILE A 340 -31.47 16.44 -40.81
N GLY A 341 -30.43 15.75 -40.36
CA GLY A 341 -29.23 16.39 -39.84
C GLY A 341 -28.66 17.51 -40.70
N LYS A 342 -28.54 17.26 -42.01
CA LYS A 342 -28.01 18.28 -42.94
C LYS A 342 -28.97 19.48 -42.95
N TRP A 343 -30.26 19.21 -43.18
CA TRP A 343 -31.23 20.26 -43.25
C TRP A 343 -31.25 21.07 -41.94
N MET A 344 -31.24 20.38 -40.80
CA MET A 344 -31.22 21.03 -39.50
C MET A 344 -29.96 21.83 -39.22
N ASN A 345 -28.83 21.27 -39.66
CA ASN A 345 -27.58 21.97 -39.49
C ASN A 345 -27.71 23.32 -40.18
N ARG A 346 -28.40 23.33 -41.31
CA ARG A 346 -28.51 24.52 -42.13
C ARG A 346 -29.64 25.45 -41.67
N TYR A 347 -30.81 24.88 -41.37
CA TYR A 347 -31.97 25.72 -41.12
C TYR A 347 -32.49 25.67 -39.64
N GLY A 348 -31.72 25.03 -38.76
CA GLY A 348 -32.12 24.81 -37.37
C GLY A 348 -32.50 26.01 -36.52
N LYS A 349 -31.97 27.18 -36.83
CA LYS A 349 -32.37 28.39 -36.09
C LYS A 349 -33.88 28.59 -36.19
N ALA A 350 -34.51 28.02 -37.22
CA ALA A 350 -35.96 28.17 -37.41
C ALA A 350 -36.75 27.10 -36.70
N VAL A 351 -36.07 26.23 -35.97
CA VAL A 351 -36.73 25.12 -35.28
C VAL A 351 -36.44 25.09 -33.80
N TYR A 352 -35.16 25.03 -33.43
CA TYR A 352 -34.79 25.02 -32.01
C TYR A 352 -35.25 26.29 -31.30
N ALA A 353 -35.79 26.06 -30.11
CA ALA A 353 -36.29 27.12 -29.24
C ALA A 353 -37.25 28.06 -29.92
N CYS A 354 -37.92 27.57 -30.98
CA CYS A 354 -38.95 28.34 -31.70
C CYS A 354 -40.39 27.99 -31.32
N ASP A 355 -41.36 28.77 -31.81
CA ASP A 355 -42.74 28.62 -31.35
C ASP A 355 -43.70 29.23 -32.38
N TYR A 356 -44.99 29.13 -32.10
CA TYR A 356 -46.05 29.76 -32.86
C TYR A 356 -45.79 31.26 -33.10
N ALA A 357 -45.93 31.73 -34.34
CA ALA A 357 -45.72 33.16 -34.57
C ALA A 357 -46.94 34.08 -34.59
N GLY A 358 -48.15 33.53 -34.60
CA GLY A 358 -49.33 34.37 -34.54
C GLY A 358 -49.77 35.03 -35.85
N PHE A 359 -49.28 34.49 -36.96
CA PHE A 359 -49.57 34.95 -38.33
C PHE A 359 -50.50 33.91 -38.99
N GLU A 360 -51.43 34.37 -39.83
CA GLU A 360 -52.24 33.50 -40.68
C GLU A 360 -51.41 32.56 -41.57
N LYS A 361 -51.77 31.27 -41.57
CA LYS A 361 -51.10 30.27 -42.42
C LYS A 361 -51.16 30.69 -43.87
N GLN A 362 -50.05 30.58 -44.58
CA GLN A 362 -50.00 30.78 -46.02
C GLN A 362 -49.57 29.48 -46.67
N ASP A 363 -49.86 29.36 -47.96
CA ASP A 363 -49.69 28.12 -48.70
C ASP A 363 -48.23 27.76 -48.94
N TRP A 364 -47.34 28.75 -48.92
CA TRP A 364 -45.96 28.43 -49.26
C TRP A 364 -45.27 27.66 -48.15
N GLY A 365 -45.82 27.70 -46.93
CA GLY A 365 -45.24 26.96 -45.83
C GLY A 365 -45.66 27.44 -44.45
N TYR A 366 -44.67 27.57 -43.57
CA TYR A 366 -44.91 27.79 -42.15
C TYR A 366 -44.04 28.93 -41.66
N TYR A 367 -44.57 29.68 -40.71
CA TYR A 367 -43.78 30.61 -39.94
C TYR A 367 -43.41 29.96 -38.61
N THR A 368 -42.25 30.34 -38.09
CA THR A 368 -41.95 30.10 -36.69
C THR A 368 -41.42 31.39 -36.08
N ARG A 369 -41.58 31.52 -34.76
CA ARG A 369 -41.04 32.65 -34.02
CA ARG A 369 -41.02 32.64 -34.03
C ARG A 369 -39.83 32.23 -33.17
N GLY A 370 -38.73 32.98 -33.26
CA GLY A 370 -37.53 32.77 -32.42
C GLY A 370 -37.67 33.51 -31.09
N LYS A 371 -36.68 33.38 -30.20
CA LYS A 371 -36.80 33.92 -28.83
C LYS A 371 -36.70 35.44 -28.73
N ASN A 372 -35.97 36.04 -29.67
CA ASN A 372 -35.86 37.49 -29.82
C ASN A 372 -36.81 38.05 -30.87
N ASP A 373 -37.96 37.38 -31.03
CA ASP A 373 -39.03 37.79 -31.95
C ASP A 373 -38.70 37.83 -33.42
N GLU A 374 -37.69 37.06 -33.81
CA GLU A 374 -37.44 36.81 -35.22
C GLU A 374 -38.61 35.98 -35.71
N VAL A 375 -39.08 36.27 -36.92
CA VAL A 375 -40.15 35.49 -37.55
C VAL A 375 -39.54 34.77 -38.76
N TYR A 376 -39.54 33.46 -38.72
CA TYR A 376 -38.98 32.71 -39.83
C TYR A 376 -40.08 32.27 -40.79
N MET A 377 -39.85 32.46 -42.09
CA MET A 377 -40.69 31.85 -43.09
C MET A 377 -39.99 30.61 -43.61
N VAL A 378 -40.60 29.44 -43.40
CA VAL A 378 -40.01 28.21 -43.90
C VAL A 378 -40.73 27.74 -45.16
N VAL A 379 -40.07 27.88 -46.30
CA VAL A 379 -40.76 27.67 -47.58
C VAL A 379 -40.68 26.23 -48.03
N PHE A 380 -41.82 25.58 -48.21
CA PHE A 380 -41.87 24.21 -48.68
C PHE A 380 -42.44 24.14 -50.11
N ASN A 381 -43.35 25.06 -50.39
CA ASN A 381 -44.06 25.07 -51.68
C ASN A 381 -43.74 26.37 -52.43
N GLN A 382 -42.98 26.25 -53.53
CA GLN A 382 -42.46 27.44 -54.21
C GLN A 382 -43.48 28.04 -55.19
N PRO A 383 -43.97 29.29 -54.92
CA PRO A 383 -44.94 29.85 -55.86
C PRO A 383 -44.28 30.23 -57.19
N TYR A 384 -44.95 29.88 -58.28
CA TYR A 384 -44.58 30.44 -59.59
C TYR A 384 -44.70 31.97 -59.67
N SER A 385 -45.62 32.56 -58.91
CA SER A 385 -45.69 34.02 -58.80
C SER A 385 -44.36 34.69 -58.43
N GLU A 386 -43.47 33.93 -57.80
CA GLU A 386 -42.21 34.40 -57.24
C GLU A 386 -42.41 35.41 -56.12
N ARG A 387 -43.63 35.42 -55.57
CA ARG A 387 -43.98 36.20 -54.43
C ARG A 387 -44.50 35.30 -53.31
N LEU A 388 -43.99 35.53 -52.10
CA LEU A 388 -44.49 34.86 -50.90
C LEU A 388 -45.37 35.81 -50.10
N ILE A 389 -46.64 35.43 -49.98
CA ILE A 389 -47.66 36.28 -49.40
C ILE A 389 -47.43 36.27 -47.92
N VAL A 390 -47.36 37.45 -47.31
CA VAL A 390 -47.29 37.57 -45.85
C VAL A 390 -48.38 38.53 -45.33
N LYS A 391 -49.40 38.01 -44.68
CA LYS A 391 -50.42 38.83 -44.03
C LYS A 391 -50.08 38.90 -42.55
N THR A 392 -49.78 40.11 -42.09
CA THR A 392 -49.43 40.34 -40.69
C THR A 392 -50.65 40.59 -39.79
N PRO A 393 -50.51 40.26 -38.50
CA PRO A 393 -51.56 40.66 -37.55
C PRO A 393 -51.64 42.20 -37.46
N LYS A 394 -52.74 42.69 -36.89
CA LYS A 394 -52.91 44.13 -36.74
C LYS A 394 -51.79 44.70 -35.86
N GLY A 395 -51.40 45.95 -36.16
CA GLY A 395 -50.26 46.59 -35.52
C GLY A 395 -48.88 46.18 -36.05
N ILE A 396 -48.81 45.03 -36.71
CA ILE A 396 -47.52 44.44 -37.03
C ILE A 396 -47.08 44.75 -38.47
N THR A 397 -45.88 45.30 -38.63
CA THR A 397 -45.24 45.51 -39.94
C THR A 397 -43.98 44.67 -40.10
N VAL A 398 -43.64 44.39 -41.35
CA VAL A 398 -42.40 43.74 -41.75
C VAL A 398 -41.34 44.79 -42.12
N GLU A 399 -40.21 44.82 -41.42
CA GLU A 399 -39.18 45.81 -41.70
C GLU A 399 -38.06 45.34 -42.62
N LYS A 400 -37.74 44.04 -42.58
CA LYS A 400 -36.65 43.51 -43.36
C LYS A 400 -36.91 42.05 -43.61
N ALA A 401 -36.45 41.57 -44.77
CA ALA A 401 -36.39 40.12 -45.08
C ALA A 401 -34.97 39.75 -45.50
N THR A 402 -34.46 38.66 -44.91
CA THR A 402 -33.09 38.19 -45.11
C THR A 402 -33.11 36.70 -45.41
N LEU A 403 -32.35 36.25 -46.40
CA LEU A 403 -32.22 34.82 -46.62
C LEU A 403 -31.28 34.24 -45.57
N LEU A 404 -31.78 33.31 -44.79
CA LEU A 404 -31.05 32.83 -43.62
C LEU A 404 -29.65 32.34 -43.94
N THR A 405 -29.49 31.50 -44.94
CA THR A 405 -28.15 30.95 -45.22
C THR A 405 -27.10 31.97 -45.69
N THR A 406 -27.51 33.03 -46.37
CA THR A 406 -26.52 33.93 -46.99
C THR A 406 -26.50 35.31 -46.34
N GLY A 407 -27.48 35.61 -45.49
CA GLY A 407 -27.67 36.99 -44.99
C GLY A 407 -28.09 37.99 -46.08
N GLU A 408 -28.39 37.52 -47.30
CA GLU A 408 -28.73 38.42 -48.40
C GLU A 408 -30.10 39.09 -48.24
N ASP A 409 -30.17 40.36 -48.61
CA ASP A 409 -31.39 41.13 -48.47
C ASP A 409 -32.43 40.63 -49.47
N ILE A 410 -33.68 40.54 -49.00
CA ILE A 410 -34.79 40.11 -49.85
C ILE A 410 -35.82 41.24 -49.94
N THR A 411 -36.29 41.49 -51.17
CA THR A 411 -37.29 42.51 -51.46
C THR A 411 -38.63 42.16 -50.80
N VAL A 412 -39.16 43.14 -50.07
CA VAL A 412 -40.47 43.08 -49.45
C VAL A 412 -41.29 44.19 -50.08
N VAL A 413 -42.51 43.87 -50.52
CA VAL A 413 -43.35 44.89 -51.13
C VAL A 413 -44.72 44.88 -50.50
N GLU A 414 -45.11 46.04 -50.00
CA GLU A 414 -46.44 46.23 -49.46
C GLU A 414 -47.50 46.05 -50.52
N THR A 415 -48.45 45.15 -50.32
CA THR A 415 -49.48 44.97 -51.33
C THR A 415 -50.76 45.66 -50.96
N THR A 416 -51.10 45.59 -49.68
CA THR A 416 -52.26 46.29 -49.14
C THR A 416 -52.02 46.38 -47.64
N ARG A 417 -53.03 46.79 -46.88
CA ARG A 417 -52.81 47.01 -45.45
C ARG A 417 -52.55 45.69 -44.74
N ASN A 418 -51.44 45.62 -44.00
CA ASN A 418 -51.09 44.39 -43.27
C ASN A 418 -50.77 43.26 -44.22
N GLU A 419 -50.34 43.58 -45.43
CA GLU A 419 -50.03 42.55 -46.38
C GLU A 419 -48.81 42.91 -47.25
N TYR A 420 -47.99 41.91 -47.49
CA TYR A 420 -46.73 42.10 -48.21
C TYR A 420 -46.53 40.96 -49.16
N ASN A 421 -45.72 41.18 -50.19
CA ASN A 421 -45.16 40.12 -51.04
C ASN A 421 -43.68 40.07 -50.72
N VAL A 422 -43.23 38.93 -50.18
CA VAL A 422 -41.82 38.71 -49.97
C VAL A 422 -41.29 37.97 -51.18
N SER A 423 -40.26 38.51 -51.82
CA SER A 423 -39.80 37.91 -53.06
C SER A 423 -39.16 36.57 -52.74
N VAL A 424 -39.26 35.61 -53.66
CA VAL A 424 -38.40 34.45 -53.57
C VAL A 424 -36.97 34.90 -53.87
N PRO A 425 -35.95 34.18 -53.37
CA PRO A 425 -34.59 34.61 -53.64
C PRO A 425 -34.27 34.58 -55.13
N LYS A 426 -33.30 35.41 -55.50
CA LYS A 426 -32.74 35.49 -56.83
C LYS A 426 -32.39 34.10 -57.42
N LYS A 427 -31.74 33.24 -56.62
CA LYS A 427 -31.48 31.85 -57.00
C LYS A 427 -32.36 30.89 -56.19
N ASN A 428 -33.11 30.04 -56.87
CA ASN A 428 -33.93 29.05 -56.21
C ASN A 428 -33.06 28.17 -55.32
N PRO A 429 -33.34 28.13 -54.01
CA PRO A 429 -32.43 27.34 -53.15
C PRO A 429 -32.48 25.83 -53.39
N GLY A 430 -33.48 25.37 -54.15
CA GLY A 430 -33.56 23.95 -54.52
C GLY A 430 -33.91 22.97 -53.42
N GLU A 431 -34.34 23.49 -52.26
CA GLU A 431 -34.78 22.70 -51.06
C GLU A 431 -35.70 23.60 -50.20
N PRO A 432 -36.43 23.02 -49.21
CA PRO A 432 -37.16 23.90 -48.32
C PRO A 432 -36.20 24.84 -47.70
N TYR A 433 -36.57 26.12 -47.65
CA TYR A 433 -35.63 27.14 -47.23
C TYR A 433 -36.23 28.17 -46.23
N VAL A 434 -35.38 29.01 -45.64
CA VAL A 434 -35.83 29.96 -44.63
C VAL A 434 -35.49 31.40 -44.94
N ILE A 435 -36.51 32.24 -44.93
CA ILE A 435 -36.33 33.68 -44.90
C ILE A 435 -36.73 34.18 -43.52
N GLN A 436 -35.89 35.04 -42.96
CA GLN A 436 -36.09 35.63 -41.63
C GLN A 436 -36.57 37.07 -41.78
N LEU A 437 -37.71 37.35 -41.16
CA LEU A 437 -38.23 38.71 -41.17
C LEU A 437 -37.83 39.44 -39.90
N LYS A 438 -37.40 40.69 -40.05
CA LYS A 438 -37.45 41.63 -38.95
C LYS A 438 -38.85 42.16 -38.93
N VAL A 439 -39.56 41.93 -37.83
CA VAL A 439 -40.86 42.55 -37.65
C VAL A 439 -40.81 43.62 -36.56
N ARG A 440 -41.81 44.48 -36.56
CA ARG A 440 -41.95 45.55 -35.59
C ARG A 440 -43.41 45.65 -35.14
N ALA A 441 -43.63 45.76 -33.83
CA ALA A 441 -44.98 45.88 -33.24
C ALA A 441 -45.26 47.33 -32.91
N ALA A 442 -46.47 47.81 -33.20
CA ALA A 442 -46.79 49.22 -32.94
C ALA A 442 -47.40 49.39 -31.55
N LYS A 443 -47.39 50.63 -31.01
CA LYS A 443 -48.03 51.00 -29.71
C LYS A 443 -47.13 50.85 -28.48
N GLU B 5 -42.71 -11.27 36.09
CA GLU B 5 -42.52 -11.03 34.64
C GLU B 5 -43.21 -9.75 34.15
N ILE B 6 -42.67 -8.58 34.49
CA ILE B 6 -43.20 -7.26 34.12
C ILE B 6 -44.00 -7.25 32.77
N PRO B 7 -45.27 -6.77 32.79
CA PRO B 7 -46.04 -6.63 31.55
C PRO B 7 -45.52 -5.41 30.78
N LEU B 8 -45.41 -5.54 29.46
CA LEU B 8 -44.87 -4.48 28.62
C LEU B 8 -45.55 -4.58 27.29
N LYS B 9 -45.86 -3.43 26.71
CA LYS B 9 -46.43 -3.40 25.39
C LYS B 9 -45.33 -3.18 24.31
N TYR B 10 -44.19 -2.59 24.72
CA TYR B 10 -43.09 -2.23 23.81
C TYR B 10 -41.77 -2.92 24.11
N GLY B 11 -41.83 -4.12 24.67
CA GLY B 11 -40.64 -4.91 24.93
C GLY B 11 -40.32 -5.82 23.75
N ALA B 12 -39.62 -6.91 24.03
CA ALA B 12 -39.20 -7.85 22.98
C ALA B 12 -40.34 -8.43 22.14
N THR B 13 -40.04 -8.72 20.88
CA THR B 13 -40.97 -9.32 19.92
C THR B 13 -40.52 -10.74 19.58
N ASN B 14 -39.32 -10.88 19.02
CA ASN B 14 -38.70 -12.18 18.75
C ASN B 14 -38.60 -13.07 20.02
N GLU B 15 -38.82 -14.37 19.85
CA GLU B 15 -38.64 -15.37 20.91
C GLU B 15 -37.14 -15.63 21.08
N GLY B 16 -36.56 -16.36 20.15
CA GLY B 16 -35.10 -16.56 20.13
C GLY B 16 -34.57 -15.97 18.84
N LYS B 17 -33.65 -16.66 18.18
CA LYS B 17 -33.07 -16.15 16.94
C LYS B 17 -34.07 -16.31 15.81
N ARG B 18 -34.19 -15.32 14.96
CA ARG B 18 -34.96 -15.49 13.73
C ARG B 18 -34.25 -16.51 12.84
N GLN B 19 -35.00 -17.39 12.18
CA GLN B 19 -34.42 -18.34 11.21
C GLN B 19 -35.13 -18.32 9.86
N ASP B 20 -35.83 -17.23 9.56
CA ASP B 20 -36.28 -16.96 8.20
C ASP B 20 -35.03 -16.76 7.33
N PRO B 21 -35.12 -17.05 6.02
CA PRO B 21 -33.94 -16.94 5.15
C PRO B 21 -33.21 -15.60 5.20
N ALA B 22 -33.94 -14.49 5.31
CA ALA B 22 -33.27 -13.17 5.33
C ALA B 22 -32.29 -13.00 6.52
N MET B 23 -32.71 -13.39 7.72
CA MET B 23 -31.84 -13.40 8.91
C MET B 23 -30.68 -14.40 8.80
N GLN B 24 -30.93 -15.55 8.16
CA GLN B 24 -29.85 -16.52 7.91
C GLN B 24 -28.79 -15.92 7.01
N LYS B 25 -29.22 -15.22 5.97
CA LYS B 25 -28.32 -14.43 5.11
C LYS B 25 -27.55 -13.35 5.90
N PHE B 26 -28.23 -12.61 6.77
CA PHE B 26 -27.60 -11.54 7.57
C PHE B 26 -26.51 -12.13 8.42
N ARG B 27 -26.85 -13.22 9.09
CA ARG B 27 -25.91 -14.00 9.87
C ARG B 27 -24.74 -14.51 9.05
N ASP B 28 -25.04 -15.31 8.00
CA ASP B 28 -24.01 -16.04 7.25
C ASP B 28 -23.03 -15.12 6.55
N ASN B 29 -23.47 -13.93 6.17
CA ASN B 29 -22.57 -12.89 5.65
C ASN B 29 -21.33 -12.76 6.53
N ARG B 30 -21.57 -12.65 7.84
CA ARG B 30 -20.54 -12.51 8.88
C ARG B 30 -19.61 -11.27 8.86
N LEU B 31 -18.98 -10.99 7.73
CA LEU B 31 -18.00 -9.93 7.61
C LEU B 31 -18.55 -8.77 6.79
N GLY B 32 -18.60 -7.61 7.44
CA GLY B 32 -19.15 -6.40 6.84
C GLY B 32 -18.17 -5.25 6.92
N ALA B 33 -18.45 -4.23 6.11
CA ALA B 33 -17.70 -2.99 6.15
C ALA B 33 -18.68 -1.93 6.55
N PHE B 34 -18.19 -0.91 7.26
CA PHE B 34 -19.04 0.24 7.61
C PHE B 34 -18.53 1.44 6.81
N ILE B 35 -19.44 2.26 6.27
CA ILE B 35 -19.09 3.58 5.68
C ILE B 35 -19.63 4.71 6.55
N HIS B 36 -18.72 5.51 7.10
CA HIS B 36 -19.05 6.78 7.71
C HIS B 36 -18.61 7.91 6.79
N TRP B 37 -19.58 8.53 6.15
CA TRP B 37 -19.27 9.58 5.19
C TRP B 37 -20.36 10.60 5.34
N GLY B 38 -19.94 11.83 5.57
CA GLY B 38 -20.88 12.95 5.74
C GLY B 38 -20.03 14.19 5.73
N LEU B 39 -20.59 15.31 6.17
CA LEU B 39 -19.94 16.61 5.98
C LEU B 39 -18.67 16.74 6.80
N TYR B 40 -18.61 16.00 7.90
CA TYR B 40 -17.45 15.96 8.82
C TYR B 40 -16.14 15.59 8.16
N ALA B 41 -16.22 14.88 7.04
CA ALA B 41 -15.06 14.50 6.27
C ALA B 41 -14.35 15.73 5.70
N ILE B 42 -15.04 16.87 5.63
CA ILE B 42 -14.44 18.06 5.05
C ILE B 42 -13.43 18.65 6.03
N PRO B 43 -13.88 19.11 7.22
CA PRO B 43 -12.93 19.60 8.19
C PRO B 43 -11.99 18.53 8.76
N GLY B 44 -12.41 17.27 8.70
CA GLY B 44 -11.52 16.14 9.03
C GLY B 44 -10.94 16.11 10.44
N GLY B 45 -11.75 16.46 11.44
CA GLY B 45 -11.26 16.52 12.80
C GLY B 45 -10.70 17.88 13.21
N GLU B 46 -10.67 18.82 12.27
CA GLU B 46 -10.07 20.13 12.53
C GLU B 46 -11.01 21.30 12.21
N TRP B 47 -11.24 22.13 13.22
CA TRP B 47 -12.08 23.31 13.03
C TRP B 47 -11.27 24.59 13.14
N ASN B 48 -11.31 25.34 12.05
CA ASN B 48 -10.78 26.68 12.04
C ASN B 48 -9.43 26.71 12.75
N GLY B 49 -8.50 25.93 12.22
CA GLY B 49 -7.16 25.84 12.76
C GLY B 49 -6.89 25.03 14.03
N LYS B 50 -7.90 24.51 14.70
CA LYS B 50 -7.66 23.70 15.91
C LYS B 50 -8.05 22.23 15.70
N VAL B 51 -7.08 21.33 15.81
CA VAL B 51 -7.32 19.89 15.66
C VAL B 51 -7.86 19.32 16.97
N TYR B 52 -9.00 18.61 16.92
CA TYR B 52 -9.59 17.96 18.08
C TYR B 52 -9.38 16.43 18.02
N GLY B 53 -9.02 15.86 19.18
CA GLY B 53 -8.70 14.46 19.32
C GLY B 53 -9.94 13.60 19.35
N GLY B 54 -11.07 14.19 19.78
CA GLY B 54 -12.36 13.49 19.77
C GLY B 54 -12.70 12.98 18.36
N ALA B 55 -13.64 12.03 18.30
CA ALA B 55 -14.15 11.44 17.06
C ALA B 55 -14.53 12.51 16.03
N ALA B 56 -14.07 12.33 14.80
CA ALA B 56 -14.26 13.37 13.78
C ALA B 56 -15.70 13.66 13.47
N GLU B 57 -16.50 12.61 13.32
CA GLU B 57 -17.93 12.79 13.03
C GLU B 57 -18.67 13.63 14.09
N TRP B 58 -18.08 13.75 15.29
CA TRP B 58 -18.64 14.56 16.39
C TRP B 58 -18.01 15.96 16.52
N LEU B 59 -17.23 16.38 15.53
CA LEU B 59 -16.56 17.67 15.60
C LEU B 59 -17.53 18.84 15.80
N LYS B 60 -18.71 18.78 15.18
CA LYS B 60 -19.69 19.85 15.40
C LYS B 60 -19.84 20.13 16.90
N SER B 61 -19.95 19.05 17.68
CA SER B 61 -20.02 19.13 19.13
C SER B 61 -18.75 19.70 19.73
N TRP B 62 -17.60 19.03 19.56
CA TRP B 62 -16.35 19.46 20.19
C TRP B 62 -16.02 20.95 19.99
N ALA B 63 -16.26 21.45 18.78
CA ALA B 63 -15.95 22.82 18.44
C ALA B 63 -17.15 23.73 18.63
N LYS B 64 -18.28 23.17 19.10
CA LYS B 64 -19.48 23.97 19.39
C LYS B 64 -19.92 24.80 18.18
N VAL B 65 -19.99 24.16 17.02
CA VAL B 65 -20.39 24.85 15.79
C VAL B 65 -21.90 24.82 15.76
N PRO B 66 -22.54 25.99 15.61
CA PRO B 66 -24.00 26.04 15.44
C PRO B 66 -24.42 25.38 14.12
N ALA B 67 -25.62 24.79 14.11
CA ALA B 67 -26.12 24.07 12.94
C ALA B 67 -25.98 24.85 11.65
N ASP B 68 -26.32 26.15 11.70
CA ASP B 68 -26.38 26.96 10.48
C ASP B 68 -24.99 27.11 9.88
N GLU B 69 -24.01 27.31 10.75
CA GLU B 69 -22.63 27.27 10.31
C GLU B 69 -22.18 25.89 9.85
N TRP B 70 -22.44 24.86 10.66
CA TRP B 70 -21.95 23.53 10.32
C TRP B 70 -22.41 23.12 8.92
N LEU B 71 -23.69 23.39 8.64
CA LEU B 71 -24.30 22.94 7.39
C LEU B 71 -23.82 23.65 6.10
N LYS B 72 -23.19 24.83 6.25
CA LYS B 72 -22.60 25.53 5.10
C LYS B 72 -21.50 24.69 4.45
N LEU B 73 -20.93 23.75 5.22
CA LEU B 73 -20.00 22.76 4.66
C LEU B 73 -20.58 22.10 3.40
N MET B 74 -21.92 22.00 3.34
CA MET B 74 -22.60 21.57 2.13
C MET B 74 -22.10 22.26 0.86
N ASP B 75 -21.79 23.55 0.94
CA ASP B 75 -21.29 24.31 -0.22
C ASP B 75 -19.92 23.82 -0.68
N GLN B 76 -19.25 23.03 0.16
CA GLN B 76 -17.92 22.53 -0.19
C GLN B 76 -17.95 21.05 -0.59
N TRP B 77 -19.12 20.44 -0.54
CA TRP B 77 -19.27 19.02 -0.74
C TRP B 77 -19.23 18.66 -2.22
N ASN B 78 -18.10 18.13 -2.65
CA ASN B 78 -17.84 17.93 -4.06
C ASN B 78 -16.78 16.84 -4.25
N PRO B 79 -17.16 15.59 -3.96
CA PRO B 79 -16.18 14.51 -4.01
C PRO B 79 -15.90 14.01 -5.43
N THR B 80 -15.00 14.70 -6.13
CA THR B 80 -14.72 14.40 -7.51
C THR B 80 -14.01 13.07 -7.73
N LYS B 81 -13.41 12.49 -6.69
CA LYS B 81 -12.82 11.14 -6.82
C LYS B 81 -13.87 10.03 -6.60
N PHE B 82 -15.01 10.36 -5.99
CA PHE B 82 -16.04 9.34 -5.74
C PHE B 82 -16.35 8.50 -6.98
N ASP B 83 -16.43 7.18 -6.83
CA ASP B 83 -16.80 6.24 -7.91
C ASP B 83 -17.36 4.97 -7.26
N ALA B 84 -18.68 4.83 -7.31
CA ALA B 84 -19.37 3.80 -6.56
C ALA B 84 -18.89 2.41 -6.97
N LYS B 85 -18.63 2.23 -8.26
CA LYS B 85 -18.14 0.94 -8.74
C LYS B 85 -16.82 0.60 -8.07
N LYS B 86 -15.99 1.61 -7.84
CA LYS B 86 -14.69 1.36 -7.25
C LYS B 86 -14.82 0.98 -5.77
N TRP B 87 -15.66 1.72 -5.05
CA TRP B 87 -15.98 1.41 -3.65
C TRP B 87 -16.44 -0.03 -3.50
N ALA B 88 -17.35 -0.45 -4.37
CA ALA B 88 -17.88 -1.83 -4.41
C ALA B 88 -16.84 -2.89 -4.77
N LYS B 89 -15.92 -2.54 -5.68
CA LYS B 89 -14.80 -3.42 -6.01
C LYS B 89 -13.87 -3.56 -4.83
N MET B 90 -13.56 -2.47 -4.16
CA MET B 90 -12.75 -2.51 -2.95
C MET B 90 -13.39 -3.49 -1.95
N ALA B 91 -14.67 -3.27 -1.65
CA ALA B 91 -15.42 -4.18 -0.75
C ALA B 91 -15.44 -5.64 -1.25
N LYS B 92 -15.61 -5.87 -2.54
CA LYS B 92 -15.58 -7.26 -3.05
C LYS B 92 -14.19 -7.89 -2.80
N GLU B 93 -13.13 -7.14 -3.12
CA GLU B 93 -11.77 -7.60 -2.90
C GLU B 93 -11.42 -7.84 -1.42
N MET B 94 -11.98 -7.03 -0.53
CA MET B 94 -11.81 -7.19 0.92
C MET B 94 -12.47 -8.49 1.45
N GLY B 95 -13.38 -9.06 0.66
CA GLY B 95 -14.22 -10.16 1.11
C GLY B 95 -15.41 -9.77 1.96
N THR B 96 -15.86 -8.53 1.88
CA THR B 96 -16.99 -8.12 2.71
C THR B 96 -18.24 -8.57 2.00
N LYS B 97 -19.23 -9.01 2.77
CA LYS B 97 -20.44 -9.58 2.22
C LYS B 97 -21.59 -8.57 2.31
N TYR B 98 -21.35 -7.49 3.06
CA TYR B 98 -22.32 -6.44 3.23
C TYR B 98 -21.67 -5.18 3.69
N VAL B 99 -22.34 -4.08 3.42
CA VAL B 99 -21.84 -2.78 3.80
C VAL B 99 -22.94 -1.99 4.44
N LYS B 100 -22.61 -1.45 5.62
CA LYS B 100 -23.49 -0.52 6.36
C LYS B 100 -23.07 0.91 6.06
N ILE B 101 -24.02 1.73 5.58
CA ILE B 101 -23.73 3.10 5.18
C ILE B 101 -24.45 4.11 6.05
N THR B 102 -23.74 5.15 6.46
CA THR B 102 -24.40 6.25 7.14
C THR B 102 -25.26 7.03 6.12
N THR B 103 -26.58 6.81 6.18
CA THR B 103 -27.53 7.60 5.39
C THR B 103 -27.62 9.03 5.87
N LYS B 104 -27.52 9.18 7.19
CA LYS B 104 -27.63 10.48 7.87
C LYS B 104 -27.02 10.30 9.23
N HIS B 105 -26.00 11.10 9.55
CA HIS B 105 -25.37 10.98 10.86
C HIS B 105 -25.98 12.07 11.79
N HIS B 106 -25.46 12.25 13.02
CA HIS B 106 -26.05 13.24 13.94
C HIS B 106 -26.25 14.62 13.33
N GLU B 107 -25.31 15.02 12.47
CA GLU B 107 -25.24 16.33 11.84
C GLU B 107 -26.46 16.59 10.97
N GLY B 108 -27.07 15.52 10.44
CA GLY B 108 -28.37 15.61 9.82
C GLY B 108 -28.36 15.70 8.30
N PHE B 109 -27.16 15.76 7.73
CA PHE B 109 -26.95 15.84 6.31
C PHE B 109 -27.20 14.50 5.66
N CYS B 110 -28.13 14.46 4.69
CA CYS B 110 -28.51 13.21 4.07
C CYS B 110 -27.72 12.88 2.82
N LEU B 111 -27.31 11.62 2.71
CA LEU B 111 -26.59 11.12 1.56
C LEU B 111 -27.50 10.70 0.40
N TRP B 112 -28.81 10.70 0.64
CA TRP B 112 -29.81 10.54 -0.42
C TRP B 112 -30.58 11.90 -0.47
N PRO B 113 -31.18 12.24 -1.64
CA PRO B 113 -31.89 13.54 -1.76
C PRO B 113 -33.29 13.59 -1.11
N SER B 114 -33.34 13.55 0.23
CA SER B 114 -34.60 13.52 0.98
C SER B 114 -35.50 14.72 0.67
N LYS B 115 -36.79 14.46 0.67
CA LYS B 115 -37.83 15.42 0.32
C LYS B 115 -38.15 16.22 1.56
N TYR B 116 -37.75 15.70 2.73
CA TYR B 116 -38.25 16.27 3.98
C TYR B 116 -37.27 17.24 4.62
N THR B 117 -36.19 17.58 3.91
CA THR B 117 -35.20 18.55 4.39
C THR B 117 -34.33 19.04 3.26
N LYS B 118 -33.84 20.26 3.35
CA LYS B 118 -32.89 20.80 2.35
C LYS B 118 -31.47 20.31 2.57
N TYR B 119 -31.18 19.77 3.75
CA TYR B 119 -29.80 19.43 4.08
C TYR B 119 -29.46 18.08 3.52
N THR B 120 -29.32 18.04 2.19
CA THR B 120 -29.05 16.79 1.49
C THR B 120 -28.06 16.99 0.36
N VAL B 121 -27.61 15.86 -0.19
CA VAL B 121 -26.65 15.82 -1.26
C VAL B 121 -27.09 16.63 -2.47
N ALA B 122 -28.39 16.76 -2.66
CA ALA B 122 -28.98 17.55 -3.74
C ALA B 122 -28.55 19.00 -3.71
N ASN B 123 -28.44 19.61 -2.52
CA ASN B 123 -28.15 21.03 -2.47
C ASN B 123 -26.70 21.27 -2.20
N THR B 124 -25.85 20.52 -2.90
CA THR B 124 -24.41 20.65 -2.87
C THR B 124 -23.91 20.68 -4.29
N PRO B 125 -22.71 21.24 -4.52
CA PRO B 125 -22.16 21.23 -5.88
C PRO B 125 -22.21 19.85 -6.56
N TYR B 126 -22.10 18.78 -5.77
CA TYR B 126 -22.04 17.42 -6.34
C TYR B 126 -23.42 16.95 -6.83
N LYS B 127 -24.48 17.42 -6.15
CA LYS B 127 -25.88 17.22 -6.54
C LYS B 127 -26.39 15.77 -6.43
N ARG B 128 -25.54 14.83 -6.78
CA ARG B 128 -25.93 13.45 -7.00
C ARG B 128 -26.34 12.60 -5.77
N ASP B 129 -27.17 11.60 -6.06
CA ASP B 129 -27.66 10.70 -5.03
C ASP B 129 -26.58 9.65 -4.72
N ILE B 130 -25.64 10.02 -3.86
CA ILE B 130 -24.59 9.12 -3.36
C ILE B 130 -25.09 7.76 -2.86
N LEU B 131 -26.01 7.80 -1.91
CA LEU B 131 -26.61 6.59 -1.36
C LEU B 131 -27.13 5.64 -2.47
N GLY B 132 -27.93 6.18 -3.38
CA GLY B 132 -28.44 5.44 -4.51
C GLY B 132 -27.36 4.79 -5.38
N GLU B 133 -26.28 5.51 -5.62
CA GLU B 133 -25.19 4.95 -6.42
C GLU B 133 -24.46 3.88 -5.65
N LEU B 134 -24.33 4.06 -4.34
CA LEU B 134 -23.72 2.99 -3.54
C LEU B 134 -24.57 1.71 -3.50
N VAL B 135 -25.87 1.89 -3.32
CA VAL B 135 -26.78 0.76 -3.26
C VAL B 135 -26.66 0.00 -4.54
N LYS B 136 -26.79 0.69 -5.65
CA LYS B 136 -26.66 0.09 -6.97
C LYS B 136 -25.31 -0.66 -7.10
N ALA B 137 -24.19 0.06 -6.94
CA ALA B 137 -22.84 -0.51 -7.03
C ALA B 137 -22.58 -1.72 -6.12
N TYR B 138 -22.87 -1.60 -4.82
CA TYR B 138 -22.61 -2.77 -3.96
C TYR B 138 -23.46 -3.94 -4.40
N ASN B 139 -24.75 -3.68 -4.66
CA ASN B 139 -25.68 -4.76 -5.06
C ASN B 139 -25.20 -5.47 -6.34
N ASP B 140 -24.75 -4.69 -7.31
CA ASP B 140 -24.17 -5.24 -8.53
C ASP B 140 -23.07 -6.25 -8.26
N GLU B 141 -22.33 -6.06 -7.17
CA GLU B 141 -21.28 -7.00 -6.74
C GLU B 141 -21.78 -8.13 -5.84
N GLY B 142 -23.09 -8.22 -5.60
CA GLY B 142 -23.65 -9.30 -4.77
C GLY B 142 -23.52 -9.03 -3.27
N ILE B 143 -23.46 -7.75 -2.91
CA ILE B 143 -23.13 -7.32 -1.58
C ILE B 143 -24.37 -6.63 -1.02
N ASP B 144 -24.89 -7.19 0.06
CA ASP B 144 -26.02 -6.57 0.80
C ASP B 144 -25.68 -5.17 1.31
N VAL B 145 -26.69 -4.33 1.39
CA VAL B 145 -26.57 -2.98 1.92
C VAL B 145 -27.45 -2.77 3.13
N HIS B 146 -26.83 -2.27 4.20
CA HIS B 146 -27.51 -1.92 5.44
C HIS B 146 -27.47 -0.40 5.61
N PHE B 147 -28.48 0.14 6.28
CA PHE B 147 -28.59 1.57 6.43
C PHE B 147 -28.41 1.99 7.86
N TYR B 148 -27.34 2.75 8.10
CA TYR B 148 -27.11 3.38 9.39
C TYR B 148 -28.03 4.58 9.35
N PHE B 149 -28.69 4.88 10.45
CA PHE B 149 -29.53 6.07 10.55
C PHE B 149 -29.46 6.64 11.96
N SER B 150 -29.25 7.94 12.07
CA SER B 150 -29.18 8.58 13.37
C SER B 150 -30.49 9.24 13.65
N VAL B 151 -31.09 8.87 14.77
CA VAL B 151 -32.36 9.45 15.13
C VAL B 151 -32.12 10.86 15.60
N MET B 152 -31.29 11.04 16.63
CA MET B 152 -30.77 12.39 16.97
C MET B 152 -30.37 13.17 15.72
N ASP B 153 -30.84 14.40 15.59
CA ASP B 153 -30.58 15.15 14.35
C ASP B 153 -30.31 16.58 14.72
N TRP B 154 -29.05 16.97 14.61
CA TRP B 154 -28.58 18.30 15.00
C TRP B 154 -28.96 19.39 14.02
N SER B 155 -29.62 19.03 12.93
CA SER B 155 -29.96 20.04 11.91
C SER B 155 -31.45 20.36 11.96
N ASN B 156 -32.21 19.58 12.71
CA ASN B 156 -33.65 19.78 12.83
C ASN B 156 -33.94 20.47 14.15
N PRO B 157 -34.49 21.70 14.10
CA PRO B 157 -34.76 22.43 15.36
C PRO B 157 -35.86 21.79 16.24
N ASP B 158 -36.67 20.88 15.70
CA ASP B 158 -37.62 20.12 16.53
C ASP B 158 -37.02 19.02 17.40
N TYR B 159 -35.77 18.64 17.16
CA TYR B 159 -35.17 17.63 18.06
C TYR B 159 -35.05 18.17 19.49
N ARG B 160 -35.33 17.28 20.45
CA ARG B 160 -35.16 17.54 21.87
C ARG B 160 -34.37 16.41 22.53
N TYR B 161 -33.52 16.78 23.49
CA TYR B 161 -32.72 15.82 24.25
C TYR B 161 -33.59 15.25 25.39
N ASP B 162 -34.54 16.07 25.86
CA ASP B 162 -35.48 15.70 26.92
C ASP B 162 -36.83 16.37 26.66
N ILE B 163 -37.88 15.88 27.31
CA ILE B 163 -39.20 16.45 27.16
C ILE B 163 -39.53 17.13 28.49
N LYS B 164 -39.41 18.45 28.52
CA LYS B 164 -39.51 19.15 29.81
C LYS B 164 -40.73 20.07 29.90
N SER B 165 -41.26 20.45 28.74
CA SER B 165 -42.44 21.30 28.67
C SER B 165 -43.44 20.83 27.63
N LYS B 166 -44.58 21.51 27.60
CA LYS B 166 -45.60 21.32 26.55
C LYS B 166 -44.96 21.60 25.18
N GLU B 167 -44.19 22.68 25.13
CA GLU B 167 -43.49 23.08 23.94
C GLU B 167 -42.54 21.96 23.44
N ASP B 168 -41.82 21.30 24.35
CA ASP B 168 -40.91 20.20 23.99
C ASP B 168 -41.65 19.03 23.33
N SER B 169 -42.77 18.67 23.91
CA SER B 169 -43.58 17.57 23.44
C SER B 169 -44.15 17.84 22.04
N ILE B 170 -44.58 19.08 21.80
CA ILE B 170 -45.13 19.52 20.48
C ILE B 170 -44.05 19.35 19.43
N ALA B 171 -42.86 19.89 19.71
CA ALA B 171 -41.73 19.82 18.79
C ALA B 171 -41.33 18.35 18.53
N PHE B 172 -41.27 17.55 19.58
CA PHE B 172 -40.69 16.24 19.42
C PHE B 172 -41.67 15.36 18.65
N SER B 173 -42.97 15.54 18.92
CA SER B 173 -43.97 14.74 18.19
C SER B 173 -43.80 14.98 16.70
N ARG B 174 -43.63 16.25 16.33
CA ARG B 174 -43.43 16.60 14.94
C ARG B 174 -42.13 16.00 14.44
N PHE B 175 -41.13 15.94 15.33
CA PHE B 175 -39.83 15.37 14.96
C PHE B 175 -39.92 13.85 14.69
N LEU B 176 -40.72 13.15 15.50
CA LEU B 176 -40.95 11.74 15.30
C LEU B 176 -41.66 11.52 13.97
N GLU B 177 -42.53 12.45 13.58
CA GLU B 177 -43.21 12.33 12.30
C GLU B 177 -42.20 12.58 11.17
N PHE B 178 -41.41 13.64 11.30
CA PHE B 178 -40.29 13.88 10.38
C PHE B 178 -39.39 12.64 10.18
N THR B 179 -39.10 11.94 11.29
CA THR B 179 -38.18 10.82 11.28
C THR B 179 -38.83 9.66 10.56
N ASP B 180 -40.09 9.41 10.91
CA ASP B 180 -40.93 8.44 10.22
C ASP B 180 -40.89 8.65 8.72
N ASN B 181 -41.06 9.90 8.31
CA ASN B 181 -41.03 10.22 6.90
C ASN B 181 -39.74 9.85 6.20
N GLN B 182 -38.61 10.17 6.84
CA GLN B 182 -37.32 9.82 6.27
C GLN B 182 -37.13 8.31 6.17
N LEU B 183 -37.62 7.59 7.18
CA LEU B 183 -37.43 6.16 7.22
C LEU B 183 -38.24 5.50 6.11
N LYS B 184 -39.42 6.05 5.87
CA LYS B 184 -40.34 5.47 4.90
C LYS B 184 -39.78 5.68 3.50
N GLU B 185 -39.20 6.86 3.31
CA GLU B 185 -38.54 7.26 2.09
C GLU B 185 -37.36 6.37 1.81
N LEU B 186 -36.49 6.16 2.82
CA LEU B 186 -35.37 5.25 2.62
C LEU B 186 -35.84 3.87 2.19
N ALA B 187 -36.83 3.34 2.90
CA ALA B 187 -37.41 2.03 2.60
C ALA B 187 -38.00 1.86 1.19
N THR B 188 -38.78 2.85 0.71
CA THR B 188 -39.38 2.79 -0.63
C THR B 188 -38.43 3.20 -1.78
N ARG B 189 -37.54 4.17 -1.55
CA ARG B 189 -36.51 4.52 -2.55
C ARG B 189 -35.49 3.40 -2.80
N TYR B 190 -35.15 2.64 -1.74
CA TYR B 190 -34.06 1.65 -1.77
C TYR B 190 -34.50 0.26 -1.25
N PRO B 191 -35.50 -0.35 -1.91
CA PRO B 191 -36.10 -1.56 -1.33
C PRO B 191 -35.20 -2.80 -1.20
N THR B 192 -33.98 -2.77 -1.74
CA THR B 192 -33.02 -3.85 -1.44
C THR B 192 -32.37 -3.74 -0.08
N VAL B 193 -32.60 -2.63 0.64
CA VAL B 193 -32.05 -2.49 1.98
C VAL B 193 -32.39 -3.75 2.82
N LYS B 194 -31.40 -4.25 3.57
CA LYS B 194 -31.55 -5.46 4.38
C LYS B 194 -31.49 -5.24 5.89
N ASP B 195 -31.15 -4.02 6.31
CA ASP B 195 -30.97 -3.73 7.71
C ASP B 195 -31.09 -2.23 7.96
N PHE B 196 -31.72 -1.88 9.09
CA PHE B 196 -31.62 -0.54 9.63
C PHE B 196 -30.88 -0.58 10.98
N TRP B 197 -29.80 0.21 11.06
CA TRP B 197 -28.95 0.28 12.20
C TRP B 197 -29.08 1.68 12.80
N PHE B 198 -29.89 1.77 13.84
CA PHE B 198 -30.13 3.06 14.47
C PHE B 198 -29.03 3.47 15.43
N ASP B 199 -28.85 4.77 15.54
CA ASP B 199 -27.89 5.35 16.48
C ASP B 199 -28.48 6.68 17.04
N GLY B 200 -27.87 7.25 18.04
CA GLY B 200 -28.39 8.47 18.64
C GLY B 200 -29.81 8.26 19.12
N THR B 201 -30.02 7.19 19.86
CA THR B 201 -31.34 6.92 20.45
C THR B 201 -31.28 6.86 22.00
N TRP B 202 -30.20 7.38 22.61
CA TRP B 202 -29.96 7.28 24.07
C TRP B 202 -30.60 8.38 24.89
N ASP B 203 -31.11 9.42 24.22
CA ASP B 203 -31.52 10.60 24.93
C ASP B 203 -32.82 10.33 25.66
N ALA B 204 -33.01 11.10 26.74
CA ALA B 204 -34.14 10.88 27.58
C ALA B 204 -35.42 10.97 26.72
N SER B 205 -35.38 11.85 25.72
CA SER B 205 -36.55 12.07 24.86
C SER B 205 -37.00 10.79 24.17
N VAL B 206 -36.03 10.03 23.67
CA VAL B 206 -36.29 8.73 23.04
C VAL B 206 -36.70 7.67 24.05
N LYS B 207 -36.01 7.59 25.19
CA LYS B 207 -36.33 6.60 26.23
C LYS B 207 -37.76 6.77 26.76
N LYS B 208 -38.22 8.00 26.82
CA LYS B 208 -39.56 8.28 27.30
C LYS B 208 -40.64 7.93 26.25
N ASN B 209 -40.21 7.57 25.05
CA ASN B 209 -41.10 7.27 23.91
C ASN B 209 -40.74 5.91 23.29
N GLY B 210 -40.55 4.94 24.17
CA GLY B 210 -40.29 3.57 23.80
C GLY B 210 -41.27 3.09 22.75
N TRP B 211 -42.52 3.53 22.87
CA TRP B 211 -43.60 3.18 21.90
C TRP B 211 -43.19 3.50 20.45
N TRP B 212 -42.51 4.63 20.30
CA TRP B 212 -42.08 5.09 18.99
C TRP B 212 -41.02 4.12 18.43
N THR B 213 -40.08 3.66 19.27
CA THR B 213 -39.03 2.73 18.81
C THR B 213 -39.61 1.39 18.41
N ALA B 214 -40.60 0.90 19.14
CA ALA B 214 -41.30 -0.34 18.71
C ALA B 214 -42.07 -0.10 17.41
N HIS B 215 -42.71 1.06 17.32
CA HIS B 215 -43.41 1.45 16.09
C HIS B 215 -42.43 1.55 14.94
N ALA B 216 -41.26 2.14 15.18
CA ALA B 216 -40.31 2.28 14.11
C ALA B 216 -39.92 0.91 13.54
N GLU B 217 -39.67 -0.04 14.43
CA GLU B 217 -39.25 -1.36 14.01
C GLU B 217 -40.33 -2.06 13.20
N GLN B 218 -41.56 -2.05 13.72
CA GLN B 218 -42.73 -2.63 13.08
C GLN B 218 -43.01 -2.01 11.70
N MET B 219 -43.03 -0.68 11.63
CA MET B 219 -43.21 0.04 10.35
C MET B 219 -42.23 -0.48 9.26
N LEU B 220 -40.95 -0.51 9.59
CA LEU B 220 -39.93 -0.86 8.62
C LEU B 220 -40.02 -2.33 8.22
N LYS B 221 -40.43 -3.18 9.17
CA LYS B 221 -40.62 -4.60 8.92
C LYS B 221 -41.83 -4.83 8.01
N GLU B 222 -42.76 -3.89 8.01
CA GLU B 222 -43.92 -3.96 7.12
C GLU B 222 -43.59 -3.48 5.72
N LEU B 223 -42.67 -2.54 5.60
CA LEU B 223 -42.29 -2.01 4.28
C LEU B 223 -41.20 -2.82 3.61
N VAL B 224 -40.47 -3.61 4.41
CA VAL B 224 -39.30 -4.28 3.89
C VAL B 224 -39.25 -5.70 4.38
N PRO B 225 -39.85 -6.63 3.61
CA PRO B 225 -39.84 -8.05 3.93
C PRO B 225 -38.48 -8.50 4.42
N GLY B 226 -38.46 -9.08 5.62
CA GLY B 226 -37.24 -9.65 6.21
C GLY B 226 -36.11 -8.70 6.64
N VAL B 227 -36.35 -7.39 6.60
CA VAL B 227 -35.37 -6.39 7.06
C VAL B 227 -35.00 -6.73 8.50
N ALA B 228 -33.74 -6.48 8.85
CA ALA B 228 -33.28 -6.63 10.24
C ALA B 228 -33.23 -5.24 10.89
N ILE B 229 -33.37 -5.20 12.21
CA ILE B 229 -33.41 -3.93 12.97
C ILE B 229 -32.52 -4.09 14.20
N ASN B 230 -31.55 -3.20 14.40
CA ASN B 230 -30.62 -3.38 15.52
C ASN B 230 -31.24 -3.07 16.91
N SER B 231 -30.62 -3.61 17.97
CA SER B 231 -31.09 -3.38 19.33
C SER B 231 -30.91 -1.95 19.80
N ARG B 232 -29.91 -1.24 19.29
CA ARG B 232 -29.63 0.13 19.71
C ARG B 232 -30.86 1.03 19.51
N LEU B 233 -31.77 0.65 18.63
CA LEU B 233 -32.90 1.47 18.37
C LEU B 233 -33.82 1.50 19.55
N ARG B 234 -33.93 0.38 20.24
CA ARG B 234 -35.17 0.03 20.91
C ARG B 234 -35.19 0.39 22.38
N ALA B 235 -36.28 0.99 22.84
CA ALA B 235 -36.53 1.23 24.26
C ALA B 235 -37.89 0.68 24.65
N ASP B 236 -37.98 0.05 25.83
CA ASP B 236 -39.26 -0.50 26.27
C ASP B 236 -40.11 0.54 27.00
N ASP B 237 -41.29 0.10 27.48
CA ASP B 237 -42.24 0.95 28.24
C ASP B 237 -41.63 1.76 29.37
N LYS B 238 -40.47 1.31 29.86
CA LYS B 238 -39.82 1.87 31.06
C LYS B 238 -38.56 2.65 30.68
N GLY B 239 -38.19 2.58 29.42
CA GLY B 239 -36.97 3.25 28.96
C GLY B 239 -35.71 2.43 29.15
N LYS B 240 -35.84 1.14 29.41
CA LYS B 240 -34.71 0.20 29.37
CA LYS B 240 -34.68 0.25 29.37
C LYS B 240 -34.36 0.03 27.89
N ARG B 241 -33.09 0.19 27.54
CA ARG B 241 -32.63 0.09 26.16
C ARG B 241 -31.97 -1.25 25.82
N HIS B 242 -31.99 -1.62 24.55
CA HIS B 242 -31.36 -2.87 24.02
C HIS B 242 -32.06 -4.15 24.47
N PHE B 243 -32.00 -4.42 25.77
CA PHE B 243 -32.77 -5.48 26.42
C PHE B 243 -33.89 -4.88 27.23
N ASP B 244 -35.07 -5.49 27.16
CA ASP B 244 -36.21 -4.92 27.90
C ASP B 244 -36.13 -5.22 29.40
N SER B 245 -37.16 -4.78 30.14
CA SER B 245 -37.18 -4.94 31.58
C SER B 245 -37.30 -6.40 32.03
N ASN B 246 -37.69 -7.29 31.13
CA ASN B 246 -37.66 -8.73 31.38
C ASN B 246 -36.35 -9.39 30.93
N GLY B 247 -35.31 -8.61 30.63
CA GLY B 247 -34.02 -9.18 30.17
C GLY B 247 -34.06 -9.76 28.77
N ARG B 248 -35.14 -9.49 28.03
CA ARG B 248 -35.30 -10.00 26.66
C ARG B 248 -34.77 -9.00 25.59
N LEU B 249 -34.09 -9.52 24.56
CA LEU B 249 -33.52 -8.68 23.50
C LEU B 249 -34.57 -8.10 22.53
N MET B 250 -34.45 -6.81 22.27
CA MET B 250 -35.34 -6.12 21.37
C MET B 250 -34.64 -5.92 20.05
N GLY B 251 -35.42 -5.76 19.00
CA GLY B 251 -34.86 -5.77 17.67
C GLY B 251 -34.48 -7.19 17.34
N ASP B 252 -33.57 -7.33 16.37
CA ASP B 252 -33.29 -8.64 15.79
C ASP B 252 -31.94 -9.22 16.19
N TYR B 253 -31.05 -8.36 16.68
CA TYR B 253 -29.68 -8.74 17.04
C TYR B 253 -29.12 -7.69 17.93
N GLU B 254 -28.19 -8.10 18.78
CA GLU B 254 -27.56 -7.21 19.74
C GLU B 254 -26.47 -6.37 19.03
N SER B 255 -26.39 -5.08 19.35
CA SER B 255 -25.41 -4.21 18.73
C SER B 255 -24.82 -3.17 19.72
N GLY B 256 -24.27 -3.67 20.82
CA GLY B 256 -23.60 -2.82 21.82
C GLY B 256 -22.07 -2.89 21.77
N TYR B 257 -21.55 -3.93 21.13
CA TYR B 257 -20.10 -4.18 21.10
C TYR B 257 -19.45 -3.37 20.00
N GLN B 258 -18.55 -2.51 20.42
CA GLN B 258 -17.70 -1.72 19.54
C GLN B 258 -16.57 -1.33 20.45
N ARG B 259 -15.34 -1.44 19.98
CA ARG B 259 -14.18 -1.30 20.87
C ARG B 259 -13.92 -2.57 21.71
N ARG B 260 -14.94 -3.10 22.38
CA ARG B 260 -14.84 -4.32 23.19
C ARG B 260 -15.53 -5.50 22.47
N LEU B 261 -15.05 -6.72 22.73
CA LEU B 261 -15.77 -7.90 22.32
C LEU B 261 -16.09 -8.76 23.55
N PRO B 262 -17.16 -9.57 23.48
CA PRO B 262 -17.47 -10.47 24.58
C PRO B 262 -16.36 -11.46 24.89
N ASP B 263 -16.16 -11.71 26.17
CA ASP B 263 -15.12 -12.61 26.61
C ASP B 263 -15.39 -14.04 26.12
N PRO B 264 -14.39 -14.68 25.47
CA PRO B 264 -14.60 -16.06 24.92
C PRO B 264 -14.78 -17.14 26.01
N VAL B 265 -14.45 -16.79 27.25
CA VAL B 265 -14.64 -17.68 28.39
C VAL B 265 -15.84 -17.32 29.25
N LYS B 266 -16.05 -16.04 29.53
CA LYS B 266 -17.07 -15.59 30.50
C LYS B 266 -18.41 -15.13 29.90
N ASP B 267 -18.46 -14.87 28.60
CA ASP B 267 -19.66 -14.26 28.04
C ASP B 267 -20.33 -15.13 26.99
N LEU B 268 -20.36 -16.45 27.20
CA LEU B 268 -21.00 -17.37 26.26
C LEU B 268 -22.52 -17.15 26.16
N LYS B 269 -23.06 -16.26 26.99
CA LYS B 269 -24.47 -15.93 26.89
C LYS B 269 -24.74 -15.30 25.52
N VAL B 270 -23.75 -14.60 24.92
CA VAL B 270 -23.98 -13.97 23.62
C VAL B 270 -24.37 -14.99 22.54
N THR B 271 -23.96 -16.24 22.69
CA THR B 271 -24.26 -17.27 21.67
C THR B 271 -25.77 -17.57 21.57
N GLN B 272 -26.55 -17.08 22.54
CA GLN B 272 -27.97 -17.37 22.48
C GLN B 272 -28.77 -16.38 21.63
N TRP B 273 -28.10 -15.36 21.06
CA TRP B 273 -28.79 -14.43 20.14
C TRP B 273 -27.86 -13.98 19.00
N ASP B 274 -28.47 -13.43 17.96
CA ASP B 274 -27.72 -12.80 16.90
C ASP B 274 -27.10 -11.49 17.40
N TRP B 275 -25.88 -11.22 16.99
CA TRP B 275 -25.29 -9.94 17.39
C TRP B 275 -24.24 -9.56 16.38
N GLU B 276 -23.87 -8.29 16.43
CA GLU B 276 -22.98 -7.73 15.46
C GLU B 276 -22.13 -6.68 16.14
N ALA B 277 -20.81 -6.81 16.01
CA ALA B 277 -19.90 -5.81 16.49
C ALA B 277 -19.50 -4.91 15.33
N CYS B 278 -19.25 -3.64 15.61
CA CYS B 278 -18.65 -2.73 14.66
C CYS B 278 -17.42 -2.10 15.26
N MET B 279 -16.33 -2.00 14.51
CA MET B 279 -15.06 -1.54 15.07
C MET B 279 -14.36 -0.53 14.16
N THR B 280 -13.54 0.29 14.79
CA THR B 280 -12.85 1.36 14.12
C THR B 280 -11.43 0.89 14.00
N ILE B 281 -10.71 1.45 13.05
CA ILE B 281 -9.31 1.08 12.83
C ILE B 281 -8.40 1.80 13.84
N PRO B 282 -8.51 3.14 13.96
CA PRO B 282 -7.95 3.73 15.18
C PRO B 282 -8.82 3.45 16.40
N GLU B 283 -8.45 4.04 17.53
CA GLU B 283 -9.16 3.78 18.77
C GLU B 283 -10.63 4.18 18.68
N ASN B 284 -10.87 5.42 18.24
CA ASN B 284 -12.23 5.98 18.26
C ASN B 284 -12.48 7.07 17.21
N GLN B 285 -12.41 6.68 15.94
CA GLN B 285 -12.67 7.57 14.79
C GLN B 285 -13.54 6.80 13.81
N TRP B 286 -14.73 7.34 13.52
CA TRP B 286 -15.62 6.72 12.53
C TRP B 286 -15.57 7.47 11.20
N GLY B 287 -15.91 8.76 11.26
CA GLY B 287 -15.73 9.67 10.13
C GLY B 287 -14.25 9.92 9.92
N TYR B 288 -13.89 10.45 8.75
CA TYR B 288 -12.48 10.76 8.39
C TYR B 288 -11.89 11.79 9.34
N HIS B 289 -10.84 11.42 10.06
CA HIS B 289 -9.99 12.37 10.82
C HIS B 289 -8.65 12.42 10.10
N LYS B 290 -8.14 13.63 9.83
CA LYS B 290 -6.87 13.79 9.12
C LYS B 290 -5.61 13.30 9.87
N ASP B 291 -5.68 13.17 11.20
CA ASP B 291 -4.45 12.85 11.90
C ASP B 291 -4.54 11.53 12.67
N TRP B 292 -4.23 10.43 11.98
CA TRP B 292 -4.29 9.11 12.63
C TRP B 292 -3.18 8.84 13.65
N SER B 293 -2.25 9.77 13.83
CA SER B 293 -1.16 9.57 14.79
C SER B 293 -1.62 9.83 16.21
N LEU B 294 -2.82 10.38 16.35
CA LEU B 294 -3.35 10.72 17.66
C LEU B 294 -3.73 9.53 18.57
N SER B 295 -3.95 8.34 18.03
CA SER B 295 -4.30 7.20 18.88
C SER B 295 -3.79 5.92 18.27
N TYR B 296 -3.91 4.81 19.02
CA TYR B 296 -3.42 3.56 18.49
C TYR B 296 -4.17 3.12 17.23
N VAL B 297 -3.42 2.78 16.18
CA VAL B 297 -4.02 2.28 14.97
C VAL B 297 -3.83 0.75 14.80
N LYS B 298 -4.94 0.03 14.72
CA LYS B 298 -4.90 -1.42 14.64
C LYS B 298 -4.21 -1.90 13.38
N THR B 299 -3.43 -2.98 13.51
CA THR B 299 -2.84 -3.68 12.37
C THR B 299 -3.84 -4.65 11.78
N PRO B 300 -3.56 -5.15 10.55
CA PRO B 300 -4.44 -6.16 9.93
C PRO B 300 -4.67 -7.41 10.73
N ILE B 301 -3.60 -7.93 11.33
CA ILE B 301 -3.73 -9.14 12.15
C ILE B 301 -4.67 -8.89 13.34
N GLU B 302 -4.48 -7.75 14.00
CA GLU B 302 -5.38 -7.31 15.05
C GLU B 302 -6.84 -7.25 14.61
N VAL B 303 -7.11 -6.77 13.40
CA VAL B 303 -8.49 -6.71 12.95
C VAL B 303 -9.05 -8.10 12.59
N ILE B 304 -8.23 -8.88 11.90
CA ILE B 304 -8.64 -10.25 11.54
C ILE B 304 -8.96 -11.06 12.80
N ASP B 305 -8.12 -10.91 13.83
CA ASP B 305 -8.37 -11.53 15.16
C ASP B 305 -9.75 -11.18 15.71
N ARG B 306 -10.13 -9.89 15.63
CA ARG B 306 -11.43 -9.45 16.11
CA ARG B 306 -11.45 -9.44 16.09
C ARG B 306 -12.52 -10.06 15.23
N ILE B 307 -12.26 -10.15 13.92
CA ILE B 307 -13.21 -10.78 13.00
C ILE B 307 -13.48 -12.25 13.38
N VAL B 308 -12.41 -13.03 13.51
CA VAL B 308 -12.56 -14.44 13.88
C VAL B 308 -13.17 -14.64 15.29
N HIS B 309 -12.73 -13.83 16.25
CA HIS B 309 -13.31 -13.75 17.59
C HIS B 309 -14.83 -13.69 17.50
N ALA B 310 -15.32 -12.67 16.83
CA ALA B 310 -16.76 -12.46 16.74
C ALA B 310 -17.46 -13.71 16.22
N VAL B 311 -17.04 -14.22 15.04
CA VAL B 311 -17.65 -15.43 14.47
C VAL B 311 -17.62 -16.65 15.40
N SER B 312 -16.48 -16.86 16.05
CA SER B 312 -16.32 -17.97 17.01
C SER B 312 -17.29 -17.90 18.20
N MET B 313 -17.88 -16.73 18.43
CA MET B 313 -18.89 -16.59 19.48
C MET B 313 -20.24 -16.21 18.89
N GLY B 314 -20.44 -16.60 17.64
CA GLY B 314 -21.71 -16.48 16.95
C GLY B 314 -22.14 -15.08 16.56
N GLY B 315 -21.16 -14.18 16.38
CA GLY B 315 -21.40 -12.80 15.92
C GLY B 315 -20.84 -12.34 14.58
N ASN B 316 -21.50 -11.35 13.98
CA ASN B 316 -20.94 -10.58 12.88
C ASN B 316 -19.88 -9.57 13.32
N MET B 317 -19.00 -9.19 12.40
CA MET B 317 -18.00 -8.14 12.64
C MET B 317 -17.93 -7.22 11.43
N VAL B 318 -17.94 -5.91 11.70
CA VAL B 318 -18.05 -4.94 10.65
C VAL B 318 -16.88 -3.95 10.82
N VAL B 319 -16.10 -3.80 9.78
CA VAL B 319 -14.89 -2.97 9.83
C VAL B 319 -15.24 -1.59 9.25
N ASN B 320 -15.06 -0.56 10.06
CA ASN B 320 -15.33 0.80 9.62
C ASN B 320 -14.26 1.47 8.73
N PHE B 321 -14.77 2.31 7.80
CA PHE B 321 -14.04 3.17 6.87
C PHE B 321 -14.66 4.59 6.93
N GLY B 322 -13.81 5.61 6.98
CA GLY B 322 -14.30 6.98 6.95
C GLY B 322 -13.65 7.64 5.74
N PRO B 323 -14.33 7.57 4.58
CA PRO B 323 -13.83 8.02 3.31
C PRO B 323 -13.45 9.49 3.33
N GLN B 324 -12.46 9.88 2.54
CA GLN B 324 -12.02 11.27 2.44
C GLN B 324 -13.09 12.14 1.78
N ALA B 325 -13.02 13.42 2.08
CA ALA B 325 -13.79 14.48 1.47
C ALA B 325 -13.81 14.37 -0.05
N ASP B 326 -12.69 14.06 -0.68
CA ASP B 326 -12.68 13.90 -2.14
C ASP B 326 -13.40 12.66 -2.69
N GLY B 327 -13.88 11.77 -1.82
CA GLY B 327 -14.50 10.50 -2.28
C GLY B 327 -13.57 9.30 -2.52
N ASP B 328 -12.32 9.39 -2.06
CA ASP B 328 -11.33 8.29 -2.13
C ASP B 328 -11.06 7.82 -0.70
N PHE B 329 -10.33 6.72 -0.53
CA PHE B 329 -9.98 6.23 0.81
C PHE B 329 -8.51 6.46 1.09
N ARG B 330 -8.23 6.93 2.31
CA ARG B 330 -6.86 7.03 2.83
C ARG B 330 -6.14 5.70 2.62
N PRO B 331 -4.80 5.76 2.43
CA PRO B 331 -4.05 4.56 2.08
C PRO B 331 -3.99 3.54 3.23
N GLU B 332 -4.28 3.95 4.46
CA GLU B 332 -4.25 2.99 5.59
C GLU B 332 -5.43 2.03 5.49
N GLU B 333 -6.57 2.59 5.06
CA GLU B 333 -7.80 1.85 4.81
C GLU B 333 -7.68 0.96 3.57
N LYS B 334 -7.00 1.46 2.52
CA LYS B 334 -6.81 0.65 1.32
C LYS B 334 -5.94 -0.56 1.68
N ALA B 335 -4.87 -0.34 2.43
CA ALA B 335 -4.03 -1.47 2.84
C ALA B 335 -4.81 -2.40 3.76
N MET B 336 -5.65 -1.86 4.61
CA MET B 336 -6.44 -2.72 5.53
C MET B 336 -7.36 -3.66 4.72
N ALA B 337 -8.16 -3.08 3.81
CA ALA B 337 -9.06 -3.87 2.96
C ALA B 337 -8.31 -4.93 2.13
N THR B 338 -7.15 -4.56 1.64
CA THR B 338 -6.38 -5.45 0.77
C THR B 338 -5.86 -6.59 1.65
N ALA B 339 -5.20 -6.26 2.75
CA ALA B 339 -4.68 -7.31 3.63
C ALA B 339 -5.77 -8.25 4.11
N ILE B 340 -6.93 -7.70 4.44
CA ILE B 340 -8.03 -8.56 4.91
C ILE B 340 -8.53 -9.49 3.79
N GLY B 341 -8.67 -8.95 2.58
CA GLY B 341 -9.11 -9.74 1.43
C GLY B 341 -8.17 -10.89 1.10
N LYS B 342 -6.86 -10.64 1.15
CA LYS B 342 -5.87 -11.70 0.96
C LYS B 342 -6.02 -12.79 1.99
N TRP B 343 -6.23 -12.42 3.24
CA TRP B 343 -6.44 -13.42 4.30
C TRP B 343 -7.75 -14.15 4.09
N MET B 344 -8.82 -13.41 3.81
CA MET B 344 -10.14 -14.02 3.60
C MET B 344 -10.15 -14.97 2.41
N ASN B 345 -9.38 -14.67 1.38
CA ASN B 345 -9.37 -15.52 0.22
C ASN B 345 -8.77 -16.92 0.51
N ARG B 346 -7.70 -16.92 1.29
CA ARG B 346 -7.10 -18.14 1.80
C ARG B 346 -7.92 -18.83 2.90
N TYR B 347 -8.57 -18.06 3.78
CA TYR B 347 -9.20 -18.65 5.00
C TYR B 347 -10.72 -18.44 5.28
N GLY B 348 -11.41 -17.70 4.39
CA GLY B 348 -12.83 -17.38 4.58
C GLY B 348 -13.78 -18.54 4.79
N LYS B 349 -13.37 -19.75 4.43
CA LYS B 349 -14.24 -20.89 4.65
C LYS B 349 -14.48 -21.03 6.14
N ALA B 350 -13.55 -20.51 6.94
CA ALA B 350 -13.71 -20.56 8.41
C ALA B 350 -14.48 -19.39 9.00
N VAL B 351 -14.93 -18.47 8.14
CA VAL B 351 -15.65 -17.28 8.60
C VAL B 351 -17.05 -17.24 8.03
N TYR B 352 -17.17 -17.30 6.72
CA TYR B 352 -18.48 -17.24 6.06
C TYR B 352 -19.35 -18.41 6.47
N ALA B 353 -20.54 -18.06 6.93
CA ALA B 353 -21.55 -19.03 7.28
C ALA B 353 -21.10 -19.94 8.43
N CYS B 354 -20.13 -19.47 9.22
CA CYS B 354 -19.71 -20.20 10.41
C CYS B 354 -20.37 -19.65 11.67
N ASP B 355 -20.18 -20.34 12.80
CA ASP B 355 -20.90 -20.05 14.02
C ASP B 355 -20.11 -20.59 15.23
N TYR B 356 -20.63 -20.33 16.43
CA TYR B 356 -20.11 -20.92 17.67
C TYR B 356 -19.97 -22.45 17.60
N ALA B 357 -18.81 -22.95 17.96
CA ALA B 357 -18.53 -24.37 17.76
C ALA B 357 -18.78 -25.21 19.02
N GLY B 358 -18.94 -24.56 20.15
CA GLY B 358 -19.30 -25.26 21.36
C GLY B 358 -18.15 -25.89 22.15
N PHE B 359 -16.92 -25.62 21.74
CA PHE B 359 -15.72 -26.13 22.41
C PHE B 359 -15.17 -25.12 23.40
N GLU B 360 -14.54 -25.61 24.47
CA GLU B 360 -13.81 -24.74 25.38
C GLU B 360 -12.71 -23.96 24.68
N LYS B 361 -12.54 -22.70 25.07
CA LYS B 361 -11.59 -21.79 24.48
C LYS B 361 -10.16 -22.19 24.84
N GLN B 362 -9.25 -22.06 23.87
CA GLN B 362 -7.88 -22.44 24.04
C GLN B 362 -6.98 -21.27 23.66
N ASP B 363 -5.77 -21.27 24.20
CA ASP B 363 -4.86 -20.13 24.03
C ASP B 363 -4.34 -19.86 22.62
N TRP B 364 -4.23 -20.89 21.78
CA TRP B 364 -3.73 -20.72 20.43
C TRP B 364 -4.69 -19.92 19.55
N GLY B 365 -5.95 -19.80 19.95
CA GLY B 365 -6.92 -19.01 19.16
C GLY B 365 -8.39 -19.42 19.27
N TYR B 366 -9.09 -19.41 18.14
CA TYR B 366 -10.55 -19.61 18.15
C TYR B 366 -10.99 -20.81 17.32
N TYR B 367 -12.11 -21.41 17.69
CA TYR B 367 -12.81 -22.38 16.86
C TYR B 367 -13.98 -21.68 16.17
N THR B 368 -14.34 -22.16 14.99
CA THR B 368 -15.63 -21.84 14.35
C THR B 368 -16.25 -23.15 13.83
N ARG B 369 -17.58 -23.20 13.78
CA ARG B 369 -18.28 -24.36 13.24
CA ARG B 369 -18.29 -24.36 13.23
C ARG B 369 -18.86 -24.03 11.86
N GLY B 370 -18.49 -24.82 10.87
CA GLY B 370 -19.04 -24.70 9.53
C GLY B 370 -20.48 -25.22 9.48
N LYS B 371 -21.17 -24.96 8.38
CA LYS B 371 -22.54 -25.42 8.17
C LYS B 371 -22.68 -26.94 8.14
N ASN B 372 -21.68 -27.65 7.63
CA ASN B 372 -21.69 -29.12 7.57
C ASN B 372 -20.93 -29.72 8.76
N ASP B 373 -21.09 -29.09 9.92
CA ASP B 373 -20.34 -29.43 11.15
C ASP B 373 -18.82 -29.50 11.04
N GLU B 374 -18.22 -28.87 10.03
CA GLU B 374 -16.76 -28.67 10.04
C GLU B 374 -16.35 -27.84 11.26
N VAL B 375 -15.19 -28.12 11.85
CA VAL B 375 -14.74 -27.39 13.03
C VAL B 375 -13.37 -26.83 12.74
N TYR B 376 -13.31 -25.54 12.48
CA TYR B 376 -12.03 -24.95 12.10
C TYR B 376 -11.27 -24.47 13.35
N MET B 377 -9.96 -24.72 13.35
CA MET B 377 -9.08 -24.17 14.35
C MET B 377 -8.38 -23.03 13.68
N VAL B 378 -8.54 -21.84 14.23
CA VAL B 378 -7.89 -20.70 13.64
C VAL B 378 -6.86 -20.22 14.63
N VAL B 379 -5.60 -20.36 14.25
CA VAL B 379 -4.45 -20.22 15.13
C VAL B 379 -3.85 -18.82 15.02
N PHE B 380 -3.91 -18.03 16.09
CA PHE B 380 -3.23 -16.72 16.10
C PHE B 380 -1.96 -16.75 16.91
N ASN B 381 -1.86 -17.71 17.84
CA ASN B 381 -0.77 -17.73 18.83
C ASN B 381 -0.12 -19.10 18.78
N GLN B 382 1.07 -19.12 18.21
CA GLN B 382 1.69 -20.38 17.79
C GLN B 382 2.44 -20.97 18.99
N PRO B 383 1.97 -22.11 19.54
CA PRO B 383 2.62 -22.66 20.72
C PRO B 383 4.03 -23.17 20.44
N TYR B 384 4.97 -22.81 21.32
CA TYR B 384 6.30 -23.38 21.23
C TYR B 384 6.30 -24.88 21.42
N SER B 385 5.27 -25.44 22.09
CA SER B 385 5.15 -26.89 22.30
C SER B 385 4.91 -27.65 21.02
N GLU B 386 4.52 -26.91 19.98
CA GLU B 386 4.24 -27.46 18.66
C GLU B 386 2.98 -28.30 18.66
N ARG B 387 2.19 -28.12 19.71
CA ARG B 387 0.97 -28.88 19.93
C ARG B 387 -0.15 -27.92 20.24
N LEU B 388 -1.29 -28.19 19.64
CA LEU B 388 -2.46 -27.36 19.83
C LEU B 388 -3.44 -28.20 20.62
N ILE B 389 -3.67 -27.77 21.87
CA ILE B 389 -4.60 -28.46 22.76
C ILE B 389 -6.02 -28.31 22.26
N VAL B 390 -6.68 -29.44 22.02
CA VAL B 390 -8.10 -29.42 21.72
C VAL B 390 -8.87 -30.27 22.73
N LYS B 391 -9.73 -29.64 23.54
CA LYS B 391 -10.62 -30.39 24.45
C LYS B 391 -12.03 -30.39 23.88
N THR B 392 -12.59 -31.57 23.66
CA THR B 392 -13.85 -31.67 22.95
C THR B 392 -14.98 -31.75 23.96
N PRO B 393 -16.19 -31.33 23.56
CA PRO B 393 -17.35 -31.47 24.43
C PRO B 393 -17.64 -32.93 24.68
N LYS B 394 -18.42 -33.21 25.71
CA LYS B 394 -18.84 -34.60 25.98
C LYS B 394 -19.55 -35.15 24.75
N GLY B 395 -19.19 -36.37 24.37
CA GLY B 395 -19.74 -37.02 23.17
C GLY B 395 -19.01 -36.84 21.85
N ILE B 396 -17.95 -36.01 21.82
CA ILE B 396 -17.31 -35.63 20.56
C ILE B 396 -15.90 -36.19 20.38
N THR B 397 -15.65 -36.84 19.23
CA THR B 397 -14.30 -37.25 18.87
C THR B 397 -13.74 -36.51 17.66
N VAL B 398 -12.42 -36.42 17.60
CA VAL B 398 -11.70 -35.91 16.43
C VAL B 398 -11.24 -37.08 15.58
N GLU B 399 -11.72 -37.14 14.34
CA GLU B 399 -11.39 -38.21 13.40
C GLU B 399 -10.24 -37.86 12.48
N LYS B 400 -10.08 -36.56 12.22
CA LYS B 400 -9.02 -36.06 11.34
C LYS B 400 -8.80 -34.56 11.48
N ALA B 401 -7.57 -34.14 11.15
CA ALA B 401 -7.15 -32.76 11.07
C ALA B 401 -6.42 -32.52 9.74
N THR B 402 -6.78 -31.42 9.08
CA THR B 402 -6.29 -31.11 7.73
C THR B 402 -5.94 -29.65 7.66
N LEU B 403 -4.75 -29.33 7.15
CA LEU B 403 -4.36 -27.95 6.95
C LEU B 403 -5.19 -27.42 5.79
N LEU B 404 -6.00 -26.38 6.03
CA LEU B 404 -6.97 -25.91 5.03
C LEU B 404 -6.37 -25.61 3.67
N THR B 405 -5.32 -24.78 3.67
CA THR B 405 -4.65 -24.35 2.44
C THR B 405 -4.13 -25.48 1.59
N THR B 406 -3.45 -26.44 2.20
CA THR B 406 -2.73 -27.44 1.39
C THR B 406 -3.49 -28.75 1.25
N GLY B 407 -4.44 -28.98 2.16
CA GLY B 407 -5.02 -30.31 2.33
C GLY B 407 -4.07 -31.31 3.01
N GLU B 408 -2.94 -30.83 3.51
CA GLU B 408 -1.98 -31.68 4.19
C GLU B 408 -2.61 -32.29 5.44
N ASP B 409 -2.35 -33.57 5.68
CA ASP B 409 -2.90 -34.27 6.85
C ASP B 409 -2.14 -33.90 8.13
N ILE B 410 -2.86 -33.66 9.23
CA ILE B 410 -2.22 -33.21 10.48
C ILE B 410 -2.33 -34.25 11.59
N THR B 411 -1.21 -34.52 12.25
CA THR B 411 -1.20 -35.50 13.35
C THR B 411 -2.15 -35.09 14.49
N VAL B 412 -2.99 -36.05 14.88
CA VAL B 412 -3.84 -35.94 16.05
C VAL B 412 -3.49 -37.04 17.03
N VAL B 413 -3.11 -36.65 18.24
CA VAL B 413 -2.77 -37.60 19.32
C VAL B 413 -3.74 -37.44 20.48
N GLU B 414 -4.42 -38.53 20.83
CA GLU B 414 -5.28 -38.56 22.03
C GLU B 414 -4.37 -38.38 23.24
N THR B 415 -4.62 -37.38 24.10
CA THR B 415 -3.75 -37.13 25.27
C THR B 415 -4.41 -37.57 26.55
N THR B 416 -5.71 -37.34 26.63
CA THR B 416 -6.50 -37.83 27.74
C THR B 416 -7.97 -37.85 27.33
N ARG B 417 -8.84 -38.04 28.32
CA ARG B 417 -10.27 -38.06 28.11
C ARG B 417 -10.74 -36.73 27.55
N ASN B 418 -11.43 -36.79 26.42
CA ASN B 418 -11.95 -35.60 25.72
C ASN B 418 -10.87 -34.59 25.39
N GLU B 419 -9.65 -35.03 25.13
CA GLU B 419 -8.58 -34.09 24.84
C GLU B 419 -7.58 -34.64 23.85
N TYR B 420 -7.04 -33.76 23.00
CA TYR B 420 -6.10 -34.16 21.96
C TYR B 420 -4.99 -33.13 21.81
N ASN B 421 -3.82 -33.59 21.38
CA ASN B 421 -2.83 -32.67 20.81
C ASN B 421 -2.91 -32.72 19.28
N VAL B 422 -3.35 -31.61 18.67
CA VAL B 422 -3.25 -31.44 17.24
C VAL B 422 -1.92 -30.76 16.93
N SER B 423 -1.13 -31.37 16.04
CA SER B 423 0.22 -30.84 15.77
C SER B 423 0.18 -29.58 14.95
N VAL B 424 1.18 -28.72 15.14
CA VAL B 424 1.33 -27.60 14.22
C VAL B 424 1.71 -28.17 12.85
N PRO B 425 1.48 -27.41 11.76
CA PRO B 425 1.98 -27.79 10.44
C PRO B 425 3.47 -28.03 10.45
N LYS B 426 3.94 -28.87 9.53
CA LYS B 426 5.35 -29.18 9.43
C LYS B 426 6.19 -27.95 9.07
N LYS B 427 5.63 -27.05 8.26
CA LYS B 427 6.23 -25.73 8.08
C LYS B 427 5.27 -24.67 8.59
N ASN B 428 5.82 -23.72 9.33
CA ASN B 428 5.06 -22.63 9.97
C ASN B 428 4.42 -21.73 8.88
N PRO B 429 3.08 -21.65 8.85
CA PRO B 429 2.43 -20.82 7.83
C PRO B 429 2.86 -19.38 7.84
N GLY B 430 3.42 -18.91 8.96
CA GLY B 430 3.88 -17.52 9.06
C GLY B 430 2.78 -16.45 9.15
N GLU B 431 1.53 -16.87 9.40
CA GLU B 431 0.40 -15.96 9.53
C GLU B 431 -0.69 -16.72 10.27
N PRO B 432 -1.75 -16.03 10.78
CA PRO B 432 -2.84 -16.83 11.36
C PRO B 432 -3.37 -17.85 10.33
N TYR B 433 -3.41 -19.13 10.68
CA TYR B 433 -3.83 -20.18 9.72
C TYR B 433 -4.99 -21.00 10.24
N VAL B 434 -5.57 -21.85 9.39
CA VAL B 434 -6.68 -22.73 9.76
C VAL B 434 -6.33 -24.23 9.65
N ILE B 435 -6.73 -25.01 10.66
CA ILE B 435 -6.71 -26.44 10.60
C ILE B 435 -8.16 -26.83 10.76
N GLN B 436 -8.63 -27.65 9.82
CA GLN B 436 -10.00 -28.10 9.79
C GLN B 436 -10.07 -29.50 10.39
N LEU B 437 -10.99 -29.67 11.34
CA LEU B 437 -11.15 -30.94 11.99
C LEU B 437 -12.41 -31.61 11.49
N LYS B 438 -12.35 -32.93 11.34
CA LYS B 438 -13.53 -33.70 11.05
C LYS B 438 -13.98 -34.29 12.38
N VAL B 439 -15.23 -34.04 12.78
CA VAL B 439 -15.66 -34.54 14.09
C VAL B 439 -16.85 -35.52 14.04
N ARG B 440 -16.95 -36.40 15.03
CA ARG B 440 -18.05 -37.38 15.12
C ARG B 440 -18.82 -37.16 16.42
N ALA B 441 -20.15 -37.26 16.37
CA ALA B 441 -20.98 -37.18 17.59
C ALA B 441 -21.78 -38.46 17.88
N GLU C 5 44.67 17.49 -25.37
CA GLU C 5 43.85 17.27 -24.13
C GLU C 5 44.67 17.37 -22.82
N ILE C 6 44.03 17.96 -21.80
CA ILE C 6 44.68 18.30 -20.54
C ILE C 6 45.13 17.09 -19.68
N PRO C 7 46.41 17.08 -19.25
CA PRO C 7 46.92 16.00 -18.41
C PRO C 7 46.23 15.97 -17.06
N LEU C 8 45.80 14.80 -16.66
CA LEU C 8 45.09 14.63 -15.41
C LEU C 8 45.47 13.29 -14.79
N LYS C 9 45.76 13.27 -13.49
CA LYS C 9 45.90 11.99 -12.77
C LYS C 9 44.56 11.57 -12.13
N TYR C 10 43.65 12.52 -11.97
CA TYR C 10 42.43 12.27 -11.19
C TYR C 10 41.14 12.45 -11.95
N GLY C 11 41.21 12.37 -13.28
CA GLY C 11 40.04 12.48 -14.10
C GLY C 11 39.40 11.12 -14.23
N ALA C 12 38.58 10.98 -15.26
CA ALA C 12 37.82 9.78 -15.55
C ALA C 12 38.67 8.54 -15.60
N THR C 13 38.03 7.46 -15.13
CA THR C 13 38.61 6.13 -15.02
C THR C 13 38.00 5.25 -16.10
N ASN C 14 36.65 5.22 -16.14
CA ASN C 14 35.86 4.44 -17.10
C ASN C 14 35.94 5.10 -18.46
N GLU C 15 36.11 4.28 -19.51
CA GLU C 15 36.04 4.79 -20.86
C GLU C 15 34.59 5.02 -21.29
N GLY C 16 33.81 3.94 -21.42
CA GLY C 16 32.38 4.13 -21.73
C GLY C 16 31.57 3.60 -20.57
N LYS C 17 30.46 2.93 -20.84
CA LYS C 17 29.64 2.35 -19.77
C LYS C 17 30.32 1.08 -19.25
N ARG C 18 30.27 0.89 -17.93
CA ARG C 18 30.66 -0.37 -17.33
C ARG C 18 29.63 -1.39 -17.79
N GLN C 19 30.10 -2.60 -18.16
CA GLN C 19 29.16 -3.67 -18.55
C GLN C 19 29.32 -4.96 -17.72
N ASP C 20 30.11 -4.86 -16.64
CA ASP C 20 30.26 -5.96 -15.68
C ASP C 20 28.87 -6.24 -15.11
N PRO C 21 28.62 -7.45 -14.58
CA PRO C 21 27.26 -7.74 -14.10
C PRO C 21 26.69 -6.82 -12.96
N ALA C 22 27.52 -6.32 -12.04
CA ALA C 22 27.02 -5.37 -10.96
C ALA C 22 26.47 -4.04 -11.50
N MET C 23 27.13 -3.48 -12.50
CA MET C 23 26.65 -2.26 -13.15
C MET C 23 25.36 -2.48 -13.96
N GLN C 24 25.30 -3.60 -14.68
CA GLN C 24 24.09 -3.98 -15.41
C GLN C 24 22.90 -4.14 -14.48
N LYS C 25 23.10 -4.82 -13.36
CA LYS C 25 22.11 -4.86 -12.26
C LYS C 25 21.66 -3.45 -11.81
N PHE C 26 22.64 -2.57 -11.60
CA PHE C 26 22.42 -1.18 -11.15
C PHE C 26 21.48 -0.45 -12.15
N ARG C 27 21.79 -0.64 -13.43
CA ARG C 27 21.04 -0.08 -14.52
C ARG C 27 19.71 -0.81 -14.67
N ASP C 28 19.70 -2.14 -14.67
CA ASP C 28 18.45 -2.81 -15.00
C ASP C 28 17.37 -2.55 -13.96
N ASN C 29 17.79 -2.35 -12.71
CA ASN C 29 16.91 -2.01 -11.60
C ASN C 29 15.92 -0.91 -11.98
N ARG C 30 16.46 0.12 -12.63
CA ARG C 30 15.77 1.36 -13.07
C ARG C 30 15.02 2.21 -12.03
N LEU C 31 14.17 1.58 -11.21
CA LEU C 31 13.35 2.28 -10.24
C LEU C 31 13.88 2.10 -8.83
N GLY C 32 14.17 3.22 -8.16
CA GLY C 32 14.65 3.16 -6.79
C GLY C 32 13.84 4.04 -5.90
N ALA C 33 14.00 3.85 -4.59
CA ALA C 33 13.45 4.80 -3.64
C ALA C 33 14.60 5.47 -2.90
N PHE C 34 14.33 6.66 -2.37
CA PHE C 34 15.30 7.37 -1.56
C PHE C 34 14.74 7.51 -0.15
N ILE C 35 15.55 7.14 0.84
CA ILE C 35 15.16 7.32 2.26
C ILE C 35 16.06 8.42 2.77
N HIS C 36 15.46 9.56 3.06
CA HIS C 36 16.11 10.62 3.83
C HIS C 36 15.59 10.56 5.24
N TRP C 37 16.40 10.05 6.16
CA TRP C 37 15.97 10.03 7.58
C TRP C 37 17.14 10.44 8.46
N GLY C 38 16.87 11.42 9.34
CA GLY C 38 17.88 11.96 10.25
C GLY C 38 17.23 12.80 11.34
N LEU C 39 18.04 13.50 12.14
CA LEU C 39 17.46 14.25 13.30
C LEU C 39 16.45 15.29 12.85
N TYR C 40 16.73 15.87 11.68
CA TYR C 40 15.80 16.81 11.03
C TYR C 40 14.36 16.34 10.99
N ALA C 41 14.12 15.03 11.05
CA ALA C 41 12.75 14.51 11.01
C ALA C 41 11.96 14.89 12.28
N ILE C 42 12.67 15.11 13.39
CA ILE C 42 12.03 15.52 14.64
C ILE C 42 11.32 16.91 14.61
N PRO C 43 12.08 18.01 14.33
CA PRO C 43 11.42 19.29 14.20
C PRO C 43 10.58 19.45 12.92
N GLY C 44 10.83 18.59 11.93
CA GLY C 44 9.96 18.50 10.75
C GLY C 44 9.82 19.82 10.02
N GLY C 45 10.91 20.54 9.92
CA GLY C 45 10.87 21.82 9.22
C GLY C 45 10.39 23.02 10.05
N GLU C 46 10.02 22.79 11.31
CA GLU C 46 9.59 23.86 12.23
C GLU C 46 10.60 24.10 13.35
N TRP C 47 10.86 25.35 13.69
CA TRP C 47 11.81 25.65 14.75
C TRP C 47 11.42 26.88 15.57
N ASN C 48 11.43 26.70 16.90
CA ASN C 48 10.91 27.72 17.82
C ASN C 48 9.49 28.16 17.37
N GLY C 49 8.69 27.17 16.98
CA GLY C 49 7.33 27.42 16.47
C GLY C 49 7.22 28.08 15.10
N LYS C 50 8.36 28.30 14.43
CA LYS C 50 8.32 28.82 13.07
C LYS C 50 8.53 27.69 12.05
N VAL C 51 7.58 27.54 11.12
CA VAL C 51 7.71 26.58 10.03
C VAL C 51 8.41 27.26 8.86
N TYR C 52 9.57 26.73 8.49
CA TYR C 52 10.38 27.26 7.40
C TYR C 52 10.10 26.51 6.12
N GLY C 53 10.02 27.26 5.02
CA GLY C 53 9.69 26.74 3.70
C GLY C 53 10.85 26.00 3.02
N GLY C 54 12.07 26.29 3.43
CA GLY C 54 13.26 25.56 2.96
C GLY C 54 13.18 24.03 3.17
N ALA C 55 14.03 23.28 2.46
CA ALA C 55 14.11 21.84 2.66
C ALA C 55 14.34 21.54 4.16
N ALA C 56 13.46 20.74 4.74
CA ALA C 56 13.52 20.26 6.12
C ALA C 56 14.89 19.79 6.60
N GLU C 57 15.55 18.96 5.78
CA GLU C 57 16.85 18.40 6.17
C GLU C 57 17.93 19.49 6.26
N TRP C 58 17.61 20.69 5.77
CA TRP C 58 18.49 21.85 5.95
C TRP C 58 18.04 22.80 7.08
N LEU C 59 17.05 22.40 7.89
CA LEU C 59 16.51 23.31 8.94
C LEU C 59 17.57 23.94 9.86
N LYS C 60 18.59 23.16 10.20
CA LYS C 60 19.72 23.68 10.98
C LYS C 60 20.29 24.94 10.37
N SER C 61 20.32 24.99 9.04
CA SER C 61 20.85 26.15 8.34
C SER C 61 19.86 27.33 8.29
N TRP C 62 18.61 27.05 7.93
CA TRP C 62 17.61 28.11 7.86
C TRP C 62 17.39 28.80 9.22
N ALA C 63 17.39 28.01 10.31
CA ALA C 63 17.05 28.53 11.65
C ALA C 63 18.25 28.96 12.45
N LYS C 64 19.42 28.95 11.82
CA LYS C 64 20.68 29.38 12.45
C LYS C 64 20.95 28.65 13.76
N VAL C 65 20.86 27.33 13.74
CA VAL C 65 21.00 26.51 14.94
C VAL C 65 22.43 26.04 15.15
N PRO C 66 23.02 26.32 16.33
CA PRO C 66 24.39 25.80 16.55
C PRO C 66 24.46 24.26 16.57
N ALA C 67 25.60 23.72 16.14
CA ALA C 67 25.81 22.27 16.06
C ALA C 67 25.41 21.60 17.35
N ASP C 68 26.00 22.05 18.45
CA ASP C 68 25.72 21.49 19.77
C ASP C 68 24.23 21.47 20.11
N GLU C 69 23.46 22.46 19.68
CA GLU C 69 22.04 22.53 20.05
C GLU C 69 21.15 21.70 19.14
N TRP C 70 21.39 21.80 17.83
CA TRP C 70 20.81 20.86 16.87
C TRP C 70 21.03 19.40 17.33
N LEU C 71 22.27 19.03 17.63
CA LEU C 71 22.57 17.61 17.93
C LEU C 71 21.90 17.01 19.18
N LYS C 72 21.47 17.87 20.11
CA LYS C 72 20.66 17.46 21.26
C LYS C 72 19.35 16.79 20.85
N LEU C 73 18.97 16.94 19.56
CA LEU C 73 17.79 16.26 19.03
C LEU C 73 17.95 14.74 19.13
N MET C 74 19.18 14.29 19.28
CA MET C 74 19.44 12.90 19.63
C MET C 74 18.64 12.40 20.85
N ASP C 75 18.49 13.25 21.88
CA ASP C 75 17.72 12.91 23.11
C ASP C 75 16.25 12.63 22.81
N GLN C 76 15.78 13.17 21.70
CA GLN C 76 14.42 12.90 21.26
C GLN C 76 14.33 11.76 20.21
N TRP C 77 15.44 11.18 19.81
CA TRP C 77 15.41 10.12 18.75
C TRP C 77 14.81 8.83 19.24
N ASN C 78 13.55 8.59 18.95
CA ASN C 78 12.93 7.43 19.53
C ASN C 78 11.81 6.91 18.65
N PRO C 79 12.16 6.46 17.42
CA PRO C 79 11.14 6.09 16.43
C PRO C 79 10.44 4.83 16.80
N THR C 80 9.51 4.95 17.74
CA THR C 80 8.81 3.78 18.26
C THR C 80 7.96 2.98 17.25
N LYS C 81 7.55 3.57 16.12
CA LYS C 81 6.74 2.86 15.13
C LYS C 81 7.58 2.14 14.05
N PHE C 82 8.89 2.28 14.12
CA PHE C 82 9.81 1.76 13.09
C PHE C 82 9.79 0.26 13.00
N ASP C 83 9.70 -0.26 11.78
CA ASP C 83 9.68 -1.71 11.56
C ASP C 83 10.31 -1.98 10.21
N ALA C 84 11.56 -2.42 10.23
CA ALA C 84 12.33 -2.48 9.01
C ALA C 84 11.60 -3.32 7.96
N LYS C 85 11.00 -4.43 8.40
CA LYS C 85 10.28 -5.34 7.51
C LYS C 85 9.13 -4.67 6.79
N LYS C 86 8.42 -3.80 7.49
CA LYS C 86 7.32 -3.07 6.90
C LYS C 86 7.85 -2.07 5.89
N TRP C 87 9.00 -1.47 6.23
CA TRP C 87 9.67 -0.58 5.29
C TRP C 87 9.97 -1.35 4.01
N ALA C 88 10.58 -2.54 4.14
CA ALA C 88 10.94 -3.37 2.98
C ALA C 88 9.72 -3.84 2.16
N LYS C 89 8.70 -4.37 2.85
CA LYS C 89 7.43 -4.69 2.24
C LYS C 89 6.90 -3.55 1.40
N MET C 90 6.93 -2.35 1.96
CA MET C 90 6.44 -1.16 1.27
C MET C 90 7.20 -0.91 -0.03
N ALA C 91 8.52 -1.04 0.00
CA ALA C 91 9.30 -0.80 -1.18
C ALA C 91 9.06 -1.93 -2.19
N LYS C 92 8.84 -3.15 -1.70
CA LYS C 92 8.58 -4.20 -2.64
C LYS C 92 7.26 -3.94 -3.35
N GLU C 93 6.24 -3.52 -2.59
CA GLU C 93 4.92 -3.33 -3.20
C GLU C 93 4.90 -2.16 -4.19
N MET C 94 5.80 -1.20 -3.97
CA MET C 94 5.91 -0.05 -4.84
C MET C 94 6.59 -0.43 -6.17
N GLY C 95 7.28 -1.57 -6.17
CA GLY C 95 7.91 -2.09 -7.35
C GLY C 95 9.33 -1.55 -7.50
N THR C 96 9.85 -0.97 -6.42
CA THR C 96 11.23 -0.48 -6.39
C THR C 96 12.22 -1.64 -6.32
N LYS C 97 13.36 -1.49 -6.95
CA LYS C 97 14.32 -2.58 -7.03
C LYS C 97 15.53 -2.31 -6.16
N TYR C 98 15.62 -1.06 -5.67
CA TYR C 98 16.70 -0.62 -4.80
C TYR C 98 16.30 0.59 -3.99
N VAL C 99 16.92 0.74 -2.83
CA VAL C 99 16.65 1.89 -1.94
C VAL C 99 17.99 2.55 -1.63
N LYS C 100 18.01 3.86 -1.68
CA LYS C 100 19.22 4.53 -1.29
C LYS C 100 18.91 5.16 0.05
N ILE C 101 19.79 4.93 1.03
CA ILE C 101 19.52 5.40 2.39
C ILE C 101 20.54 6.46 2.83
N THR C 102 20.06 7.56 3.42
CA THR C 102 20.98 8.52 4.05
C THR C 102 21.66 7.86 5.23
N THR C 103 22.93 7.49 5.09
CA THR C 103 23.68 6.92 6.23
C THR C 103 24.09 8.03 7.22
N LYS C 104 24.54 9.16 6.67
CA LYS C 104 24.87 10.37 7.44
C LYS C 104 24.55 11.59 6.57
N HIS C 105 23.76 12.51 7.07
CA HIS C 105 23.45 13.68 6.26
C HIS C 105 24.37 14.82 6.66
N HIS C 106 24.08 16.05 6.23
CA HIS C 106 24.99 17.20 6.52
C HIS C 106 25.19 17.41 8.02
N GLU C 107 24.12 17.16 8.78
CA GLU C 107 24.10 17.28 10.23
C GLU C 107 25.13 16.41 10.96
N GLY C 108 25.51 15.28 10.36
CA GLY C 108 26.57 14.42 10.89
C GLY C 108 26.03 13.27 11.73
N PHE C 109 24.72 13.20 11.89
CA PHE C 109 24.11 12.13 12.66
C PHE C 109 24.09 10.81 11.86
N CYS C 110 24.84 9.83 12.34
CA CYS C 110 24.99 8.53 11.68
C CYS C 110 23.88 7.56 12.01
N LEU C 111 23.34 6.89 11.00
CA LEU C 111 22.22 5.96 11.20
C LEU C 111 22.69 4.54 11.55
N TRP C 112 24.01 4.39 11.68
CA TRP C 112 24.64 3.15 12.10
C TRP C 112 25.55 3.55 13.24
N PRO C 113 25.92 2.60 14.14
CA PRO C 113 26.82 2.86 15.27
C PRO C 113 28.29 3.04 14.87
N SER C 114 28.58 4.12 14.17
CA SER C 114 29.98 4.43 13.88
C SER C 114 30.89 4.48 15.11
N LYS C 115 32.04 3.84 14.96
CA LYS C 115 33.10 3.91 15.95
C LYS C 115 33.74 5.32 15.98
N TYR C 116 33.49 6.14 14.96
CA TYR C 116 34.25 7.38 14.77
C TYR C 116 33.67 8.71 15.29
N THR C 117 32.44 8.69 15.81
CA THR C 117 31.81 9.87 16.41
C THR C 117 30.75 9.45 17.41
N LYS C 118 30.41 10.35 18.33
CA LYS C 118 29.36 10.09 19.31
C LYS C 118 27.97 10.39 18.76
N TYR C 119 27.90 11.12 17.66
CA TYR C 119 26.63 11.46 17.02
C TYR C 119 26.11 10.32 16.12
N THR C 120 25.69 9.23 16.74
CA THR C 120 25.14 8.11 16.00
C THR C 120 23.86 7.66 16.70
N VAL C 121 23.20 6.65 16.10
CA VAL C 121 21.97 6.05 16.66
C VAL C 121 22.22 5.34 18.01
N ALA C 122 23.45 4.86 18.22
CA ALA C 122 23.76 4.12 19.44
C ALA C 122 23.54 4.99 20.68
N ASN C 123 23.67 6.31 20.53
CA ASN C 123 23.53 7.26 21.64
C ASN C 123 22.21 7.99 21.69
N THR C 124 21.14 7.28 21.40
CA THR C 124 19.81 7.88 21.44
C THR C 124 18.98 7.00 22.32
N PRO C 125 17.78 7.45 22.74
CA PRO C 125 16.97 6.48 23.48
C PRO C 125 16.77 5.15 22.73
N TYR C 126 16.68 5.22 21.39
CA TYR C 126 16.33 4.08 20.56
C TYR C 126 17.51 3.11 20.43
N LYS C 127 18.72 3.65 20.48
CA LYS C 127 19.94 2.84 20.55
C LYS C 127 20.28 1.95 19.36
N ARG C 128 19.28 1.39 18.67
CA ARG C 128 19.50 0.32 17.67
C ARG C 128 20.11 0.81 16.36
N ASP C 129 20.75 -0.13 15.66
CA ASP C 129 21.41 0.12 14.40
C ASP C 129 20.37 0.18 13.23
N ILE C 130 19.76 1.37 13.03
CA ILE C 130 18.76 1.55 11.98
C ILE C 130 19.27 1.07 10.59
N LEU C 131 20.47 1.51 10.24
CA LEU C 131 21.02 1.21 8.96
C LEU C 131 21.09 -0.32 8.75
N GLY C 132 21.65 -1.02 9.73
CA GLY C 132 21.86 -2.47 9.66
C GLY C 132 20.55 -3.22 9.55
N GLU C 133 19.54 -2.76 10.29
CA GLU C 133 18.20 -3.36 10.21
C GLU C 133 17.52 -3.18 8.83
N LEU C 134 17.75 -2.04 8.18
CA LEU C 134 17.13 -1.81 6.90
C LEU C 134 17.85 -2.59 5.81
N VAL C 135 19.19 -2.66 5.92
CA VAL C 135 20.01 -3.36 4.96
C VAL C 135 19.46 -4.78 4.86
N LYS C 136 19.46 -5.47 6.01
CA LYS C 136 18.86 -6.79 6.14
C LYS C 136 17.47 -6.89 5.55
N ALA C 137 16.58 -6.03 6.00
CA ALA C 137 15.18 -6.10 5.56
C ALA C 137 14.99 -5.91 4.05
N TYR C 138 15.63 -4.89 3.47
CA TYR C 138 15.58 -4.70 2.01
C TYR C 138 16.19 -5.88 1.26
N ASN C 139 17.35 -6.35 1.71
CA ASN C 139 18.00 -7.51 1.11
C ASN C 139 17.10 -8.77 1.13
N ASP C 140 16.46 -9.05 2.27
CA ASP C 140 15.57 -10.22 2.41
C ASP C 140 14.48 -10.21 1.35
N GLU C 141 14.09 -9.02 0.88
CA GLU C 141 13.09 -8.89 -0.17
C GLU C 141 13.67 -8.89 -1.59
N GLY C 142 14.96 -9.15 -1.71
CA GLY C 142 15.63 -9.05 -3.01
C GLY C 142 15.82 -7.63 -3.53
N ILE C 143 15.89 -6.65 -2.63
CA ILE C 143 16.04 -5.25 -3.00
C ILE C 143 17.46 -4.81 -2.66
N ASP C 144 18.15 -4.16 -3.60
CA ASP C 144 19.51 -3.72 -3.37
C ASP C 144 19.53 -2.48 -2.50
N VAL C 145 20.62 -2.31 -1.72
CA VAL C 145 20.78 -1.10 -0.91
C VAL C 145 21.98 -0.24 -1.31
N HIS C 146 21.71 1.05 -1.52
CA HIS C 146 22.71 2.06 -1.84
C HIS C 146 22.83 3.00 -0.64
N PHE C 147 24.07 3.45 -0.39
CA PHE C 147 24.36 4.32 0.73
C PHE C 147 24.56 5.74 0.29
N TYR C 148 23.66 6.63 0.69
CA TYR C 148 23.90 8.05 0.55
C TYR C 148 24.92 8.40 1.63
N PHE C 149 25.90 9.25 1.28
CA PHE C 149 26.88 9.75 2.27
C PHE C 149 27.26 11.20 2.01
N SER C 150 27.07 12.03 3.03
CA SER C 150 27.41 13.42 2.97
C SER C 150 28.85 13.60 3.41
N VAL C 151 29.69 14.08 2.52
CA VAL C 151 31.03 14.42 2.93
C VAL C 151 31.01 15.59 3.94
N MET C 152 30.45 16.73 3.52
CA MET C 152 30.23 17.86 4.41
C MET C 152 29.59 17.38 5.70
N ASP C 153 30.23 17.68 6.82
CA ASP C 153 29.75 17.23 8.11
C ASP C 153 29.81 18.43 9.09
N TRP C 154 28.63 18.99 9.38
CA TRP C 154 28.43 20.14 10.28
C TRP C 154 28.63 19.79 11.76
N SER C 155 28.91 18.52 12.03
CA SER C 155 29.08 18.08 13.41
C SER C 155 30.56 18.07 13.82
N ASN C 156 31.43 18.25 12.83
CA ASN C 156 32.85 18.07 13.01
C ASN C 156 33.64 19.36 12.86
N PRO C 157 34.45 19.74 13.87
CA PRO C 157 35.13 21.03 13.77
C PRO C 157 36.20 21.09 12.68
N ASP C 158 36.64 19.94 12.20
CA ASP C 158 37.72 19.92 11.23
C ASP C 158 37.27 20.19 9.81
N TYR C 159 35.96 20.17 9.58
CA TYR C 159 35.45 20.42 8.23
C TYR C 159 35.79 21.85 7.81
N ARG C 160 36.19 22.01 6.57
CA ARG C 160 36.41 23.32 6.00
C ARG C 160 35.63 23.49 4.68
N TYR C 161 35.21 24.73 4.43
CA TYR C 161 34.44 25.05 3.21
C TYR C 161 35.43 25.36 2.11
N ASP C 162 36.60 25.80 2.54
CA ASP C 162 37.67 26.14 1.62
C ASP C 162 39.01 25.90 2.28
N ILE C 163 40.06 25.78 1.46
CA ILE C 163 41.45 25.67 1.90
C ILE C 163 42.15 26.99 1.55
N LYS C 164 42.13 27.94 2.48
CA LYS C 164 42.79 29.23 2.27
C LYS C 164 44.11 29.34 3.06
N SER C 165 44.28 28.50 4.07
CA SER C 165 45.53 28.49 4.85
C SER C 165 46.09 27.08 5.03
N LYS C 166 47.31 27.01 5.57
CA LYS C 166 47.88 25.76 6.00
C LYS C 166 47.09 25.16 7.16
N GLU C 167 46.51 26.01 8.00
CA GLU C 167 45.68 25.51 9.09
C GLU C 167 44.44 24.77 8.54
N ASP C 168 43.74 25.39 7.60
CA ASP C 168 42.61 24.76 6.94
C ASP C 168 43.02 23.41 6.34
N SER C 169 44.11 23.41 5.62
CA SER C 169 44.61 22.21 4.98
C SER C 169 44.90 21.07 5.97
N ILE C 170 45.36 21.44 7.18
CA ILE C 170 45.67 20.48 8.20
C ILE C 170 44.37 19.99 8.81
N ALA C 171 43.48 20.91 9.13
CA ALA C 171 42.21 20.53 9.71
C ALA C 171 41.45 19.66 8.71
N PHE C 172 41.45 20.08 7.45
CA PHE C 172 40.72 19.35 6.44
C PHE C 172 41.28 17.95 6.21
N SER C 173 42.60 17.82 6.32
CA SER C 173 43.26 16.53 6.25
C SER C 173 42.76 15.56 7.30
N ARG C 174 42.66 16.04 8.54
CA ARG C 174 42.07 15.27 9.63
CA ARG C 174 42.08 15.26 9.63
C ARG C 174 40.62 14.90 9.33
N PHE C 175 39.87 15.85 8.78
CA PHE C 175 38.52 15.60 8.41
C PHE C 175 38.46 14.48 7.36
N LEU C 176 39.38 14.46 6.41
CA LEU C 176 39.33 13.46 5.32
C LEU C 176 39.69 12.07 5.76
N GLU C 177 40.50 11.99 6.81
CA GLU C 177 40.91 10.71 7.36
C GLU C 177 39.71 10.19 8.16
N PHE C 178 39.00 11.09 8.86
CA PHE C 178 37.82 10.68 9.61
C PHE C 178 36.71 10.23 8.63
N THR C 179 36.59 10.95 7.52
CA THR C 179 35.67 10.55 6.46
C THR C 179 36.03 9.16 5.87
N ASP C 180 37.28 8.93 5.52
CA ASP C 180 37.69 7.58 5.06
C ASP C 180 37.39 6.52 6.12
N ASN C 181 37.58 6.84 7.40
CA ASN C 181 37.31 5.86 8.44
C ASN C 181 35.83 5.46 8.45
N GLN C 182 34.96 6.46 8.35
CA GLN C 182 33.52 6.19 8.26
C GLN C 182 33.15 5.42 6.99
N LEU C 183 33.83 5.70 5.88
CA LEU C 183 33.53 5.04 4.63
C LEU C 183 33.96 3.59 4.63
N LYS C 184 35.16 3.33 5.17
CA LYS C 184 35.65 1.94 5.25
C LYS C 184 34.75 1.12 6.16
N GLU C 185 34.30 1.76 7.22
CA GLU C 185 33.46 1.17 8.22
C GLU C 185 32.15 0.69 7.62
N LEU C 186 31.50 1.56 6.83
CA LEU C 186 30.28 1.22 6.13
C LEU C 186 30.52 0.07 5.15
N ALA C 187 31.60 0.15 4.37
CA ALA C 187 31.84 -0.86 3.31
C ALA C 187 32.15 -2.25 3.86
N THR C 188 32.85 -2.34 4.99
CA THR C 188 33.11 -3.65 5.58
C THR C 188 32.04 -4.09 6.58
N ARG C 189 31.36 -3.15 7.26
CA ARG C 189 30.24 -3.52 8.15
C ARG C 189 29.04 -4.06 7.38
N TYR C 190 28.84 -3.53 6.18
CA TYR C 190 27.65 -3.80 5.39
C TYR C 190 28.07 -4.12 3.95
N PRO C 191 28.71 -5.30 3.74
CA PRO C 191 29.33 -5.67 2.47
C PRO C 191 28.34 -5.93 1.31
N THR C 192 27.05 -6.03 1.60
CA THR C 192 26.05 -6.14 0.52
C THR C 192 25.72 -4.82 -0.23
N VAL C 193 26.22 -3.69 0.29
CA VAL C 193 26.01 -2.35 -0.29
C VAL C 193 26.41 -2.33 -1.76
N LYS C 194 25.60 -1.72 -2.62
CA LYS C 194 25.87 -1.76 -4.07
C LYS C 194 26.37 -0.45 -4.68
N ASP C 195 26.28 0.62 -3.91
CA ASP C 195 26.49 1.94 -4.44
C ASP C 195 26.76 2.88 -3.27
N PHE C 196 27.67 3.84 -3.46
CA PHE C 196 27.82 4.99 -2.59
C PHE C 196 27.51 6.23 -3.39
N TRP C 197 26.58 7.03 -2.87
CA TRP C 197 26.10 8.19 -3.55
C TRP C 197 26.50 9.36 -2.67
N PHE C 198 27.56 10.04 -3.08
CA PHE C 198 28.07 11.14 -2.31
C PHE C 198 27.28 12.43 -2.49
N ASP C 199 27.15 13.18 -1.40
CA ASP C 199 26.52 14.49 -1.41
C ASP C 199 27.39 15.41 -0.57
N GLY C 200 27.16 16.72 -0.69
CA GLY C 200 27.94 17.68 0.12
C GLY C 200 29.42 17.58 -0.23
N THR C 201 29.71 17.56 -1.54
CA THR C 201 31.05 17.48 -2.09
C THR C 201 31.29 18.66 -3.05
N TRP C 202 30.46 19.70 -2.94
CA TRP C 202 30.59 20.87 -3.83
C TRP C 202 31.55 21.94 -3.34
N ASP C 203 31.85 21.97 -2.03
CA ASP C 203 32.62 23.07 -1.48
C ASP C 203 33.99 23.16 -2.10
N ALA C 204 34.56 24.36 -2.08
CA ALA C 204 35.88 24.61 -2.67
C ALA C 204 36.98 23.70 -2.05
N SER C 205 36.86 23.45 -0.76
CA SER C 205 37.71 22.50 -0.08
C SER C 205 37.81 21.16 -0.84
N VAL C 206 36.67 20.52 -1.14
CA VAL C 206 36.66 19.24 -1.85
C VAL C 206 37.22 19.35 -3.24
N LYS C 207 36.82 20.42 -3.95
CA LYS C 207 37.29 20.72 -5.29
C LYS C 207 38.78 20.82 -5.32
N LYS C 208 39.37 21.40 -4.29
CA LYS C 208 40.83 21.54 -4.27
C LYS C 208 41.51 20.24 -3.85
N ASN C 209 40.72 19.27 -3.41
CA ASN C 209 41.26 17.95 -3.04
C ASN C 209 40.69 16.80 -3.89
N GLY C 210 40.85 16.95 -5.20
CA GLY C 210 40.31 16.02 -6.14
C GLY C 210 40.99 14.68 -6.04
N TRP C 211 42.28 14.69 -5.70
CA TRP C 211 43.00 13.44 -5.45
C TRP C 211 42.21 12.60 -4.45
N TRP C 212 41.66 13.27 -3.44
CA TRP C 212 40.92 12.54 -2.43
C TRP C 212 39.66 11.88 -3.02
N THR C 213 38.93 12.60 -3.88
CA THR C 213 37.73 12.00 -4.49
C THR C 213 38.11 10.74 -5.29
N ALA C 214 39.18 10.82 -6.07
CA ALA C 214 39.58 9.65 -6.84
C ALA C 214 39.98 8.52 -5.90
N HIS C 215 40.61 8.90 -4.78
CA HIS C 215 41.05 7.89 -3.80
C HIS C 215 39.85 7.25 -3.09
N ALA C 216 38.87 8.06 -2.74
CA ALA C 216 37.68 7.55 -2.08
C ALA C 216 36.99 6.52 -2.98
N GLU C 217 36.95 6.82 -4.28
CA GLU C 217 36.36 5.93 -5.28
C GLU C 217 37.13 4.62 -5.33
N GLN C 218 38.44 4.73 -5.49
CA GLN C 218 39.26 3.53 -5.60
C GLN C 218 39.24 2.70 -4.30
N MET C 219 39.32 3.38 -3.15
CA MET C 219 39.29 2.73 -1.83
C MET C 219 38.04 1.84 -1.70
N LEU C 220 36.87 2.36 -2.03
CA LEU C 220 35.61 1.61 -1.97
C LEU C 220 35.47 0.49 -3.03
N LYS C 221 35.99 0.71 -4.24
CA LYS C 221 35.86 -0.31 -5.28
C LYS C 221 36.71 -1.54 -4.92
N GLU C 222 37.79 -1.30 -4.21
CA GLU C 222 38.62 -2.38 -3.65
C GLU C 222 37.99 -3.11 -2.48
N LEU C 223 37.26 -2.41 -1.61
CA LEU C 223 36.56 -3.04 -0.49
C LEU C 223 35.23 -3.71 -0.83
N VAL C 224 34.59 -3.27 -1.91
CA VAL C 224 33.26 -3.79 -2.30
C VAL C 224 33.25 -4.10 -3.78
N PRO C 225 33.50 -5.37 -4.15
CA PRO C 225 33.59 -5.74 -5.57
C PRO C 225 32.36 -5.31 -6.35
N GLY C 226 32.54 -4.59 -7.44
CA GLY C 226 31.41 -4.19 -8.30
C GLY C 226 30.61 -2.95 -7.86
N VAL C 227 31.00 -2.34 -6.74
CA VAL C 227 30.29 -1.17 -6.22
C VAL C 227 30.16 -0.06 -7.27
N ALA C 228 29.02 0.64 -7.27
CA ALA C 228 28.85 1.83 -8.09
C ALA C 228 29.21 3.07 -7.25
N ILE C 229 29.74 4.09 -7.90
CA ILE C 229 30.09 5.33 -7.25
C ILE C 229 29.56 6.49 -8.07
N ASN C 230 28.83 7.44 -7.47
CA ASN C 230 28.23 8.53 -8.29
C ASN C 230 29.23 9.62 -8.72
N SER C 231 28.88 10.33 -9.80
CA SER C 231 29.72 11.40 -10.31
C SER C 231 29.82 12.60 -9.35
N ARG C 232 28.83 12.73 -8.47
CA ARG C 232 28.78 13.88 -7.55
C ARG C 232 29.98 13.90 -6.60
N LEU C 233 30.52 12.72 -6.27
CA LEU C 233 31.70 12.61 -5.43
C LEU C 233 32.87 13.39 -6.03
N ARG C 234 33.02 13.28 -7.35
CA ARG C 234 34.31 13.43 -7.98
C ARG C 234 34.72 14.79 -8.51
N ALA C 235 35.94 15.20 -8.19
CA ALA C 235 36.56 16.36 -8.80
C ALA C 235 37.92 15.93 -9.29
N ASP C 236 38.37 16.52 -10.40
CA ASP C 236 39.68 16.26 -10.96
C ASP C 236 40.77 17.20 -10.42
N ASP C 237 41.97 17.06 -10.99
CA ASP C 237 43.14 17.80 -10.57
C ASP C 237 42.84 19.30 -10.56
N LYS C 238 41.99 19.76 -11.48
CA LYS C 238 41.70 21.17 -11.67
C LYS C 238 40.48 21.65 -10.89
N GLY C 239 39.83 20.73 -10.18
CA GLY C 239 38.68 21.07 -9.36
C GLY C 239 37.36 21.04 -10.08
N LYS C 240 37.34 20.49 -11.29
CA LYS C 240 36.06 20.42 -12.02
C LYS C 240 35.34 19.16 -11.64
N ARG C 241 34.04 19.29 -11.40
CA ARG C 241 33.18 18.24 -10.83
C ARG C 241 32.33 17.44 -11.83
N HIS C 242 32.06 16.19 -11.49
CA HIS C 242 31.20 15.32 -12.29
C HIS C 242 31.89 14.84 -13.58
N PHE C 243 32.12 15.77 -14.50
CA PHE C 243 32.87 15.54 -15.72
C PHE C 243 34.18 16.26 -15.55
N ASP C 244 35.27 15.59 -15.93
CA ASP C 244 36.64 16.12 -15.74
C ASP C 244 36.99 17.20 -16.79
N SER C 245 38.16 17.80 -16.66
CA SER C 245 38.59 18.85 -17.60
C SER C 245 38.70 18.41 -19.07
N ASN C 246 38.63 17.11 -19.36
CA ASN C 246 38.47 16.69 -20.76
C ASN C 246 37.03 16.32 -21.17
N GLY C 247 36.05 16.74 -20.37
CA GLY C 247 34.65 16.42 -20.64
C GLY C 247 34.26 14.95 -20.47
N ARG C 248 35.04 14.19 -19.72
CA ARG C 248 34.76 12.76 -19.54
C ARG C 248 34.17 12.47 -18.16
N LEU C 249 33.08 11.69 -18.10
CA LEU C 249 32.38 11.37 -16.86
C LEU C 249 33.26 10.73 -15.80
N MET C 250 33.27 11.27 -14.59
CA MET C 250 33.96 10.64 -13.49
C MET C 250 32.96 9.84 -12.68
N GLY C 251 33.46 8.84 -11.93
CA GLY C 251 32.63 7.85 -11.26
C GLY C 251 31.97 6.91 -12.27
N ASP C 252 30.86 6.28 -11.87
CA ASP C 252 30.26 5.23 -12.70
C ASP C 252 28.99 5.62 -13.44
N TYR C 253 28.39 6.72 -12.99
CA TYR C 253 27.15 7.24 -13.52
C TYR C 253 26.94 8.67 -13.08
N GLU C 254 26.24 9.39 -13.94
CA GLU C 254 25.97 10.77 -13.71
C GLU C 254 24.78 10.95 -12.80
N SER C 255 24.93 11.84 -11.83
CA SER C 255 23.93 12.03 -10.80
C SER C 255 23.69 13.51 -10.54
N GLY C 256 23.58 14.29 -11.60
CA GLY C 256 23.33 15.74 -11.47
C GLY C 256 21.85 16.11 -11.45
N TYR C 257 21.03 15.25 -12.07
CA TYR C 257 19.62 15.52 -12.28
C TYR C 257 18.82 15.26 -11.00
N GLN C 258 18.33 16.35 -10.40
CA GLN C 258 17.34 16.24 -9.33
C GLN C 258 16.32 17.33 -9.44
N ARG C 259 15.07 16.93 -9.61
CA ARG C 259 14.01 17.90 -9.75
C ARG C 259 14.15 18.60 -11.12
N ARG C 260 14.98 17.98 -11.98
CA ARG C 260 15.30 18.43 -13.35
CA ARG C 260 15.22 18.42 -13.34
C ARG C 260 15.54 17.17 -14.18
N LEU C 261 15.02 17.11 -15.41
CA LEU C 261 15.31 15.95 -16.28
C LEU C 261 15.76 16.36 -17.68
N PRO C 262 16.56 15.50 -18.36
CA PRO C 262 17.06 15.91 -19.65
C PRO C 262 15.94 16.03 -20.66
N ASP C 263 16.06 17.02 -21.53
CA ASP C 263 15.10 17.23 -22.59
C ASP C 263 15.12 16.08 -23.58
N PRO C 264 13.95 15.45 -23.83
CA PRO C 264 13.83 14.30 -24.70
C PRO C 264 14.20 14.60 -26.16
N VAL C 265 14.28 15.88 -26.52
CA VAL C 265 14.71 16.26 -27.87
C VAL C 265 16.17 16.77 -27.93
N LYS C 266 16.54 17.67 -27.02
CA LYS C 266 17.86 18.36 -27.09
C LYS C 266 18.99 17.77 -26.27
N ASP C 267 18.67 16.86 -25.36
CA ASP C 267 19.67 16.32 -24.43
C ASP C 267 19.99 14.85 -24.68
N LEU C 268 20.00 14.44 -25.95
CA LEU C 268 20.27 13.03 -26.26
C LEU C 268 21.66 12.55 -25.87
N LYS C 269 22.58 13.47 -25.63
CA LYS C 269 23.95 13.14 -25.19
C LYS C 269 23.95 12.24 -23.91
N VAL C 270 22.94 12.40 -23.07
CA VAL C 270 22.86 11.63 -21.82
C VAL C 270 22.77 10.12 -22.10
N THR C 271 22.23 9.74 -23.26
CA THR C 271 22.16 8.31 -23.63
C THR C 271 23.52 7.59 -23.73
N GLN C 272 24.60 8.37 -23.80
CA GLN C 272 25.96 7.84 -23.94
C GLN C 272 26.58 7.35 -22.61
N TRP C 273 26.01 7.73 -21.48
CA TRP C 273 26.57 7.29 -20.18
C TRP C 273 25.44 6.89 -19.28
N ASP C 274 25.78 6.09 -18.26
CA ASP C 274 24.81 5.73 -17.25
C ASP C 274 24.51 6.94 -16.40
N TRP C 275 23.28 7.05 -15.93
CA TRP C 275 22.91 8.19 -15.11
C TRP C 275 21.69 7.91 -14.29
N GLU C 276 21.50 8.72 -13.26
CA GLU C 276 20.42 8.46 -12.35
C GLU C 276 19.86 9.77 -11.85
N ALA C 277 18.54 9.86 -11.90
CA ALA C 277 17.85 11.04 -11.39
C ALA C 277 17.17 10.72 -10.06
N CYS C 278 17.22 11.69 -9.17
CA CYS C 278 16.56 11.58 -7.88
C CYS C 278 15.52 12.66 -7.81
N MET C 279 14.34 12.35 -7.25
CA MET C 279 13.27 13.34 -7.22
C MET C 279 12.53 13.48 -5.91
N THR C 280 11.98 14.66 -5.66
CA THR C 280 11.10 14.84 -4.51
C THR C 280 9.66 14.88 -4.90
N ILE C 281 8.80 14.51 -3.95
CA ILE C 281 7.36 14.56 -4.21
C ILE C 281 6.84 15.99 -4.23
N PRO C 282 7.10 16.78 -3.15
CA PRO C 282 6.86 18.23 -3.27
C PRO C 282 8.04 18.89 -3.97
N GLU C 283 8.13 20.22 -3.94
CA GLU C 283 9.07 20.87 -4.85
C GLU C 283 10.49 20.59 -4.44
N ASN C 284 10.74 20.71 -3.14
CA ASN C 284 12.06 20.56 -2.60
C ASN C 284 12.04 20.20 -1.11
N GLN C 285 11.56 18.99 -0.82
CA GLN C 285 11.57 18.43 0.54
C GLN C 285 12.10 16.99 0.50
N TRP C 286 13.30 16.80 1.02
CA TRP C 286 13.88 15.46 1.09
C TRP C 286 13.60 14.88 2.46
N GLY C 287 13.95 15.63 3.51
CA GLY C 287 13.70 15.23 4.89
C GLY C 287 12.23 15.34 5.18
N TYR C 288 11.74 14.71 6.25
CA TYR C 288 10.36 14.92 6.66
C TYR C 288 10.07 16.40 6.90
N HIS C 289 9.04 16.90 6.22
CA HIS C 289 8.58 18.26 6.48
C HIS C 289 7.11 18.23 6.88
N LYS C 290 6.78 18.90 8.00
CA LYS C 290 5.42 18.81 8.53
C LYS C 290 4.33 19.50 7.70
N ASP C 291 4.69 20.43 6.81
CA ASP C 291 3.65 21.16 6.06
C ASP C 291 3.88 21.14 4.54
N TRP C 292 3.22 20.22 3.86
CA TRP C 292 3.34 20.07 2.41
C TRP C 292 2.48 21.03 1.61
N SER C 293 1.65 21.83 2.29
CA SER C 293 0.86 22.83 1.58
C SER C 293 1.73 23.99 1.09
N LEU C 294 3.00 24.03 1.49
CA LEU C 294 3.85 25.16 1.15
C LEU C 294 4.51 25.14 -0.23
N SER C 295 4.38 24.06 -0.98
CA SER C 295 4.90 24.00 -2.37
C SER C 295 4.03 23.01 -3.12
N TYR C 296 4.17 22.96 -4.45
CA TYR C 296 3.36 22.04 -5.23
C TYR C 296 3.78 20.58 -4.97
N VAL C 297 2.78 19.72 -4.81
CA VAL C 297 2.97 18.29 -4.51
C VAL C 297 2.58 17.43 -5.73
N LYS C 298 3.55 16.71 -6.27
CA LYS C 298 3.35 15.88 -7.48
C LYS C 298 2.29 14.81 -7.30
N THR C 299 1.40 14.66 -8.27
CA THR C 299 0.48 13.51 -8.22
C THR C 299 1.21 12.22 -8.64
N PRO C 300 0.59 11.03 -8.42
CA PRO C 300 1.22 9.80 -8.87
C PRO C 300 1.55 9.79 -10.38
N ILE C 301 0.64 10.26 -11.20
CA ILE C 301 0.92 10.26 -12.65
C ILE C 301 2.07 11.21 -13.01
N GLU C 302 2.16 12.33 -12.31
CA GLU C 302 3.29 13.21 -12.53
C GLU C 302 4.59 12.49 -12.19
N VAL C 303 4.56 11.63 -11.16
CA VAL C 303 5.76 10.91 -10.76
C VAL C 303 6.08 9.78 -11.76
N ILE C 304 5.04 9.07 -12.20
CA ILE C 304 5.20 7.99 -13.18
C ILE C 304 5.80 8.49 -14.48
N ASP C 305 5.30 9.62 -14.96
CA ASP C 305 5.81 10.31 -16.15
C ASP C 305 7.33 10.53 -16.09
N ARG C 306 7.81 10.95 -14.93
CA ARG C 306 9.24 11.22 -14.75
CA ARG C 306 9.24 11.20 -14.74
C ARG C 306 10.04 9.92 -14.73
N ILE C 307 9.48 8.89 -14.13
CA ILE C 307 10.18 7.61 -14.07
C ILE C 307 10.37 7.15 -15.51
N VAL C 308 9.31 7.20 -16.31
CA VAL C 308 9.34 6.69 -17.68
C VAL C 308 10.19 7.62 -18.53
N HIS C 309 10.00 8.92 -18.34
CA HIS C 309 10.91 9.91 -18.95
C HIS C 309 12.36 9.49 -18.80
N ALA C 310 12.79 9.13 -17.57
CA ALA C 310 14.21 8.77 -17.30
C ALA C 310 14.63 7.49 -18.05
N VAL C 311 13.84 6.44 -17.97
CA VAL C 311 14.18 5.18 -18.61
C VAL C 311 14.30 5.37 -20.11
N SER C 312 13.41 6.22 -20.64
CA SER C 312 13.28 6.49 -22.08
C SER C 312 14.51 7.21 -22.65
N MET C 313 15.34 7.70 -21.74
CA MET C 313 16.60 8.36 -22.07
C MET C 313 17.76 7.64 -21.44
N GLY C 314 17.56 6.39 -21.05
CA GLY C 314 18.66 5.57 -20.54
C GLY C 314 19.10 5.84 -19.12
N GLY C 315 18.23 6.46 -18.31
CA GLY C 315 18.57 6.78 -16.93
C GLY C 315 17.75 6.03 -15.91
N ASN C 316 18.26 5.97 -14.68
CA ASN C 316 17.47 5.48 -13.52
C ASN C 316 16.65 6.60 -12.93
N MET C 317 15.62 6.24 -12.17
CA MET C 317 14.86 7.23 -11.40
C MET C 317 14.61 6.73 -9.99
N VAL C 318 14.71 7.66 -9.03
CA VAL C 318 14.68 7.35 -7.64
C VAL C 318 13.74 8.34 -7.00
N VAL C 319 12.69 7.80 -6.40
CA VAL C 319 11.62 8.56 -5.73
C VAL C 319 11.86 8.67 -4.23
N ASN C 320 11.91 9.91 -3.74
CA ASN C 320 12.29 10.16 -2.37
C ASN C 320 11.17 10.04 -1.35
N PHE C 321 11.52 9.47 -0.19
CA PHE C 321 10.64 9.39 0.97
C PHE C 321 11.35 10.01 2.18
N GLY C 322 10.62 10.86 2.90
CA GLY C 322 11.10 11.45 4.16
C GLY C 322 10.24 10.93 5.30
N PRO C 323 10.63 9.78 5.87
CA PRO C 323 9.94 9.11 6.96
C PRO C 323 9.79 10.04 8.19
N GLN C 324 8.70 9.81 8.94
CA GLN C 324 8.33 10.63 10.11
C GLN C 324 9.25 10.33 11.27
N ALA C 325 9.28 11.21 12.28
CA ALA C 325 10.16 10.97 13.41
C ALA C 325 9.80 9.69 14.18
N ASP C 326 8.53 9.27 14.11
CA ASP C 326 8.11 8.05 14.79
C ASP C 326 8.43 6.79 13.97
N GLY C 327 9.00 6.96 12.78
CA GLY C 327 9.43 5.81 12.00
C GLY C 327 8.34 5.18 11.16
N ASP C 328 7.25 5.91 10.95
CA ASP C 328 6.23 5.54 9.97
C ASP C 328 6.37 6.53 8.83
N PHE C 329 5.64 6.26 7.74
CA PHE C 329 5.56 7.14 6.58
C PHE C 329 4.30 7.97 6.65
N ARG C 330 4.37 9.22 6.21
CA ARG C 330 3.14 10.01 6.03
C ARG C 330 2.22 9.37 5.00
N PRO C 331 0.91 9.69 5.08
CA PRO C 331 -0.06 9.06 4.20
C PRO C 331 0.14 9.42 2.74
N GLU C 332 0.63 10.63 2.50
CA GLU C 332 0.94 11.08 1.14
C GLU C 332 1.93 10.14 0.47
N GLU C 333 2.92 9.72 1.24
CA GLU C 333 3.94 8.82 0.75
C GLU C 333 3.43 7.40 0.58
N LYS C 334 2.57 6.94 1.49
CA LYS C 334 1.95 5.61 1.37
C LYS C 334 1.03 5.52 0.16
N ALA C 335 0.24 6.58 -0.09
CA ALA C 335 -0.63 6.60 -1.26
C ALA C 335 0.24 6.61 -2.51
N MET C 336 1.32 7.39 -2.48
CA MET C 336 2.21 7.48 -3.62
C MET C 336 2.83 6.11 -3.96
N ALA C 337 3.41 5.43 -2.95
CA ALA C 337 4.00 4.12 -3.06
C ALA C 337 3.05 3.08 -3.65
N THR C 338 1.84 3.00 -3.10
CA THR C 338 0.76 2.14 -3.58
C THR C 338 0.35 2.49 -5.04
N ALA C 339 0.03 3.75 -5.28
CA ALA C 339 -0.34 4.11 -6.65
C ALA C 339 0.75 3.71 -7.66
N ILE C 340 2.01 3.91 -7.31
CA ILE C 340 3.09 3.59 -8.25
C ILE C 340 3.19 2.08 -8.40
N GLY C 341 3.16 1.39 -7.26
CA GLY C 341 3.14 -0.08 -7.22
C GLY C 341 2.12 -0.72 -8.13
N LYS C 342 0.91 -0.18 -8.12
CA LYS C 342 -0.13 -0.70 -9.01
C LYS C 342 0.24 -0.54 -10.47
N TRP C 343 0.81 0.61 -10.81
CA TRP C 343 1.08 0.93 -12.22
C TRP C 343 2.23 0.08 -12.71
N MET C 344 3.30 0.01 -11.90
CA MET C 344 4.47 -0.81 -12.20
C MET C 344 4.09 -2.28 -12.36
N ASN C 345 3.20 -2.77 -11.51
CA ASN C 345 2.69 -4.14 -11.63
C ASN C 345 2.09 -4.41 -13.01
N ARG C 346 1.37 -3.44 -13.56
CA ARG C 346 0.77 -3.61 -14.89
C ARG C 346 1.77 -3.33 -16.00
N TYR C 347 2.66 -2.36 -15.80
CA TYR C 347 3.38 -1.79 -16.95
C TYR C 347 4.86 -1.85 -16.80
N GLY C 348 5.33 -2.39 -15.68
CA GLY C 348 6.73 -2.38 -15.33
C GLY C 348 7.66 -3.08 -16.31
N LYS C 349 7.10 -3.94 -17.16
CA LYS C 349 7.89 -4.58 -18.23
C LYS C 349 8.51 -3.56 -19.23
N ALA C 350 7.89 -2.37 -19.31
CA ALA C 350 8.43 -1.25 -20.10
C ALA C 350 9.43 -0.36 -19.34
N VAL C 351 9.74 -0.74 -18.10
CA VAL C 351 10.58 0.10 -17.25
C VAL C 351 11.78 -0.70 -16.84
N TYR C 352 11.54 -1.83 -16.16
CA TYR C 352 12.62 -2.72 -15.71
C TYR C 352 13.49 -3.10 -16.89
N ALA C 353 14.81 -2.98 -16.70
CA ALA C 353 15.79 -3.38 -17.71
C ALA C 353 15.52 -2.77 -19.10
N CYS C 354 14.83 -1.64 -19.18
CA CYS C 354 14.65 -0.97 -20.46
C CYS C 354 15.63 0.20 -20.62
N ASP C 355 15.66 0.82 -21.80
CA ASP C 355 16.68 1.79 -22.12
C ASP C 355 16.19 2.66 -23.28
N TYR C 356 16.99 3.66 -23.65
CA TYR C 356 16.70 4.54 -24.78
C TYR C 356 16.45 3.72 -26.06
N ALA C 357 15.36 4.03 -26.75
CA ALA C 357 14.98 3.34 -27.97
C ALA C 357 15.58 3.87 -29.28
N GLY C 358 16.06 5.12 -29.32
CA GLY C 358 16.63 5.66 -30.56
C GLY C 358 15.59 6.17 -31.57
N PHE C 359 14.37 6.37 -31.09
CA PHE C 359 13.26 6.80 -31.91
C PHE C 359 13.06 8.28 -31.63
N GLU C 360 12.59 9.02 -32.63
CA GLU C 360 12.25 10.43 -32.39
C GLU C 360 11.12 10.58 -31.41
N LYS C 361 11.28 11.47 -30.42
CA LYS C 361 10.22 11.70 -29.42
C LYS C 361 8.91 12.13 -30.09
N GLN C 362 7.80 11.52 -29.69
CA GLN C 362 6.51 11.97 -30.16
C GLN C 362 5.69 12.51 -28.98
N ASP C 363 4.63 13.27 -29.29
CA ASP C 363 3.89 13.99 -28.25
C ASP C 363 3.09 13.12 -27.29
N TRP C 364 2.70 11.92 -27.73
CA TRP C 364 1.79 11.13 -26.93
C TRP C 364 2.46 10.50 -25.70
N GLY C 365 3.79 10.56 -25.62
CA GLY C 365 4.49 9.87 -24.52
C GLY C 365 5.93 9.56 -24.81
N TYR C 366 6.37 8.38 -24.38
CA TYR C 366 7.76 7.98 -24.52
C TYR C 366 7.94 6.60 -25.10
N TYR C 367 9.10 6.35 -25.68
CA TYR C 367 9.44 4.98 -26.03
C TYR C 367 10.47 4.50 -25.00
N THR C 368 10.38 3.23 -24.60
CA THR C 368 11.53 2.55 -23.97
C THR C 368 11.83 1.30 -24.80
N ARG C 369 13.08 0.83 -24.75
CA ARG C 369 13.47 -0.40 -25.43
CA ARG C 369 13.51 -0.39 -25.43
C ARG C 369 13.85 -1.50 -24.44
N GLY C 370 13.31 -2.70 -24.65
CA GLY C 370 13.69 -3.89 -23.86
C GLY C 370 15.06 -4.36 -24.33
N LYS C 371 15.63 -5.33 -23.62
CA LYS C 371 16.98 -5.82 -23.91
C LYS C 371 17.06 -6.52 -25.26
N ASN C 372 15.95 -7.14 -25.67
CA ASN C 372 15.85 -7.91 -26.91
C ASN C 372 14.91 -7.23 -27.87
N ASP C 373 15.17 -5.94 -28.04
CA ASP C 373 14.54 -5.08 -29.02
C ASP C 373 13.02 -4.97 -29.06
N GLU C 374 12.38 -5.25 -27.93
CA GLU C 374 10.99 -4.85 -27.70
C GLU C 374 10.95 -3.32 -27.61
N VAL C 375 10.02 -2.69 -28.32
CA VAL C 375 9.87 -1.24 -28.25
C VAL C 375 8.51 -0.92 -27.67
N TYR C 376 8.53 -0.18 -26.58
CA TYR C 376 7.37 0.02 -25.80
C TYR C 376 6.93 1.44 -26.00
N MET C 377 5.66 1.61 -26.35
CA MET C 377 5.08 2.93 -26.36
C MET C 377 4.37 3.23 -25.04
N VAL C 378 4.86 4.22 -24.33
CA VAL C 378 4.19 4.57 -23.08
C VAL C 378 3.35 5.81 -23.28
N VAL C 379 2.05 5.64 -23.25
CA VAL C 379 1.15 6.72 -23.61
C VAL C 379 0.64 7.53 -22.40
N PHE C 380 1.09 8.77 -22.29
CA PHE C 380 0.60 9.71 -21.24
C PHE C 380 -0.41 10.70 -21.76
N ASN C 381 -0.30 11.03 -23.05
CA ASN C 381 -1.21 12.00 -23.66
C ASN C 381 -2.05 11.42 -24.81
N GLN C 382 -3.34 11.19 -24.54
CA GLN C 382 -4.21 10.51 -25.47
C GLN C 382 -4.62 11.39 -26.68
N PRO C 383 -4.20 11.00 -27.91
CA PRO C 383 -4.59 11.85 -29.05
C PRO C 383 -6.08 11.73 -29.45
N TYR C 384 -6.78 12.87 -29.54
CA TYR C 384 -8.13 12.90 -30.12
C TYR C 384 -8.23 12.27 -31.48
N SER C 385 -7.15 12.34 -32.26
CA SER C 385 -7.10 11.71 -33.57
C SER C 385 -7.23 10.19 -33.50
N GLU C 386 -7.02 9.62 -32.30
CA GLU C 386 -7.11 8.19 -32.07
C GLU C 386 -5.99 7.44 -32.76
N ARG C 387 -4.92 8.15 -33.12
CA ARG C 387 -3.79 7.60 -33.84
C ARG C 387 -2.51 8.12 -33.20
N LEU C 388 -1.62 7.20 -32.85
CA LEU C 388 -0.35 7.54 -32.26
C LEU C 388 0.71 7.48 -33.33
N ILE C 389 1.27 8.64 -33.67
CA ILE C 389 2.32 8.74 -34.69
C ILE C 389 3.64 8.10 -34.24
N VAL C 390 4.17 7.19 -35.06
CA VAL C 390 5.47 6.58 -34.83
C VAL C 390 6.42 6.80 -36.03
N LYS C 391 7.45 7.64 -35.88
CA LYS C 391 8.46 7.78 -36.93
C LYS C 391 9.62 6.88 -36.54
N THR C 392 9.87 5.85 -37.36
CA THR C 392 10.95 4.89 -37.10
C THR C 392 12.27 5.42 -37.65
N PRO C 393 13.41 4.95 -37.10
CA PRO C 393 14.69 5.34 -37.70
C PRO C 393 14.88 4.55 -39.01
N LYS C 394 15.86 4.96 -39.83
CA LYS C 394 16.04 4.36 -41.15
C LYS C 394 16.33 2.89 -41.00
N GLY C 395 15.66 2.06 -41.81
CA GLY C 395 15.87 0.61 -41.78
C GLY C 395 14.88 -0.12 -40.90
N ILE C 396 14.21 0.61 -40.00
CA ILE C 396 13.30 -0.01 -39.04
C ILE C 396 11.85 0.02 -39.49
N THR C 397 11.21 -1.13 -39.47
CA THR C 397 9.80 -1.27 -39.82
C THR C 397 9.01 -1.76 -38.62
N VAL C 398 7.77 -1.26 -38.44
CA VAL C 398 6.94 -1.78 -37.37
C VAL C 398 6.11 -2.95 -37.89
N GLU C 399 6.30 -4.12 -37.29
CA GLU C 399 5.60 -5.34 -37.75
C GLU C 399 4.30 -5.68 -37.01
N LYS C 400 4.23 -5.31 -35.73
CA LYS C 400 3.03 -5.55 -34.91
C LYS C 400 3.00 -4.65 -33.68
N ALA C 401 1.79 -4.35 -33.23
CA ALA C 401 1.58 -3.57 -32.02
C ALA C 401 0.64 -4.41 -31.19
N THR C 402 0.87 -4.44 -29.88
CA THR C 402 0.11 -5.27 -28.93
C THR C 402 -0.13 -4.45 -27.66
N LEU C 403 -1.37 -4.40 -27.17
CA LEU C 403 -1.59 -3.77 -25.87
C LEU C 403 -1.01 -4.64 -24.73
N LEU C 404 -0.16 -4.05 -23.90
CA LEU C 404 0.62 -4.80 -22.90
C LEU C 404 -0.22 -5.53 -21.85
N THR C 405 -1.25 -4.88 -21.34
CA THR C 405 -2.14 -5.55 -20.37
C THR C 405 -2.92 -6.74 -20.96
N THR C 406 -3.51 -6.59 -22.12
CA THR C 406 -4.45 -7.60 -22.54
C THR C 406 -3.87 -8.60 -23.53
N GLY C 407 -2.76 -8.26 -24.18
CA GLY C 407 -2.24 -9.08 -25.31
C GLY C 407 -2.94 -8.83 -26.64
N GLU C 408 -3.94 -7.95 -26.64
CA GLU C 408 -4.73 -7.70 -27.85
C GLU C 408 -3.92 -7.03 -28.93
N ASP C 409 -4.24 -7.39 -30.17
CA ASP C 409 -3.61 -6.81 -31.36
C ASP C 409 -4.10 -5.39 -31.59
N ILE C 410 -3.19 -4.54 -32.07
CA ILE C 410 -3.49 -3.13 -32.26
C ILE C 410 -3.12 -2.77 -33.70
N THR C 411 -4.09 -2.20 -34.42
CA THR C 411 -3.93 -1.85 -35.83
C THR C 411 -2.72 -0.92 -36.06
N VAL C 412 -1.82 -1.31 -36.96
CA VAL C 412 -0.76 -0.40 -37.44
C VAL C 412 -0.97 -0.10 -38.92
N VAL C 413 -1.00 1.18 -39.26
CA VAL C 413 -1.15 1.62 -40.63
C VAL C 413 0.08 2.43 -41.02
N GLU C 414 0.74 2.03 -42.12
CA GLU C 414 1.86 2.79 -42.61
C GLU C 414 1.34 4.06 -43.27
N THR C 415 1.83 5.23 -42.85
CA THR C 415 1.31 6.46 -43.46
C THR C 415 2.22 7.00 -44.54
N THR C 416 3.52 6.84 -44.33
CA THR C 416 4.53 7.16 -45.31
C THR C 416 5.79 6.38 -44.97
N ARG C 417 6.74 6.35 -45.89
CA ARG C 417 8.05 5.75 -45.61
C ARG C 417 8.54 6.06 -44.17
N ASN C 418 8.77 5.01 -43.36
CA ASN C 418 9.25 5.19 -41.99
C ASN C 418 8.25 5.90 -41.04
N GLU C 419 6.96 5.80 -41.27
CA GLU C 419 5.99 6.45 -40.41
C GLU C 419 4.70 5.65 -40.40
N TYR C 420 4.09 5.56 -39.22
CA TYR C 420 2.98 4.68 -38.96
C TYR C 420 1.97 5.36 -38.03
N ASN C 421 0.70 5.06 -38.24
CA ASN C 421 -0.33 5.36 -37.27
C ASN C 421 -0.60 4.08 -36.49
N VAL C 422 -0.28 4.07 -35.20
CA VAL C 422 -0.69 2.99 -34.32
C VAL C 422 -1.98 3.44 -33.67
N SER C 423 -3.02 2.63 -33.81
CA SER C 423 -4.33 2.94 -33.22
C SER C 423 -4.31 2.88 -31.70
N VAL C 424 -5.04 3.79 -31.05
CA VAL C 424 -5.31 3.70 -29.61
C VAL C 424 -6.16 2.43 -29.39
N PRO C 425 -6.13 1.83 -28.19
CA PRO C 425 -6.99 0.63 -28.09
C PRO C 425 -8.43 1.03 -28.19
N LYS C 426 -9.24 0.04 -28.53
CA LYS C 426 -10.68 0.22 -28.70
C LYS C 426 -11.29 0.73 -27.41
N LYS C 427 -10.81 0.26 -26.26
CA LYS C 427 -11.32 0.79 -25.00
C LYS C 427 -10.23 1.61 -24.33
N ASN C 428 -10.53 2.87 -24.05
CA ASN C 428 -9.56 3.76 -23.40
C ASN C 428 -9.10 3.20 -22.05
N PRO C 429 -7.81 2.90 -21.89
CA PRO C 429 -7.34 2.27 -20.63
C PRO C 429 -7.55 3.13 -19.37
N GLY C 430 -7.81 4.41 -19.57
CA GLY C 430 -8.16 5.29 -18.46
C GLY C 430 -7.01 5.75 -17.60
N GLU C 431 -5.78 5.48 -18.05
CA GLU C 431 -4.55 5.75 -17.30
C GLU C 431 -3.35 5.64 -18.29
N PRO C 432 -2.16 6.17 -17.94
CA PRO C 432 -1.03 5.96 -18.85
C PRO C 432 -0.80 4.46 -19.12
N TYR C 433 -0.56 4.10 -20.37
CA TYR C 433 -0.57 2.69 -20.77
C TYR C 433 0.48 2.38 -21.80
N VAL C 434 0.61 1.10 -22.11
CA VAL C 434 1.69 0.66 -22.91
C VAL C 434 1.25 -0.19 -24.10
N ILE C 435 1.89 0.06 -25.24
CA ILE C 435 1.68 -0.75 -26.44
C ILE C 435 3.07 -1.20 -26.81
N GLN C 436 3.21 -2.52 -27.01
CA GLN C 436 4.51 -3.08 -27.36
C GLN C 436 4.61 -3.25 -28.86
N LEU C 437 5.67 -2.71 -29.42
CA LEU C 437 5.90 -2.82 -30.85
C LEU C 437 6.88 -3.98 -31.11
N LYS C 438 6.54 -4.78 -32.11
CA LYS C 438 7.53 -5.68 -32.72
C LYS C 438 8.18 -4.94 -33.89
N VAL C 439 9.49 -4.72 -33.82
CA VAL C 439 10.19 -4.03 -34.92
C VAL C 439 11.19 -4.95 -35.63
N ARG C 440 11.62 -4.55 -36.82
CA ARG C 440 12.61 -5.29 -37.61
C ARG C 440 13.60 -4.34 -38.25
N ALA C 441 14.89 -4.68 -38.20
CA ALA C 441 15.93 -3.85 -38.82
C ALA C 441 15.99 -4.05 -40.36
N ALA C 442 17.18 -4.07 -40.96
CA ALA C 442 17.30 -4.35 -42.39
C ALA C 442 18.69 -4.81 -42.74
N GLU D 5 76.13 -5.77 27.65
CA GLU D 5 75.11 -4.87 27.03
C GLU D 5 75.20 -4.83 25.49
N ILE D 6 74.63 -5.84 24.83
CA ILE D 6 74.80 -6.08 23.37
C ILE D 6 74.00 -5.13 22.46
N PRO D 7 74.66 -4.45 21.48
CA PRO D 7 73.95 -3.45 20.68
C PRO D 7 72.90 -4.06 19.73
N LEU D 8 71.71 -3.46 19.68
CA LEU D 8 70.56 -4.00 18.90
C LEU D 8 69.69 -2.89 18.28
N LYS D 9 69.22 -3.11 17.05
CA LYS D 9 68.29 -2.17 16.41
C LYS D 9 66.83 -2.65 16.49
N TYR D 10 66.66 -3.98 16.61
CA TYR D 10 65.34 -4.61 16.60
C TYR D 10 65.15 -5.41 17.89
N GLY D 11 65.43 -4.75 19.01
CA GLY D 11 65.29 -5.37 20.31
C GLY D 11 63.97 -5.01 20.96
N ALA D 12 63.86 -5.28 22.26
CA ALA D 12 62.70 -4.92 23.06
C ALA D 12 62.41 -3.44 22.93
N THR D 13 61.13 -3.09 22.88
CA THR D 13 60.71 -1.69 22.79
C THR D 13 60.23 -1.19 24.17
N ASN D 14 59.28 -1.91 24.77
CA ASN D 14 58.76 -1.60 26.11
C ASN D 14 59.82 -1.64 27.20
N GLU D 15 59.76 -0.67 28.11
CA GLU D 15 60.62 -0.69 29.29
C GLU D 15 60.07 -1.78 30.21
N GLY D 16 59.12 -1.44 31.07
CA GLY D 16 58.51 -2.48 31.91
C GLY D 16 57.22 -2.93 31.27
N LYS D 17 56.21 -3.09 32.12
CA LYS D 17 54.86 -3.31 31.68
C LYS D 17 54.26 -2.05 31.13
N ARG D 18 53.55 -2.18 30.01
CA ARG D 18 52.73 -1.09 29.45
C ARG D 18 51.59 -0.75 30.42
N GLN D 19 51.33 0.52 30.67
CA GLN D 19 50.22 0.85 31.59
C GLN D 19 49.15 1.76 31.02
N ASP D 20 49.10 1.84 29.70
CA ASP D 20 48.05 2.53 29.01
C ASP D 20 46.70 1.78 29.17
N PRO D 21 45.56 2.48 29.01
CA PRO D 21 44.22 1.86 29.12
C PRO D 21 44.04 0.58 28.29
N ALA D 22 44.49 0.60 27.03
CA ALA D 22 44.44 -0.59 26.15
C ALA D 22 45.09 -1.83 26.80
N MET D 23 46.33 -1.66 27.26
CA MET D 23 47.03 -2.78 27.88
C MET D 23 46.34 -3.25 29.16
N GLN D 24 45.95 -2.30 30.02
CA GLN D 24 45.22 -2.62 31.24
C GLN D 24 43.95 -3.39 30.96
N LYS D 25 43.26 -3.05 29.87
CA LYS D 25 42.10 -3.79 29.45
C LYS D 25 42.46 -5.23 29.05
N PHE D 26 43.48 -5.35 28.22
CA PHE D 26 44.00 -6.63 27.75
C PHE D 26 44.28 -7.51 28.95
N ARG D 27 44.87 -6.89 29.97
CA ARG D 27 45.31 -7.58 31.16
C ARG D 27 44.12 -7.96 32.05
N ASP D 28 43.22 -6.99 32.30
CA ASP D 28 42.12 -7.19 33.23
C ASP D 28 41.10 -8.19 32.70
N ASN D 29 41.07 -8.36 31.38
CA ASN D 29 40.24 -9.36 30.72
C ASN D 29 40.45 -10.72 31.33
N ARG D 30 41.73 -11.08 31.45
CA ARG D 30 42.26 -12.34 32.01
C ARG D 30 41.84 -13.62 31.28
N LEU D 31 40.54 -13.79 31.04
CA LEU D 31 40.02 -15.03 30.56
C LEU D 31 39.59 -14.84 29.13
N GLY D 32 40.09 -15.69 28.24
CA GLY D 32 39.64 -15.59 26.88
C GLY D 32 39.37 -16.93 26.29
N ALA D 33 38.74 -16.93 25.11
CA ALA D 33 38.67 -18.15 24.29
C ALA D 33 39.55 -18.04 23.05
N PHE D 34 40.00 -19.18 22.52
CA PHE D 34 40.65 -19.22 21.22
C PHE D 34 39.69 -19.94 20.29
N ILE D 35 39.64 -19.50 19.04
CA ILE D 35 38.91 -20.18 17.97
C ILE D 35 39.91 -20.60 16.91
N HIS D 36 40.03 -21.91 16.71
CA HIS D 36 40.77 -22.47 15.57
C HIS D 36 39.75 -22.93 14.57
N TRP D 37 39.71 -22.20 13.46
CA TRP D 37 38.75 -22.53 12.40
C TRP D 37 39.32 -22.31 11.02
N GLY D 38 39.39 -23.39 10.26
CA GLY D 38 39.98 -23.35 8.93
C GLY D 38 39.59 -24.61 8.19
N LEU D 39 40.24 -24.86 7.05
CA LEU D 39 39.86 -25.98 6.18
C LEU D 39 40.04 -27.31 6.90
N TYR D 40 41.12 -27.43 7.68
CA TYR D 40 41.40 -28.60 8.53
C TYR D 40 40.20 -29.15 9.25
N ALA D 41 39.22 -28.29 9.50
CA ALA D 41 38.02 -28.72 10.23
C ALA D 41 37.20 -29.73 9.45
N ILE D 42 37.41 -29.77 8.13
CA ILE D 42 36.58 -30.58 7.25
C ILE D 42 37.00 -32.05 7.33
N PRO D 43 38.28 -32.37 7.08
CA PRO D 43 38.75 -33.76 7.22
C PRO D 43 38.83 -34.23 8.67
N GLY D 44 38.93 -33.27 9.60
CA GLY D 44 38.90 -33.53 11.04
C GLY D 44 39.93 -34.52 11.56
N GLY D 45 41.13 -34.46 10.99
CA GLY D 45 42.20 -35.35 11.40
C GLY D 45 42.29 -36.67 10.66
N GLU D 46 41.37 -36.92 9.72
CA GLU D 46 41.44 -38.09 8.87
C GLU D 46 41.74 -37.74 7.41
N TRP D 47 42.52 -38.57 6.73
CA TRP D 47 42.80 -38.31 5.33
C TRP D 47 43.01 -39.60 4.55
N ASN D 48 42.28 -39.75 3.44
CA ASN D 48 42.34 -40.97 2.63
C ASN D 48 42.33 -42.21 3.54
N GLY D 49 41.38 -42.24 4.48
CA GLY D 49 41.13 -43.42 5.35
C GLY D 49 42.13 -43.76 6.46
N LYS D 50 43.05 -42.83 6.77
CA LYS D 50 43.87 -42.97 7.98
C LYS D 50 43.61 -41.83 8.98
N VAL D 51 43.28 -42.19 10.21
CA VAL D 51 43.17 -41.21 11.31
C VAL D 51 44.56 -40.85 11.83
N TYR D 52 44.90 -39.57 11.76
CA TYR D 52 46.13 -39.08 12.34
C TYR D 52 45.95 -38.57 13.77
N GLY D 53 46.80 -39.09 14.66
CA GLY D 53 46.72 -38.74 16.08
C GLY D 53 47.16 -37.32 16.43
N GLY D 54 47.93 -36.69 15.55
CA GLY D 54 48.47 -35.36 15.78
C GLY D 54 47.43 -34.24 15.71
N ALA D 55 47.93 -33.02 15.82
CA ALA D 55 47.07 -31.85 15.86
C ALA D 55 46.38 -31.69 14.50
N ALA D 56 45.07 -31.84 14.49
CA ALA D 56 44.23 -31.76 13.27
C ALA D 56 44.57 -30.62 12.33
N GLU D 57 44.81 -29.42 12.87
CA GLU D 57 45.17 -28.30 12.00
C GLU D 57 46.50 -28.52 11.26
N TRP D 58 47.23 -29.55 11.65
CA TRP D 58 48.50 -29.84 11.03
C TRP D 58 48.40 -31.00 10.02
N LEU D 59 47.19 -31.53 9.83
CA LEU D 59 46.96 -32.68 8.96
C LEU D 59 47.58 -32.59 7.55
N LYS D 60 47.62 -31.41 6.95
CA LYS D 60 48.31 -31.24 5.67
C LYS D 60 49.76 -31.73 5.77
N SER D 61 50.41 -31.44 6.90
CA SER D 61 51.76 -31.90 7.16
C SER D 61 51.76 -33.40 7.46
N TRP D 62 50.83 -33.84 8.30
CA TRP D 62 50.83 -35.26 8.73
C TRP D 62 50.64 -36.18 7.54
N ALA D 63 49.73 -35.84 6.65
CA ALA D 63 49.36 -36.74 5.57
C ALA D 63 50.08 -36.42 4.25
N LYS D 64 51.07 -35.52 4.33
CA LYS D 64 51.93 -35.16 3.20
C LYS D 64 51.17 -34.62 1.97
N VAL D 65 50.07 -33.92 2.24
CA VAL D 65 49.17 -33.42 1.19
C VAL D 65 49.70 -32.13 0.56
N PRO D 66 49.82 -32.09 -0.78
CA PRO D 66 50.35 -30.86 -1.43
C PRO D 66 49.39 -29.66 -1.36
N ALA D 67 49.94 -28.46 -1.50
CA ALA D 67 49.16 -27.21 -1.44
C ALA D 67 47.95 -27.24 -2.38
N ASP D 68 48.18 -27.69 -3.61
CA ASP D 68 47.14 -27.79 -4.61
C ASP D 68 45.93 -28.55 -4.08
N GLU D 69 46.15 -29.78 -3.62
CA GLU D 69 45.06 -30.71 -3.32
C GLU D 69 44.36 -30.42 -1.99
N TRP D 70 45.14 -29.99 -1.00
CA TRP D 70 44.61 -29.61 0.30
C TRP D 70 43.57 -28.49 0.15
N LEU D 71 43.98 -27.39 -0.46
CA LEU D 71 43.14 -26.20 -0.60
C LEU D 71 41.85 -26.41 -1.41
N LYS D 72 41.73 -27.58 -2.06
CA LYS D 72 40.54 -27.96 -2.77
C LYS D 72 39.39 -28.20 -1.79
N LEU D 73 39.73 -28.20 -0.51
CA LEU D 73 38.73 -28.31 0.58
C LEU D 73 37.80 -27.10 0.62
N MET D 74 38.27 -25.96 0.13
CA MET D 74 37.44 -24.76 -0.05
C MET D 74 36.11 -25.06 -0.69
N ASP D 75 36.12 -26.02 -1.63
CA ASP D 75 34.92 -26.42 -2.36
C ASP D 75 33.93 -27.06 -1.42
N GLN D 76 34.39 -27.53 -0.27
CA GLN D 76 33.47 -28.07 0.74
C GLN D 76 33.14 -27.10 1.89
N TRP D 77 33.84 -25.96 1.94
CA TRP D 77 33.64 -24.97 3.02
C TRP D 77 32.24 -24.38 2.97
N ASN D 78 31.32 -24.97 3.73
CA ASN D 78 29.97 -24.42 3.80
C ASN D 78 29.35 -24.73 5.13
N PRO D 79 29.77 -24.00 6.17
CA PRO D 79 29.27 -24.16 7.53
C PRO D 79 27.83 -23.68 7.69
N THR D 80 26.95 -24.35 6.96
CA THR D 80 25.49 -24.27 7.11
C THR D 80 24.98 -23.76 8.46
N LYS D 81 25.53 -24.30 9.56
CA LYS D 81 24.99 -23.95 10.88
C LYS D 81 25.69 -22.79 11.59
N PHE D 82 26.65 -22.14 10.93
CA PHE D 82 27.36 -21.02 11.54
C PHE D 82 26.42 -19.88 11.88
N ASP D 83 26.54 -19.35 13.08
CA ASP D 83 25.83 -18.13 13.46
C ASP D 83 26.66 -17.35 14.49
N ALA D 84 27.30 -16.31 13.99
CA ALA D 84 28.14 -15.42 14.80
C ALA D 84 27.53 -14.97 16.14
N LYS D 85 26.25 -14.61 16.16
CA LYS D 85 25.60 -14.12 17.39
C LYS D 85 25.53 -15.23 18.45
N LYS D 86 25.40 -16.46 17.98
CA LYS D 86 25.35 -17.64 18.85
C LYS D 86 26.75 -17.97 19.45
N TRP D 87 27.79 -17.81 18.64
CA TRP D 87 29.14 -17.94 19.10
C TRP D 87 29.40 -16.92 20.20
N ALA D 88 28.95 -15.69 19.98
CA ALA D 88 29.21 -14.63 20.94
C ALA D 88 28.48 -14.85 22.27
N LYS D 89 27.26 -15.39 22.21
CA LYS D 89 26.47 -15.66 23.41
C LYS D 89 27.07 -16.83 24.21
N MET D 90 27.72 -17.77 23.51
CA MET D 90 28.44 -18.86 24.15
C MET D 90 29.71 -18.36 24.88
N ALA D 91 30.48 -17.51 24.22
CA ALA D 91 31.59 -16.84 24.88
C ALA D 91 31.14 -16.00 26.12
N LYS D 92 30.07 -15.20 25.96
CA LYS D 92 29.51 -14.39 27.06
C LYS D 92 29.12 -15.25 28.25
N GLU D 93 28.52 -16.41 27.95
CA GLU D 93 27.96 -17.26 28.96
C GLU D 93 29.06 -18.05 29.65
N MET D 94 30.16 -18.27 28.93
CA MET D 94 31.36 -18.86 29.53
C MET D 94 32.07 -17.85 30.42
N GLY D 95 31.80 -16.57 30.24
CA GLY D 95 32.49 -15.53 31.01
C GLY D 95 33.83 -15.15 30.41
N THR D 96 34.00 -15.36 29.11
CA THR D 96 35.25 -15.00 28.44
C THR D 96 35.17 -13.53 28.09
N LYS D 97 36.24 -12.81 28.35
CA LYS D 97 36.22 -11.37 28.12
C LYS D 97 36.75 -10.98 26.77
N TYR D 98 37.39 -11.95 26.11
CA TYR D 98 37.91 -11.73 24.77
C TYR D 98 38.03 -13.04 24.01
N VAL D 99 38.02 -12.93 22.70
CA VAL D 99 38.24 -14.10 21.85
C VAL D 99 39.41 -13.85 20.89
N LYS D 100 40.20 -14.88 20.65
CA LYS D 100 41.33 -14.80 19.70
C LYS D 100 40.97 -15.70 18.54
N ILE D 101 41.00 -15.19 17.32
CA ILE D 101 40.51 -15.96 16.19
C ILE D 101 41.57 -16.23 15.13
N THR D 102 41.63 -17.47 14.65
CA THR D 102 42.52 -17.80 13.54
C THR D 102 41.99 -17.15 12.26
N THR D 103 42.63 -16.04 11.90
CA THR D 103 42.25 -15.28 10.72
C THR D 103 42.77 -16.01 9.46
N LYS D 104 43.97 -16.58 9.59
CA LYS D 104 44.55 -17.48 8.61
C LYS D 104 45.53 -18.38 9.36
N HIS D 105 45.43 -19.68 9.10
CA HIS D 105 46.37 -20.61 9.70
C HIS D 105 47.51 -20.96 8.75
N HIS D 106 48.21 -22.06 9.01
CA HIS D 106 49.37 -22.41 8.21
C HIS D 106 48.94 -22.69 6.76
N GLU D 107 47.82 -23.39 6.62
CA GLU D 107 47.23 -23.70 5.32
C GLU D 107 47.07 -22.50 4.39
N GLY D 108 46.95 -21.28 4.92
CA GLY D 108 46.84 -20.06 4.10
C GLY D 108 45.43 -19.56 3.82
N PHE D 109 44.43 -20.33 4.24
CA PHE D 109 43.02 -20.02 4.03
C PHE D 109 42.59 -18.89 4.95
N CYS D 110 42.10 -17.79 4.37
CA CYS D 110 41.75 -16.61 5.14
C CYS D 110 40.28 -16.62 5.57
N LEU D 111 40.02 -16.26 6.82
CA LEU D 111 38.63 -16.22 7.30
C LEU D 111 37.89 -14.94 6.90
N TRP D 112 38.64 -13.99 6.31
CA TRP D 112 38.12 -12.76 5.69
C TRP D 112 38.45 -12.75 4.19
N PRO D 113 37.66 -12.03 3.38
CA PRO D 113 37.89 -12.07 1.93
C PRO D 113 39.13 -11.28 1.49
N SER D 114 40.32 -11.73 1.87
CA SER D 114 41.51 -11.01 1.55
C SER D 114 41.63 -10.69 0.05
N LYS D 115 42.03 -9.46 -0.22
CA LYS D 115 42.21 -8.98 -1.59
C LYS D 115 43.51 -9.55 -2.17
N TYR D 116 44.31 -10.24 -1.35
CA TYR D 116 45.65 -10.60 -1.81
C TYR D 116 45.92 -12.03 -2.16
N THR D 117 44.88 -12.86 -2.12
CA THR D 117 45.01 -14.27 -2.49
C THR D 117 43.63 -14.82 -2.79
N LYS D 118 43.57 -15.84 -3.64
CA LYS D 118 42.30 -16.51 -3.91
C LYS D 118 41.87 -17.47 -2.81
N TYR D 119 42.78 -17.75 -1.88
CA TYR D 119 42.48 -18.73 -0.83
C TYR D 119 41.77 -18.08 0.36
N THR D 120 40.50 -17.73 0.12
CA THR D 120 39.63 -17.09 1.11
C THR D 120 38.19 -17.63 1.12
N VAL D 121 37.46 -17.24 2.16
CA VAL D 121 36.04 -17.52 2.30
C VAL D 121 35.19 -17.07 1.09
N ALA D 122 35.65 -16.02 0.39
CA ALA D 122 34.92 -15.46 -0.76
C ALA D 122 34.82 -16.43 -1.94
N ASN D 123 35.72 -17.41 -1.98
CA ASN D 123 35.77 -18.38 -3.04
C ASN D 123 35.31 -19.76 -2.62
N THR D 124 34.43 -19.81 -1.63
CA THR D 124 33.88 -21.10 -1.18
C THR D 124 32.36 -21.00 -1.35
N PRO D 125 31.61 -22.13 -1.30
CA PRO D 125 30.17 -21.96 -1.40
C PRO D 125 29.62 -20.94 -0.40
N TYR D 126 30.20 -20.89 0.80
CA TYR D 126 29.66 -20.03 1.83
C TYR D 126 29.83 -18.51 1.55
N LYS D 127 30.91 -18.14 0.84
CA LYS D 127 31.15 -16.75 0.38
C LYS D 127 31.40 -15.66 1.42
N ARG D 128 30.80 -15.77 2.60
CA ARG D 128 30.72 -14.61 3.50
C ARG D 128 31.95 -14.30 4.35
N ASP D 129 32.00 -13.08 4.87
CA ASP D 129 33.11 -12.64 5.68
C ASP D 129 32.92 -13.13 7.12
N ILE D 130 33.27 -14.40 7.36
CA ILE D 130 33.19 -15.05 8.71
C ILE D 130 33.84 -14.20 9.80
N LEU D 131 35.07 -13.76 9.54
CA LEU D 131 35.78 -12.92 10.51
C LEU D 131 34.97 -11.66 10.83
N GLY D 132 34.51 -10.99 9.77
CA GLY D 132 33.67 -9.81 9.91
C GLY D 132 32.42 -10.05 10.76
N GLU D 133 31.71 -11.14 10.50
CA GLU D 133 30.54 -11.45 11.33
C GLU D 133 30.95 -11.70 12.80
N LEU D 134 32.06 -12.39 12.99
CA LEU D 134 32.55 -12.64 14.34
C LEU D 134 32.95 -11.37 15.09
N VAL D 135 33.69 -10.48 14.42
CA VAL D 135 34.19 -9.27 15.06
C VAL D 135 33.01 -8.48 15.62
N LYS D 136 31.97 -8.33 14.78
CA LYS D 136 30.76 -7.63 15.08
C LYS D 136 29.96 -8.31 16.18
N ALA D 137 29.79 -9.63 16.07
CA ALA D 137 29.04 -10.38 17.05
C ALA D 137 29.74 -10.36 18.39
N TYR D 138 31.07 -10.53 18.42
CA TYR D 138 31.72 -10.57 19.72
C TYR D 138 31.67 -9.18 20.36
N ASN D 139 31.87 -8.15 19.53
CA ASN D 139 31.89 -6.76 19.98
C ASN D 139 30.54 -6.36 20.56
N ASP D 140 29.46 -6.87 19.94
CA ASP D 140 28.10 -6.53 20.37
C ASP D 140 27.83 -7.08 21.78
N GLU D 141 28.56 -8.12 22.18
CA GLU D 141 28.43 -8.66 23.54
C GLU D 141 29.44 -8.04 24.49
N GLY D 142 30.15 -7.03 24.00
CA GLY D 142 31.20 -6.36 24.79
C GLY D 142 32.48 -7.17 24.91
N ILE D 143 32.70 -8.09 23.97
CA ILE D 143 33.84 -9.02 23.99
C ILE D 143 34.95 -8.54 23.04
N ASP D 144 36.17 -8.39 23.55
CA ASP D 144 37.28 -7.88 22.74
C ASP D 144 37.70 -8.95 21.76
N VAL D 145 38.17 -8.55 20.58
CA VAL D 145 38.68 -9.51 19.60
C VAL D 145 40.18 -9.37 19.36
N HIS D 146 40.83 -10.52 19.26
CA HIS D 146 42.26 -10.61 19.03
C HIS D 146 42.38 -11.42 17.76
N PHE D 147 43.40 -11.14 16.92
CA PHE D 147 43.67 -11.91 15.68
C PHE D 147 44.89 -12.84 15.70
N TYR D 148 44.62 -14.13 15.69
CA TYR D 148 45.68 -15.09 15.41
C TYR D 148 46.09 -14.89 13.94
N PHE D 149 47.39 -14.84 13.67
CA PHE D 149 47.90 -14.78 12.29
C PHE D 149 49.17 -15.63 12.06
N SER D 150 49.12 -16.56 11.13
CA SER D 150 50.30 -17.37 10.86
C SER D 150 51.15 -16.72 9.75
N VAL D 151 52.39 -16.36 10.06
CA VAL D 151 53.31 -15.84 9.04
C VAL D 151 53.61 -16.93 7.98
N MET D 152 54.11 -18.06 8.44
CA MET D 152 54.30 -19.23 7.59
C MET D 152 52.97 -19.53 6.93
N ASP D 153 52.96 -19.50 5.60
CA ASP D 153 51.76 -19.69 4.79
C ASP D 153 52.09 -20.81 3.80
N TRP D 154 51.44 -21.96 3.96
CA TRP D 154 51.69 -23.12 3.08
C TRP D 154 51.14 -22.98 1.64
N SER D 155 50.51 -21.85 1.35
CA SER D 155 49.80 -21.67 0.10
C SER D 155 50.44 -20.60 -0.81
N ASN D 156 51.43 -19.89 -0.28
CA ASN D 156 52.13 -18.88 -1.05
C ASN D 156 53.53 -19.38 -1.31
N PRO D 157 53.86 -19.67 -2.58
CA PRO D 157 55.19 -20.27 -2.87
C PRO D 157 56.36 -19.28 -2.76
N ASP D 158 56.09 -18.02 -2.44
CA ASP D 158 57.15 -17.10 -2.07
C ASP D 158 57.77 -17.40 -0.69
N TYR D 159 57.15 -18.33 0.05
CA TYR D 159 57.62 -18.67 1.39
C TYR D 159 58.87 -19.52 1.36
N ARG D 160 59.85 -19.10 2.16
CA ARG D 160 61.06 -19.90 2.43
C ARG D 160 61.21 -20.18 3.93
N TYR D 161 61.67 -21.38 4.27
CA TYR D 161 62.05 -21.69 5.65
C TYR D 161 63.39 -21.04 6.01
N ASP D 162 64.27 -20.92 5.01
CA ASP D 162 65.59 -20.30 5.17
C ASP D 162 66.02 -19.46 3.96
N ILE D 163 66.96 -18.53 4.19
CA ILE D 163 67.64 -17.76 3.14
C ILE D 163 68.94 -18.47 2.69
N LYS D 164 68.97 -18.90 1.43
CA LYS D 164 70.13 -19.63 0.88
C LYS D 164 70.80 -18.97 -0.34
N SER D 165 70.21 -17.90 -0.86
CA SER D 165 70.76 -17.13 -1.99
C SER D 165 70.15 -15.73 -2.00
N LYS D 166 70.51 -14.94 -3.01
CA LYS D 166 69.86 -13.66 -3.24
C LYS D 166 68.44 -13.88 -3.81
N GLU D 167 68.20 -15.05 -4.38
CA GLU D 167 66.89 -15.42 -4.91
C GLU D 167 65.85 -15.57 -3.79
N ASP D 168 66.22 -16.33 -2.77
CA ASP D 168 65.38 -16.50 -1.59
C ASP D 168 65.16 -15.16 -0.92
N SER D 169 66.24 -14.43 -0.68
CA SER D 169 66.19 -13.09 -0.11
C SER D 169 65.15 -12.23 -0.84
N ILE D 170 65.09 -12.38 -2.16
CA ILE D 170 64.20 -11.62 -3.00
C ILE D 170 62.77 -12.17 -2.92
N ALA D 171 62.62 -13.49 -3.09
CA ALA D 171 61.32 -14.14 -3.03
C ALA D 171 60.64 -13.83 -1.69
N PHE D 172 61.41 -13.96 -0.62
CA PHE D 172 60.93 -13.78 0.73
C PHE D 172 60.59 -12.32 1.01
N SER D 173 61.24 -11.39 0.30
CA SER D 173 60.98 -9.97 0.48
C SER D 173 59.53 -9.78 0.09
N ARG D 174 59.21 -10.40 -1.04
CA ARG D 174 57.91 -10.39 -1.65
C ARG D 174 56.88 -11.21 -0.85
N PHE D 175 57.37 -12.19 -0.10
CA PHE D 175 56.51 -12.83 0.87
C PHE D 175 56.14 -11.90 2.04
N LEU D 176 57.15 -11.22 2.60
CA LEU D 176 56.94 -10.31 3.72
C LEU D 176 56.08 -9.11 3.33
N GLU D 177 56.15 -8.76 2.05
CA GLU D 177 55.35 -7.68 1.53
C GLU D 177 53.92 -8.16 1.43
N PHE D 178 53.72 -9.35 0.87
CA PHE D 178 52.41 -9.98 0.87
C PHE D 178 51.83 -9.99 2.31
N THR D 179 52.69 -10.35 3.28
CA THR D 179 52.32 -10.52 4.65
C THR D 179 51.89 -9.17 5.19
N ASP D 180 52.75 -8.17 5.01
CA ASP D 180 52.41 -6.79 5.35
C ASP D 180 51.03 -6.39 4.80
N ASN D 181 50.76 -6.72 3.53
CA ASN D 181 49.52 -6.33 2.84
C ASN D 181 48.27 -6.88 3.54
N GLN D 182 48.33 -8.16 3.86
CA GLN D 182 47.28 -8.81 4.64
C GLN D 182 47.18 -8.18 6.03
N LEU D 183 48.31 -7.87 6.66
CA LEU D 183 48.21 -7.29 7.99
C LEU D 183 47.53 -5.93 7.94
N LYS D 184 47.99 -5.06 7.04
CA LYS D 184 47.37 -3.75 6.84
C LYS D 184 45.87 -3.95 6.65
N GLU D 185 45.55 -4.97 5.87
CA GLU D 185 44.19 -5.30 5.52
C GLU D 185 43.35 -5.66 6.75
N LEU D 186 43.84 -6.61 7.55
CA LEU D 186 43.14 -6.96 8.79
C LEU D 186 43.02 -5.71 9.68
N ALA D 187 44.11 -4.95 9.79
CA ALA D 187 44.13 -3.77 10.65
C ALA D 187 43.18 -2.67 10.21
N THR D 188 42.92 -2.57 8.91
CA THR D 188 42.07 -1.47 8.42
C THR D 188 40.61 -1.87 8.22
N ARG D 189 40.38 -3.12 7.87
CA ARG D 189 39.02 -3.65 7.74
C ARG D 189 38.32 -3.77 9.10
N TYR D 190 39.09 -4.12 10.14
CA TYR D 190 38.58 -4.46 11.47
C TYR D 190 39.26 -3.64 12.56
N PRO D 191 39.03 -2.32 12.57
CA PRO D 191 39.79 -1.41 13.46
C PRO D 191 39.51 -1.58 14.96
N THR D 192 38.64 -2.53 15.32
CA THR D 192 38.33 -2.81 16.73
C THR D 192 39.23 -3.93 17.30
N VAL D 193 40.08 -4.52 16.45
CA VAL D 193 40.98 -5.59 16.88
C VAL D 193 41.84 -5.04 18.01
N LYS D 194 42.12 -5.88 19.02
CA LYS D 194 42.89 -5.42 20.20
C LYS D 194 44.29 -6.01 20.28
N ASP D 195 44.57 -7.01 19.44
CA ASP D 195 45.76 -7.82 19.59
C ASP D 195 45.98 -8.55 18.28
N PHE D 196 47.25 -8.70 17.92
CA PHE D 196 47.68 -9.66 16.92
C PHE D 196 48.57 -10.68 17.57
N TRP D 197 48.25 -11.94 17.37
CA TRP D 197 48.97 -13.02 17.98
C TRP D 197 49.55 -13.87 16.87
N PHE D 198 50.85 -13.66 16.60
CA PHE D 198 51.57 -14.36 15.55
C PHE D 198 51.98 -15.77 15.92
N ASP D 199 51.82 -16.66 14.96
CA ASP D 199 52.35 -18.00 15.03
C ASP D 199 53.22 -18.22 13.77
N GLY D 200 53.89 -19.37 13.69
CA GLY D 200 54.65 -19.75 12.50
C GLY D 200 55.70 -18.72 12.14
N THR D 201 56.47 -18.33 13.15
CA THR D 201 57.49 -17.32 13.02
C THR D 201 58.82 -17.87 13.49
N TRP D 202 58.86 -19.17 13.73
CA TRP D 202 60.07 -19.84 14.25
C TRP D 202 61.16 -20.14 13.21
N ASP D 203 60.84 -20.04 11.92
CA ASP D 203 61.80 -20.44 10.89
C ASP D 203 63.01 -19.50 10.76
N ALA D 204 64.13 -20.09 10.32
CA ALA D 204 65.39 -19.41 10.09
C ALA D 204 65.19 -18.16 9.27
N SER D 205 64.33 -18.29 8.26
CA SER D 205 63.96 -17.20 7.38
C SER D 205 63.49 -15.97 8.13
N VAL D 206 62.64 -16.21 9.12
CA VAL D 206 62.11 -15.12 9.93
C VAL D 206 63.20 -14.60 10.86
N LYS D 207 64.00 -15.52 11.40
CA LYS D 207 65.09 -15.17 12.33
C LYS D 207 66.15 -14.24 11.72
N LYS D 208 66.52 -14.53 10.46
CA LYS D 208 67.42 -13.68 9.67
C LYS D 208 66.79 -12.32 9.39
N ASN D 209 65.49 -12.18 9.61
CA ASN D 209 64.80 -10.96 9.18
C ASN D 209 64.11 -10.20 10.32
N GLY D 210 64.76 -10.25 11.47
CA GLY D 210 64.28 -9.58 12.68
C GLY D 210 63.66 -8.23 12.41
N TRP D 211 64.39 -7.42 11.63
CA TRP D 211 63.91 -6.13 11.13
C TRP D 211 62.44 -6.16 10.75
N TRP D 212 62.02 -7.25 10.10
CA TRP D 212 60.66 -7.34 9.64
C TRP D 212 59.73 -7.47 10.82
N THR D 213 60.06 -8.41 11.71
CA THR D 213 59.25 -8.64 12.90
C THR D 213 59.03 -7.33 13.64
N ALA D 214 60.09 -6.53 13.80
CA ALA D 214 60.02 -5.26 14.53
C ALA D 214 59.19 -4.19 13.80
N HIS D 215 59.31 -4.16 12.48
CA HIS D 215 58.53 -3.24 11.66
C HIS D 215 57.03 -3.60 11.63
N ALA D 216 56.72 -4.89 11.50
CA ALA D 216 55.33 -5.41 11.57
C ALA D 216 54.64 -4.96 12.86
N GLU D 217 55.30 -5.21 13.98
CA GLU D 217 54.87 -4.63 15.25
C GLU D 217 54.60 -3.12 15.17
N GLN D 218 55.58 -2.32 14.71
CA GLN D 218 55.40 -0.85 14.69
C GLN D 218 54.32 -0.40 13.71
N MET D 219 54.28 -1.07 12.54
CA MET D 219 53.29 -0.81 11.48
C MET D 219 51.88 -0.93 12.03
N LEU D 220 51.62 -2.03 12.75
CA LEU D 220 50.30 -2.29 13.34
C LEU D 220 50.03 -1.38 14.51
N LYS D 221 51.06 -1.16 15.33
CA LYS D 221 50.94 -0.21 16.41
C LYS D 221 50.61 1.17 15.90
N GLU D 222 51.05 1.48 14.67
CA GLU D 222 50.71 2.76 14.05
C GLU D 222 49.26 2.74 13.57
N LEU D 223 48.85 1.61 12.97
CA LEU D 223 47.51 1.49 12.39
C LEU D 223 46.38 1.37 13.39
N VAL D 224 46.67 0.75 14.53
CA VAL D 224 45.66 0.45 15.53
C VAL D 224 46.15 0.92 16.89
N PRO D 225 45.70 2.14 17.32
CA PRO D 225 46.15 2.73 18.59
C PRO D 225 45.94 1.76 19.76
N GLY D 226 47.01 1.45 20.48
CA GLY D 226 46.94 0.60 21.68
C GLY D 226 46.87 -0.90 21.44
N VAL D 227 47.03 -1.34 20.19
CA VAL D 227 47.00 -2.77 19.90
C VAL D 227 48.14 -3.49 20.65
N ALA D 228 47.89 -4.72 21.06
CA ALA D 228 48.91 -5.52 21.69
C ALA D 228 49.48 -6.50 20.67
N ILE D 229 50.75 -6.88 20.85
CA ILE D 229 51.45 -7.80 19.94
C ILE D 229 52.22 -8.86 20.73
N ASN D 230 52.06 -10.14 20.39
CA ASN D 230 52.65 -11.21 21.20
C ASN D 230 54.17 -11.32 20.98
N SER D 231 54.86 -11.87 21.98
CA SER D 231 56.30 -12.04 21.90
C SER D 231 56.67 -13.03 20.79
N ARG D 232 55.78 -13.96 20.48
CA ARG D 232 56.09 -14.99 19.49
C ARG D 232 56.47 -14.44 18.11
N LEU D 233 56.01 -13.23 17.82
CA LEU D 233 56.36 -12.57 16.56
C LEU D 233 57.86 -12.31 16.46
N ARG D 234 58.42 -11.82 17.54
CA ARG D 234 59.62 -11.01 17.46
C ARG D 234 60.95 -11.77 17.43
N ALA D 235 61.89 -11.23 16.66
CA ALA D 235 63.25 -11.74 16.63
C ALA D 235 64.15 -10.54 16.61
N ASP D 236 65.25 -10.61 17.37
CA ASP D 236 66.26 -9.56 17.36
C ASP D 236 67.21 -9.69 16.17
N ASP D 237 68.15 -8.76 16.11
CA ASP D 237 69.17 -8.70 15.06
C ASP D 237 69.92 -10.01 14.93
N LYS D 238 69.90 -10.81 16.00
CA LYS D 238 70.62 -12.08 16.10
C LYS D 238 69.78 -13.31 15.78
N GLY D 239 68.51 -13.09 15.47
CA GLY D 239 67.55 -14.20 15.31
C GLY D 239 67.19 -14.94 16.59
N LYS D 240 67.36 -14.30 17.74
CA LYS D 240 66.87 -14.91 18.99
C LYS D 240 65.51 -14.33 19.29
N ARG D 241 64.58 -15.19 19.71
CA ARG D 241 63.18 -14.81 19.72
C ARG D 241 62.60 -14.52 21.11
N HIS D 242 61.38 -13.95 21.15
CA HIS D 242 60.64 -13.63 22.41
C HIS D 242 61.38 -12.60 23.28
N PHE D 243 62.53 -13.03 23.79
CA PHE D 243 63.40 -12.16 24.54
C PHE D 243 64.61 -11.90 23.68
N ASP D 244 65.03 -10.65 23.60
CA ASP D 244 66.18 -10.29 22.76
C ASP D 244 67.49 -10.76 23.39
N SER D 245 68.60 -10.23 22.88
CA SER D 245 69.90 -10.72 23.31
C SER D 245 70.30 -10.11 24.67
N ASN D 246 69.65 -9.01 25.05
CA ASN D 246 69.81 -8.43 26.38
C ASN D 246 68.75 -8.93 27.37
N GLY D 247 68.39 -10.21 27.23
CA GLY D 247 67.30 -10.86 27.97
C GLY D 247 66.01 -10.07 28.17
N ARG D 248 65.73 -9.13 27.27
CA ARG D 248 64.53 -8.31 27.41
C ARG D 248 63.42 -8.78 26.46
N LEU D 249 62.19 -8.79 26.99
CA LEU D 249 61.00 -9.27 26.27
C LEU D 249 60.60 -8.32 25.14
N MET D 250 60.43 -8.90 23.95
CA MET D 250 59.90 -8.17 22.80
C MET D 250 58.39 -8.36 22.67
N GLY D 251 57.73 -7.40 22.02
CA GLY D 251 56.26 -7.37 21.97
C GLY D 251 55.72 -6.84 23.29
N ASP D 252 54.43 -7.02 23.54
CA ASP D 252 53.80 -6.42 24.71
C ASP D 252 53.58 -7.41 25.85
N TYR D 253 53.74 -8.70 25.55
CA TYR D 253 53.47 -9.79 26.51
C TYR D 253 54.07 -11.10 26.04
N GLU D 254 54.52 -11.91 27.00
CA GLU D 254 55.13 -13.20 26.72
C GLU D 254 54.05 -14.20 26.34
N SER D 255 54.27 -14.93 25.25
CA SER D 255 53.31 -15.92 24.81
C SER D 255 53.99 -17.21 24.45
N GLY D 256 54.65 -17.83 25.42
CA GLY D 256 55.31 -19.13 25.18
C GLY D 256 54.62 -20.30 25.87
N TYR D 257 53.91 -20.01 26.96
CA TYR D 257 53.27 -21.07 27.74
C TYR D 257 52.05 -21.50 26.99
N GLN D 258 52.10 -22.74 26.54
CA GLN D 258 51.11 -23.28 25.65
C GLN D 258 51.10 -24.74 25.99
N ARG D 259 50.05 -25.17 26.67
CA ARG D 259 49.94 -26.55 27.15
C ARG D 259 51.05 -26.83 28.18
N ARG D 260 51.11 -25.99 29.23
CA ARG D 260 52.24 -25.89 30.17
C ARG D 260 52.20 -24.50 30.85
N LEU D 261 52.43 -24.45 32.15
CA LEU D 261 52.35 -23.18 32.88
C LEU D 261 53.58 -22.97 33.75
N PRO D 262 53.92 -21.70 34.00
CA PRO D 262 55.04 -21.40 34.90
C PRO D 262 54.83 -21.97 36.30
N ASP D 263 55.92 -22.51 36.87
CA ASP D 263 55.91 -23.13 38.18
C ASP D 263 55.74 -22.01 39.20
N PRO D 264 54.77 -22.15 40.12
CA PRO D 264 54.38 -21.15 41.13
C PRO D 264 55.43 -20.87 42.19
N VAL D 265 56.43 -21.72 42.27
CA VAL D 265 57.57 -21.53 43.17
C VAL D 265 58.82 -21.06 42.40
N LYS D 266 59.14 -21.73 41.28
CA LYS D 266 60.42 -21.53 40.58
C LYS D 266 60.45 -20.42 39.52
N ASP D 267 59.28 -20.05 39.00
CA ASP D 267 59.24 -19.10 37.89
C ASP D 267 58.54 -17.81 38.25
N LEU D 268 58.79 -17.28 39.43
CA LEU D 268 58.14 -16.02 39.82
C LEU D 268 58.56 -14.82 38.97
N LYS D 269 59.58 -15.02 38.14
CA LYS D 269 60.07 -13.99 37.20
C LYS D 269 58.96 -13.51 36.27
N VAL D 270 58.01 -14.40 35.93
CA VAL D 270 56.96 -14.04 34.97
C VAL D 270 56.10 -12.91 35.50
N THR D 271 56.08 -12.69 36.81
CA THR D 271 55.30 -11.58 37.38
C THR D 271 55.85 -10.20 36.98
N GLN D 272 57.00 -10.17 36.30
CA GLN D 272 57.64 -8.92 35.86
C GLN D 272 57.13 -8.41 34.54
N TRP D 273 56.53 -9.27 33.74
CA TRP D 273 55.99 -8.81 32.49
C TRP D 273 54.57 -9.32 32.28
N ASP D 274 53.85 -8.71 31.34
CA ASP D 274 52.58 -9.29 30.91
C ASP D 274 52.84 -10.58 30.17
N TRP D 275 51.90 -11.51 30.27
CA TRP D 275 52.02 -12.80 29.60
C TRP D 275 50.64 -13.45 29.49
N GLU D 276 50.55 -14.42 28.57
CA GLU D 276 49.32 -15.11 28.22
C GLU D 276 49.57 -16.58 27.84
N ALA D 277 48.89 -17.46 28.54
CA ALA D 277 48.90 -18.88 28.24
C ALA D 277 47.69 -19.23 27.39
N CYS D 278 47.85 -20.26 26.56
CA CYS D 278 46.79 -20.74 25.68
C CYS D 278 46.77 -22.22 25.82
N MET D 279 45.60 -22.84 25.87
CA MET D 279 45.59 -24.27 26.14
C MET D 279 44.52 -24.97 25.37
N THR D 280 44.74 -26.26 25.12
CA THR D 280 43.77 -27.11 24.47
C THR D 280 42.99 -27.91 25.50
N ILE D 281 41.78 -28.32 25.13
CA ILE D 281 41.01 -29.18 25.99
C ILE D 281 41.57 -30.62 25.95
N PRO D 282 41.70 -31.24 24.75
CA PRO D 282 42.49 -32.47 24.75
C PRO D 282 43.95 -32.10 24.84
N GLU D 283 44.83 -33.09 24.74
CA GLU D 283 46.24 -32.93 25.03
C GLU D 283 46.91 -31.91 24.12
N ASN D 284 46.57 -31.99 22.83
CA ASN D 284 47.18 -31.15 21.78
C ASN D 284 46.32 -31.14 20.52
N GLN D 285 45.06 -30.70 20.61
CA GLN D 285 44.23 -30.53 19.40
C GLN D 285 43.71 -29.10 19.41
N TRP D 286 44.15 -28.28 18.45
CA TRP D 286 43.63 -26.92 18.31
C TRP D 286 42.45 -26.85 17.33
N GLY D 287 42.70 -27.26 16.08
CA GLY D 287 41.65 -27.45 15.05
C GLY D 287 40.71 -28.56 15.45
N TYR D 288 39.51 -28.61 14.86
CA TYR D 288 38.53 -29.68 15.15
C TYR D 288 39.12 -31.04 14.74
N HIS D 289 39.20 -31.98 15.69
CA HIS D 289 39.56 -33.39 15.42
C HIS D 289 38.36 -34.29 15.71
N LYS D 290 38.09 -35.24 14.81
CA LYS D 290 36.91 -36.09 14.95
C LYS D 290 36.94 -37.11 16.09
N ASP D 291 38.14 -37.44 16.59
CA ASP D 291 38.24 -38.45 17.65
C ASP D 291 38.92 -37.94 18.91
N TRP D 292 38.10 -37.51 19.86
CA TRP D 292 38.62 -36.99 21.11
C TRP D 292 39.12 -38.10 22.05
N SER D 293 38.80 -39.37 21.73
CA SER D 293 39.18 -40.47 22.61
C SER D 293 40.65 -40.85 22.46
N LEU D 294 41.33 -40.28 21.46
CA LEU D 294 42.76 -40.59 21.23
C LEU D 294 43.80 -39.98 22.19
N SER D 295 43.39 -39.05 23.04
CA SER D 295 44.30 -38.44 24.01
C SER D 295 43.50 -37.98 25.22
N TYR D 296 44.20 -37.58 26.29
CA TYR D 296 43.51 -37.16 27.51
C TYR D 296 42.72 -35.87 27.33
N VAL D 297 41.45 -35.89 27.74
CA VAL D 297 40.61 -34.72 27.62
C VAL D 297 40.40 -34.05 28.99
N LYS D 298 40.93 -32.83 29.16
CA LYS D 298 40.79 -32.11 30.45
C LYS D 298 39.34 -31.98 30.94
N THR D 299 39.10 -32.22 32.22
CA THR D 299 37.79 -31.91 32.81
C THR D 299 37.65 -30.41 33.09
N PRO D 300 36.41 -29.95 33.32
CA PRO D 300 36.26 -28.53 33.63
C PRO D 300 37.13 -28.03 34.80
N ILE D 301 37.24 -28.82 35.87
CA ILE D 301 38.01 -28.35 37.04
C ILE D 301 39.51 -28.25 36.71
N GLU D 302 40.02 -29.17 35.90
CA GLU D 302 41.44 -29.11 35.51
C GLU D 302 41.74 -27.84 34.70
N VAL D 303 40.77 -27.44 33.89
CA VAL D 303 40.88 -26.23 33.09
C VAL D 303 40.73 -25.01 34.00
N ILE D 304 39.74 -25.05 34.91
CA ILE D 304 39.57 -23.97 35.91
C ILE D 304 40.82 -23.76 36.78
N ASP D 305 41.43 -24.86 37.24
CA ASP D 305 42.73 -24.79 37.92
C ASP D 305 43.79 -24.07 37.09
N ARG D 306 43.86 -24.39 35.79
CA ARG D 306 44.85 -23.77 34.92
CA ARG D 306 44.83 -23.77 34.90
C ARG D 306 44.55 -22.29 34.74
N ILE D 307 43.26 -21.91 34.67
CA ILE D 307 42.92 -20.48 34.52
C ILE D 307 43.42 -19.69 35.72
N VAL D 308 43.04 -20.17 36.90
CA VAL D 308 43.32 -19.43 38.13
C VAL D 308 44.82 -19.37 38.36
N HIS D 309 45.49 -20.48 38.06
CA HIS D 309 46.96 -20.60 38.12
C HIS D 309 47.64 -19.46 37.35
N ALA D 310 47.19 -19.25 36.12
CA ALA D 310 47.71 -18.15 35.31
C ALA D 310 47.51 -16.77 35.99
N VAL D 311 46.30 -16.49 36.43
CA VAL D 311 46.00 -15.18 37.04
C VAL D 311 46.84 -14.99 38.31
N SER D 312 46.96 -16.07 39.10
CA SER D 312 47.74 -16.04 40.36
C SER D 312 49.17 -15.64 40.17
N MET D 313 49.67 -15.74 38.95
CA MET D 313 51.04 -15.40 38.60
C MET D 313 51.10 -14.23 37.61
N GLY D 314 50.03 -13.43 37.62
CA GLY D 314 49.91 -12.24 36.73
C GLY D 314 49.75 -12.53 35.24
N GLY D 315 49.26 -13.70 34.87
CA GLY D 315 49.05 -13.99 33.43
C GLY D 315 47.61 -14.21 32.99
N ASN D 316 47.35 -14.06 31.68
CA ASN D 316 46.06 -14.38 31.09
C ASN D 316 45.99 -15.86 30.71
N MET D 317 44.77 -16.36 30.56
CA MET D 317 44.62 -17.75 30.15
C MET D 317 43.57 -17.86 29.07
N VAL D 318 43.90 -18.58 28.02
CA VAL D 318 43.00 -18.65 26.89
C VAL D 318 42.70 -20.09 26.59
N VAL D 319 41.40 -20.41 26.58
CA VAL D 319 40.89 -21.78 26.41
C VAL D 319 40.47 -21.99 24.98
N ASN D 320 41.04 -23.00 24.32
CA ASN D 320 40.80 -23.16 22.90
C ASN D 320 39.57 -23.97 22.58
N PHE D 321 38.87 -23.56 21.53
CA PHE D 321 37.76 -24.31 20.93
C PHE D 321 38.05 -24.57 19.47
N GLY D 322 37.57 -25.71 19.00
CA GLY D 322 37.76 -26.14 17.59
C GLY D 322 36.43 -26.46 16.94
N PRO D 323 35.77 -25.42 16.37
CA PRO D 323 34.42 -25.57 15.78
C PRO D 323 34.35 -26.65 14.71
N GLN D 324 33.24 -27.36 14.69
CA GLN D 324 32.87 -28.30 13.62
C GLN D 324 32.86 -27.67 12.21
N ALA D 325 32.98 -28.53 11.19
CA ALA D 325 32.96 -28.09 9.79
C ALA D 325 31.66 -27.36 9.50
N ASP D 326 30.60 -27.74 10.21
CA ASP D 326 29.30 -27.18 9.95
C ASP D 326 29.02 -25.87 10.71
N GLY D 327 29.99 -25.34 11.46
CA GLY D 327 29.82 -24.04 12.12
C GLY D 327 29.19 -24.03 13.50
N ASP D 328 29.04 -25.23 14.04
CA ASP D 328 28.60 -25.47 15.41
C ASP D 328 29.77 -26.00 16.30
N PHE D 329 29.53 -26.07 17.60
CA PHE D 329 30.50 -26.58 18.57
C PHE D 329 30.10 -27.99 19.02
N ARG D 330 31.09 -28.88 19.05
CA ARG D 330 30.94 -30.22 19.61
C ARG D 330 30.42 -30.19 21.07
N PRO D 331 29.66 -31.23 21.50
CA PRO D 331 29.03 -31.30 22.82
C PRO D 331 30.00 -31.13 24.01
N GLU D 332 31.23 -31.59 23.84
CA GLU D 332 32.24 -31.48 24.91
C GLU D 332 32.60 -30.04 25.21
N GLU D 333 32.71 -29.25 24.14
CA GLU D 333 33.09 -27.85 24.25
C GLU D 333 31.93 -27.03 24.71
N LYS D 334 30.72 -27.41 24.31
CA LYS D 334 29.52 -26.78 24.87
C LYS D 334 29.45 -27.02 26.39
N ALA D 335 29.69 -28.25 26.81
CA ALA D 335 29.73 -28.59 28.25
C ALA D 335 30.86 -27.80 28.98
N MET D 336 32.04 -27.81 28.36
CA MET D 336 33.20 -27.11 28.92
C MET D 336 32.93 -25.62 29.20
N ALA D 337 32.32 -24.94 28.23
CA ALA D 337 32.02 -23.50 28.30
C ALA D 337 31.00 -23.19 29.36
N THR D 338 29.94 -23.99 29.39
CA THR D 338 28.87 -23.85 30.38
C THR D 338 29.40 -24.10 31.78
N ALA D 339 30.26 -25.10 31.92
CA ALA D 339 30.84 -25.43 33.25
C ALA D 339 31.76 -24.33 33.78
N ILE D 340 32.59 -23.78 32.90
CA ILE D 340 33.49 -22.69 33.24
C ILE D 340 32.64 -21.45 33.54
N GLY D 341 31.69 -21.18 32.63
CA GLY D 341 30.71 -20.14 32.84
C GLY D 341 30.08 -20.11 34.24
N LYS D 342 29.60 -21.26 34.72
CA LYS D 342 28.92 -21.33 36.02
C LYS D 342 29.90 -20.99 37.15
N TRP D 343 31.13 -21.48 37.04
CA TRP D 343 32.10 -21.24 38.08
C TRP D 343 32.53 -19.79 38.10
N MET D 344 32.68 -19.20 36.92
CA MET D 344 33.07 -17.79 36.82
C MET D 344 31.97 -16.87 37.32
N ASN D 345 30.72 -17.29 37.16
CA ASN D 345 29.65 -16.44 37.62
C ASN D 345 29.65 -16.34 39.14
N ARG D 346 29.86 -17.47 39.79
CA ARG D 346 30.05 -17.58 41.22
C ARG D 346 31.37 -16.93 41.71
N TYR D 347 32.49 -17.30 41.09
CA TYR D 347 33.81 -16.99 41.64
C TYR D 347 34.67 -16.00 40.83
N GLY D 348 34.08 -15.43 39.78
CA GLY D 348 34.83 -14.55 38.87
C GLY D 348 35.54 -13.34 39.46
N LYS D 349 35.07 -12.88 40.61
CA LYS D 349 35.70 -11.74 41.30
C LYS D 349 37.18 -12.06 41.66
N ALA D 350 37.50 -13.34 41.82
CA ALA D 350 38.87 -13.74 42.14
C ALA D 350 39.75 -13.88 40.89
N VAL D 351 39.17 -13.58 39.71
CA VAL D 351 39.85 -13.78 38.42
C VAL D 351 39.94 -12.48 37.57
N TYR D 352 38.78 -11.93 37.19
CA TYR D 352 38.75 -10.75 36.35
C TYR D 352 39.48 -9.63 37.06
N ALA D 353 40.42 -9.03 36.35
CA ALA D 353 41.16 -7.90 36.86
C ALA D 353 41.96 -8.18 38.12
N CYS D 354 42.24 -9.44 38.42
CA CYS D 354 43.16 -9.78 39.52
C CYS D 354 44.58 -10.04 39.02
N ASP D 355 45.53 -10.18 39.95
CA ASP D 355 46.94 -10.28 39.62
C ASP D 355 47.74 -11.15 40.64
N TYR D 356 49.04 -11.17 40.50
CA TYR D 356 49.89 -11.83 41.45
C TYR D 356 49.80 -11.11 42.79
N ALA D 357 49.62 -11.89 43.85
CA ALA D 357 49.43 -11.36 45.21
C ALA D 357 50.73 -11.12 45.99
N GLY D 358 51.82 -11.77 45.56
CA GLY D 358 53.10 -11.57 46.27
C GLY D 358 53.24 -12.48 47.49
N PHE D 359 52.26 -13.38 47.70
CA PHE D 359 52.30 -14.37 48.77
C PHE D 359 52.94 -15.73 48.33
N GLU D 360 53.57 -16.40 49.27
CA GLU D 360 54.19 -17.67 49.05
C GLU D 360 53.17 -18.76 48.73
N LYS D 361 53.38 -19.46 47.64
CA LYS D 361 52.47 -20.51 47.21
C LYS D 361 52.22 -21.51 48.34
N GLN D 362 50.96 -21.89 48.53
CA GLN D 362 50.61 -22.97 49.48
C GLN D 362 49.83 -24.03 48.73
N ASP D 363 49.73 -25.22 49.33
CA ASP D 363 49.27 -26.44 48.59
C ASP D 363 47.78 -26.52 48.32
N TRP D 364 47.01 -25.74 49.04
CA TRP D 364 45.55 -25.83 48.94
C TRP D 364 45.01 -25.15 47.68
N GLY D 365 45.86 -24.36 47.02
CA GLY D 365 45.43 -23.63 45.83
C GLY D 365 46.27 -22.39 45.53
N TYR D 366 45.58 -21.30 45.16
CA TYR D 366 46.22 -20.09 44.67
C TYR D 366 45.71 -18.84 45.34
N TYR D 367 46.61 -17.87 45.46
CA TYR D 367 46.19 -16.55 45.83
C TYR D 367 46.04 -15.76 44.55
N THR D 368 45.07 -14.84 44.51
CA THR D 368 45.10 -13.73 43.55
C THR D 368 44.85 -12.38 44.29
N ARG D 369 45.28 -11.25 43.72
CA ARG D 369 45.09 -9.94 44.33
CA ARG D 369 45.09 -9.93 44.32
C ARG D 369 44.09 -9.12 43.51
N GLY D 370 43.04 -8.63 44.18
CA GLY D 370 42.03 -7.82 43.49
C GLY D 370 42.51 -6.37 43.31
N LYS D 371 41.73 -5.54 42.64
CA LYS D 371 42.23 -4.19 42.38
C LYS D 371 42.25 -3.23 43.58
N ASN D 372 41.50 -3.56 44.63
CA ASN D 372 41.65 -2.85 45.91
C ASN D 372 42.40 -3.63 46.99
N ASP D 373 43.37 -4.44 46.58
CA ASP D 373 44.25 -5.13 47.50
C ASP D 373 43.56 -6.23 48.31
N GLU D 374 42.39 -6.67 47.84
CA GLU D 374 41.77 -7.90 48.32
C GLU D 374 42.70 -9.05 47.99
N VAL D 375 42.88 -9.99 48.92
CA VAL D 375 43.63 -11.19 48.62
C VAL D 375 42.69 -12.37 48.66
N TYR D 376 42.48 -12.98 47.50
CA TYR D 376 41.58 -14.12 47.38
C TYR D 376 42.37 -15.41 47.51
N MET D 377 41.80 -16.36 48.23
CA MET D 377 42.35 -17.71 48.25
C MET D 377 41.40 -18.55 47.45
N VAL D 378 41.92 -19.16 46.39
CA VAL D 378 41.12 -20.08 45.60
C VAL D 378 41.62 -21.47 45.91
N VAL D 379 40.74 -22.22 46.58
CA VAL D 379 41.06 -23.50 47.19
C VAL D 379 40.63 -24.65 46.28
N PHE D 380 41.62 -25.38 45.80
CA PHE D 380 41.45 -26.51 44.91
C PHE D 380 41.68 -27.84 45.61
N ASN D 381 42.49 -27.83 46.66
CA ASN D 381 42.87 -29.04 47.43
C ASN D 381 42.55 -28.85 48.90
N GLN D 382 41.47 -29.50 49.30
CA GLN D 382 40.86 -29.29 50.61
C GLN D 382 41.62 -30.08 51.70
N PRO D 383 42.28 -29.36 52.63
CA PRO D 383 43.12 -30.07 53.63
C PRO D 383 42.27 -30.75 54.67
N TYR D 384 42.58 -32.02 54.94
CA TYR D 384 42.00 -32.75 56.05
C TYR D 384 42.26 -32.08 57.40
N SER D 385 43.39 -31.37 57.54
CA SER D 385 43.62 -30.58 58.75
C SER D 385 42.49 -29.60 59.02
N GLU D 386 41.75 -29.20 57.96
CA GLU D 386 40.66 -28.20 58.02
C GLU D 386 41.20 -26.78 58.21
N ARG D 387 42.48 -26.65 57.91
CA ARG D 387 43.19 -25.39 58.10
C ARG D 387 43.94 -25.09 56.83
N LEU D 388 43.77 -23.87 56.35
CA LEU D 388 44.42 -23.40 55.14
C LEU D 388 45.56 -22.51 55.59
N ILE D 389 46.81 -22.93 55.34
CA ILE D 389 47.97 -22.16 55.79
C ILE D 389 48.16 -20.90 54.96
N VAL D 390 48.35 -19.77 55.63
CA VAL D 390 48.68 -18.51 54.99
C VAL D 390 49.94 -17.92 55.60
N LYS D 391 51.00 -17.86 54.81
CA LYS D 391 52.23 -17.18 55.21
C LYS D 391 52.26 -15.83 54.51
N THR D 392 52.25 -14.75 55.32
CA THR D 392 52.27 -13.41 54.74
C THR D 392 53.70 -12.90 54.48
N PRO D 393 53.87 -12.03 53.48
CA PRO D 393 55.15 -11.29 53.37
C PRO D 393 55.40 -10.48 54.66
N LYS D 394 56.66 -10.12 54.89
CA LYS D 394 57.03 -9.34 56.06
C LYS D 394 56.14 -8.09 56.05
N GLY D 395 55.63 -7.76 57.23
CA GLY D 395 54.88 -6.52 57.38
C GLY D 395 53.41 -6.61 56.99
N ILE D 396 52.97 -7.79 56.54
CA ILE D 396 51.58 -7.97 56.15
C ILE D 396 50.80 -8.83 57.17
N THR D 397 49.62 -8.35 57.55
CA THR D 397 48.73 -9.11 58.44
C THR D 397 47.44 -9.46 57.75
N VAL D 398 46.88 -10.60 58.14
CA VAL D 398 45.52 -10.99 57.81
C VAL D 398 44.56 -10.44 58.87
N GLU D 399 43.65 -9.59 58.44
CA GLU D 399 42.72 -8.98 59.38
C GLU D 399 41.29 -9.50 59.42
N LYS D 400 40.87 -10.21 58.38
CA LYS D 400 39.58 -10.88 58.33
C LYS D 400 39.60 -11.83 57.14
N ALA D 401 38.69 -12.81 57.18
CA ALA D 401 38.52 -13.76 56.12
C ALA D 401 37.02 -13.99 55.96
N THR D 402 36.59 -14.07 54.70
CA THR D 402 35.16 -14.16 54.34
C THR D 402 34.93 -15.11 53.16
N LEU D 403 33.96 -16.00 53.31
CA LEU D 403 33.59 -16.89 52.22
C LEU D 403 32.90 -16.02 51.16
N LEU D 404 33.51 -15.93 49.98
CA LEU D 404 33.04 -15.02 48.94
C LEU D 404 31.56 -15.15 48.63
N THR D 405 31.10 -16.38 48.43
CA THR D 405 29.71 -16.62 48.07
C THR D 405 28.67 -16.15 49.10
N THR D 406 28.90 -16.40 50.38
CA THR D 406 27.89 -16.16 51.41
C THR D 406 28.12 -14.95 52.29
N GLY D 407 29.35 -14.43 52.34
CA GLY D 407 29.68 -13.37 53.27
C GLY D 407 29.95 -13.86 54.70
N GLU D 408 29.82 -15.15 54.95
CA GLU D 408 30.03 -15.70 56.30
C GLU D 408 31.49 -15.56 56.77
N ASP D 409 31.66 -15.32 58.06
CA ASP D 409 32.97 -15.00 58.63
C ASP D 409 33.76 -16.28 58.81
N ILE D 410 35.07 -16.19 58.59
CA ILE D 410 35.91 -17.39 58.66
C ILE D 410 36.95 -17.14 59.72
N THR D 411 37.14 -18.12 60.58
CA THR D 411 38.11 -18.03 61.66
C THR D 411 39.54 -18.00 61.12
N VAL D 412 40.28 -17.01 61.61
CA VAL D 412 41.69 -16.86 61.32
C VAL D 412 42.46 -16.99 62.63
N VAL D 413 43.41 -17.92 62.71
CA VAL D 413 44.27 -18.07 63.88
C VAL D 413 45.72 -17.81 63.48
N GLU D 414 46.40 -16.94 64.22
CA GLU D 414 47.82 -16.75 64.10
C GLU D 414 48.57 -17.99 64.67
N THR D 415 49.52 -18.54 63.93
CA THR D 415 50.20 -19.76 64.39
C THR D 415 51.67 -19.48 64.73
N THR D 416 52.27 -18.60 63.95
CA THR D 416 53.54 -18.00 64.32
C THR D 416 53.62 -16.59 63.69
N ARG D 417 54.77 -15.94 63.83
CA ARG D 417 55.02 -14.66 63.18
C ARG D 417 54.84 -14.87 61.66
N ASN D 418 53.93 -14.11 61.06
CA ASN D 418 53.68 -14.14 59.59
C ASN D 418 53.01 -15.39 58.99
N GLU D 419 52.32 -16.13 59.86
CA GLU D 419 51.71 -17.35 59.45
C GLU D 419 50.39 -17.53 60.16
N TYR D 420 49.35 -17.86 59.39
CA TYR D 420 48.00 -18.02 59.92
C TYR D 420 47.39 -19.36 59.48
N ASN D 421 46.53 -19.91 60.35
CA ASN D 421 45.57 -20.92 59.95
C ASN D 421 44.25 -20.23 59.69
N VAL D 422 43.80 -20.32 58.44
CA VAL D 422 42.50 -19.85 58.02
C VAL D 422 41.63 -21.11 57.90
N SER D 423 40.54 -21.14 58.66
CA SER D 423 39.69 -22.35 58.66
C SER D 423 39.05 -22.59 57.31
N VAL D 424 38.80 -23.84 56.98
CA VAL D 424 37.89 -24.17 55.89
C VAL D 424 36.47 -23.78 56.33
N PRO D 425 35.57 -23.46 55.39
CA PRO D 425 34.20 -23.13 55.83
C PRO D 425 33.51 -24.27 56.58
N LYS D 426 32.54 -23.92 57.42
CA LYS D 426 31.79 -24.90 58.17
C LYS D 426 31.13 -26.00 57.29
N LYS D 427 30.59 -25.64 56.12
CA LYS D 427 30.16 -26.64 55.15
C LYS D 427 31.14 -26.71 54.01
N ASN D 428 31.57 -27.91 53.66
CA ASN D 428 32.43 -28.09 52.49
C ASN D 428 31.70 -27.56 51.27
N PRO D 429 32.31 -26.62 50.55
CA PRO D 429 31.60 -26.06 49.38
C PRO D 429 31.41 -27.06 48.24
N GLY D 430 32.17 -28.15 48.24
CA GLY D 430 32.04 -29.19 47.23
C GLY D 430 32.58 -28.84 45.84
N GLU D 431 33.38 -27.78 45.74
CA GLU D 431 33.90 -27.32 44.46
C GLU D 431 35.03 -26.35 44.78
N PRO D 432 35.95 -26.05 43.82
CA PRO D 432 36.94 -25.03 44.17
C PRO D 432 36.22 -23.74 44.56
N TYR D 433 36.65 -23.11 45.64
CA TYR D 433 35.88 -22.03 46.26
C TYR D 433 36.80 -20.91 46.65
N VAL D 434 36.24 -19.79 47.09
CA VAL D 434 37.01 -18.57 47.36
C VAL D 434 36.75 -17.99 48.73
N ILE D 435 37.83 -17.75 49.47
CA ILE D 435 37.81 -17.02 50.70
C ILE D 435 38.52 -15.72 50.45
N GLN D 436 37.86 -14.63 50.77
CA GLN D 436 38.46 -13.35 50.58
C GLN D 436 39.13 -12.87 51.87
N LEU D 437 40.36 -12.41 51.74
CA LEU D 437 41.07 -11.88 52.89
C LEU D 437 41.16 -10.37 52.86
N LYS D 438 40.92 -9.76 54.02
CA LYS D 438 41.30 -8.38 54.21
C LYS D 438 42.68 -8.40 54.83
N VAL D 439 43.63 -7.74 54.18
CA VAL D 439 45.00 -7.70 54.66
C VAL D 439 45.38 -6.28 55.00
N ARG D 440 46.41 -6.08 55.83
CA ARG D 440 47.00 -4.75 55.91
C ARG D 440 48.51 -4.79 56.06
N ALA D 441 49.16 -3.71 55.63
CA ALA D 441 50.59 -3.52 55.77
C ALA D 441 50.89 -2.47 56.85
N ALA D 442 51.86 -2.75 57.72
CA ALA D 442 52.26 -1.81 58.77
C ALA D 442 53.29 -0.77 58.28
#